data_5U7R
#
_entry.id   5U7R
#
_cell.length_a   90.201
_cell.length_b   146.137
_cell.length_c   110.901
_cell.angle_alpha   90.000
_cell.angle_beta   96.030
_cell.angle_gamma   90.000
#
_symmetry.space_group_name_H-M   'P 1 21 1'
#
loop_
_entity.id
_entity.type
_entity.pdbx_description
1 polymer 'Rho-associated protein kinase 2'
2 non-polymer "(1s,4s)-4-(4-fluorophenyl)-4-hydroxy-6'-(5-methyl-1H-pyrazol-4-yl)-1'H-spiro[cyclohexane-1,2'-thieno[3,2-d]pyrimidin]-4'(3'H)-one"
3 water water
#
_entity_poly.entity_id   1
_entity_poly.type   'polypeptide(L)'
_entity_poly.pdbx_seq_one_letter_code
;GASRQRKLEALIRDPRSPINVESLLDGLNSLVLDLDFPALRKNKNIDNFLNRYEKIVKKIRGLQMKAEDYDVVKVIGRGA
FGEVQLVRHKASQKVYAMKLLSKFEMIKRSDSAFFWEERDIMAFANSPWVVQLFYAFQDDRYLYMVMEYMPGGDLVNLMS
NYDVPEKWAKFYTAEVVLALDAIHSMGLIHRDVKPDNMLLDKHGHLKLADFGTCMKMDETGMVHCDTAVGTPDYISPEVL
KSQGGDGYYGRECDWWSVGVFLYEMLVGDTPFYADSLVGTYSKIMDHKNSLCFPEDAEISKHAKNLICAFLTDREVRLGR
NGVEEIRQHPFFKNDQWHWDNIRETAAPVVPELSSDIDSSNFDDIEDDKGDVETFPIPKAFVGNQLPFIGFTYYR
;
_entity_poly.pdbx_strand_id   A,B,C,D
#
loop_
_chem_comp.id
_chem_comp.type
_chem_comp.name
_chem_comp.formula
81G non-polymer (1s,4s)-4-(4-fluorophenyl)-4-hydroxy-6'-(5-methyl-1H-pyrazol-4-yl)-1'H-spiro[cyclohexane-1,2'-thieno[3,2-d]pyrimidin]-4'(3'H)-one 'C21 H21 F N4 O2 S'
#
# COMPACT_ATOMS: atom_id res chain seq x y z
N SER A 3 -14.35 -7.12 11.17
CA SER A 3 -15.38 -6.34 10.41
C SER A 3 -14.88 -4.95 10.03
N ARG A 4 -13.96 -4.90 9.06
CA ARG A 4 -13.41 -3.62 8.59
C ARG A 4 -13.11 -3.61 7.09
N GLN A 5 -12.92 -2.41 6.54
CA GLN A 5 -12.53 -2.25 5.13
C GLN A 5 -11.04 -2.57 4.90
N ARG A 6 -10.40 -3.12 5.92
CA ARG A 6 -9.08 -3.70 5.77
C ARG A 6 -9.20 -5.09 5.15
N LYS A 7 -10.40 -5.68 5.27
CA LYS A 7 -10.75 -6.91 4.57
C LYS A 7 -10.67 -6.68 3.07
N LEU A 8 -11.19 -5.52 2.65
CA LEU A 8 -11.20 -5.09 1.26
C LEU A 8 -9.80 -4.78 0.77
N GLU A 9 -9.02 -4.11 1.62
CA GLU A 9 -7.64 -3.75 1.34
C GLU A 9 -6.84 -4.95 0.82
N ALA A 10 -7.09 -6.12 1.40
CA ALA A 10 -6.41 -7.36 1.02
C ALA A 10 -6.79 -7.81 -0.38
N LEU A 11 -8.10 -7.79 -0.66
CA LEU A 11 -8.63 -8.17 -1.97
C LEU A 11 -7.98 -7.40 -3.11
N ILE A 12 -7.79 -6.09 -2.92
CA ILE A 12 -7.16 -5.24 -3.92
C ILE A 12 -5.69 -5.60 -4.15
N ARG A 13 -4.97 -5.90 -3.07
CA ARG A 13 -3.53 -6.16 -3.17
C ARG A 13 -3.22 -7.53 -3.77
N ASP A 14 -4.04 -8.53 -3.44
CA ASP A 14 -3.90 -9.90 -3.95
C ASP A 14 -3.76 -9.90 -5.47
N PRO A 15 -2.57 -10.29 -5.99
CA PRO A 15 -2.30 -10.23 -7.42
C PRO A 15 -3.21 -11.14 -8.24
N ARG A 16 -3.65 -12.25 -7.64
CA ARG A 16 -4.56 -13.18 -8.31
C ARG A 16 -6.02 -13.01 -7.88
N SER A 17 -6.41 -11.77 -7.57
CA SER A 17 -7.78 -11.43 -7.26
C SER A 17 -8.43 -10.67 -8.43
N PRO A 18 -9.69 -11.03 -8.77
CA PRO A 18 -10.45 -10.39 -9.86
C PRO A 18 -10.52 -8.86 -9.75
N ILE A 19 -10.35 -8.32 -8.55
CA ILE A 19 -10.38 -6.88 -8.33
C ILE A 19 -9.05 -6.31 -7.82
N ASN A 20 -7.94 -6.75 -8.39
CA ASN A 20 -6.65 -6.09 -8.12
C ASN A 20 -6.59 -4.77 -8.89
N VAL A 21 -5.68 -3.90 -8.50
CA VAL A 21 -5.65 -2.54 -9.05
C VAL A 21 -5.51 -2.50 -10.58
N GLU A 22 -4.75 -3.44 -11.15
CA GLU A 22 -4.59 -3.53 -12.61
C GLU A 22 -5.93 -3.78 -13.30
N SER A 23 -6.70 -4.70 -12.73
CA SER A 23 -8.00 -5.07 -13.27
C SER A 23 -9.03 -3.95 -13.06
N LEU A 24 -8.89 -3.21 -11.98
CA LEU A 24 -9.76 -2.07 -11.72
C LEU A 24 -9.51 -0.96 -12.72
N LEU A 25 -8.24 -0.77 -13.08
CA LEU A 25 -7.82 0.20 -14.09
C LEU A 25 -8.20 -0.23 -15.51
N ASP A 26 -8.15 -1.54 -15.75
CA ASP A 26 -8.65 -2.10 -17.00
C ASP A 26 -10.14 -1.82 -17.10
N GLY A 27 -10.83 -1.91 -15.96
CA GLY A 27 -12.26 -1.65 -15.85
C GLY A 27 -12.63 -0.26 -16.31
N LEU A 28 -11.88 0.73 -15.81
CA LEU A 28 -12.08 2.13 -16.20
C LEU A 28 -11.70 2.40 -17.65
N ASN A 29 -10.63 1.74 -18.11
CA ASN A 29 -10.13 1.92 -19.47
C ASN A 29 -11.07 1.37 -20.55
N SER A 30 -11.44 0.10 -20.43
CA SER A 30 -12.30 -0.57 -21.41
C SER A 30 -13.74 -0.05 -21.41
N LEU A 31 -14.05 0.80 -20.42
CA LEU A 31 -15.33 1.48 -20.39
C LEU A 31 -15.24 2.77 -21.20
N VAL A 32 -14.13 3.49 -21.06
CA VAL A 32 -13.88 4.68 -21.88
C VAL A 32 -13.81 4.30 -23.36
N LEU A 33 -13.19 3.15 -23.64
CA LEU A 33 -13.03 2.67 -25.02
C LEU A 33 -14.35 2.28 -25.69
N ASP A 34 -15.26 1.69 -24.92
CA ASP A 34 -16.52 1.20 -25.48
C ASP A 34 -17.65 2.22 -25.47
N LEU A 35 -17.35 3.42 -24.95
CA LEU A 35 -18.33 4.50 -24.87
C LEU A 35 -17.97 5.71 -25.74
N ASP A 36 -16.68 5.93 -25.96
CA ASP A 36 -16.20 7.06 -26.76
C ASP A 36 -16.42 6.83 -28.26
N PHE A 37 -17.67 6.99 -28.68
CA PHE A 37 -18.07 6.94 -30.07
C PHE A 37 -19.20 7.96 -30.23
N PRO A 38 -19.21 8.72 -31.34
CA PRO A 38 -20.11 9.88 -31.46
C PRO A 38 -21.60 9.52 -31.30
N ALA A 39 -21.98 8.34 -31.80
CA ALA A 39 -23.36 7.86 -31.68
C ALA A 39 -23.76 7.66 -30.22
N LEU A 40 -22.86 7.04 -29.45
CA LEU A 40 -23.05 6.79 -28.02
C LEU A 40 -23.07 8.09 -27.23
N ARG A 41 -22.21 9.02 -27.62
CA ARG A 41 -22.01 10.27 -26.90
C ARG A 41 -23.21 11.24 -26.98
N LYS A 42 -24.17 10.93 -27.85
CA LYS A 42 -25.46 11.64 -27.88
C LYS A 42 -26.20 11.51 -26.54
N ASN A 43 -25.82 10.48 -25.77
CA ASN A 43 -26.37 10.22 -24.45
C ASN A 43 -25.69 11.13 -23.42
N LYS A 44 -26.50 11.90 -22.70
CA LYS A 44 -26.04 12.81 -21.65
C LYS A 44 -25.06 12.15 -20.67
N ASN A 45 -25.47 11.02 -20.10
CA ASN A 45 -24.69 10.26 -19.14
C ASN A 45 -23.31 9.88 -19.66
N ILE A 46 -23.29 9.25 -20.83
CA ILE A 46 -22.04 8.76 -21.43
C ILE A 46 -21.08 9.90 -21.75
N ASP A 47 -21.64 11.06 -22.08
CA ASP A 47 -20.84 12.25 -22.34
C ASP A 47 -20.37 12.92 -21.04
N ASN A 48 -21.26 12.99 -20.05
CA ASN A 48 -20.91 13.51 -18.71
C ASN A 48 -19.73 12.76 -18.13
N PHE A 49 -19.73 11.44 -18.32
CA PHE A 49 -18.69 10.56 -17.84
C PHE A 49 -17.37 10.80 -18.58
N LEU A 50 -17.40 10.72 -19.90
CA LEU A 50 -16.20 10.78 -20.74
C LEU A 50 -15.43 12.10 -20.65
N ASN A 51 -16.15 13.21 -20.51
CA ASN A 51 -15.53 14.52 -20.41
C ASN A 51 -14.79 14.72 -19.09
N ARG A 52 -15.12 13.88 -18.11
CA ARG A 52 -14.51 13.99 -16.79
C ARG A 52 -13.39 12.99 -16.59
N TYR A 53 -13.41 11.90 -17.37
CA TYR A 53 -12.47 10.80 -17.20
C TYR A 53 -11.52 10.56 -18.37
N GLU A 54 -11.93 10.96 -19.57
CA GLU A 54 -11.19 10.65 -20.80
C GLU A 54 -9.76 11.18 -20.80
N LYS A 55 -9.57 12.35 -20.19
CA LYS A 55 -8.25 12.99 -20.12
C LYS A 55 -7.28 12.18 -19.26
N ILE A 56 -7.66 11.95 -18.00
CA ILE A 56 -6.83 11.18 -17.05
C ILE A 56 -6.61 9.74 -17.52
N VAL A 57 -7.62 9.12 -18.13
CA VAL A 57 -7.53 7.77 -18.69
C VAL A 57 -6.46 7.68 -19.79
N LYS A 58 -6.39 8.70 -20.64
CA LYS A 58 -5.37 8.79 -21.68
C LYS A 58 -3.95 8.82 -21.12
N LYS A 59 -3.73 9.61 -20.07
CA LYS A 59 -2.43 9.73 -19.42
C LYS A 59 -1.99 8.40 -18.79
N ILE A 60 -2.93 7.68 -18.19
CA ILE A 60 -2.65 6.36 -17.65
C ILE A 60 -2.18 5.42 -18.77
N ARG A 61 -2.95 5.41 -19.87
CA ARG A 61 -2.63 4.55 -21.02
C ARG A 61 -1.20 4.78 -21.48
N GLY A 62 -0.74 6.01 -21.34
CA GLY A 62 0.63 6.38 -21.67
C GLY A 62 1.66 5.62 -20.86
N LEU A 63 1.37 5.40 -19.58
CA LEU A 63 2.29 4.72 -18.67
C LEU A 63 2.24 3.20 -18.79
N GLN A 64 1.11 2.68 -19.26
CA GLN A 64 0.91 1.25 -19.46
C GLN A 64 1.85 0.68 -20.53
N MET A 65 2.31 -0.55 -20.32
CA MET A 65 3.19 -1.25 -21.25
C MET A 65 2.59 -1.28 -22.65
N LYS A 66 3.26 -0.59 -23.57
CA LYS A 66 2.85 -0.58 -24.96
C LYS A 66 3.50 -1.76 -25.68
N ALA A 67 3.09 -2.01 -26.92
CA ALA A 67 3.81 -2.92 -27.79
C ALA A 67 5.02 -2.22 -28.41
N GLU A 68 5.04 -0.89 -28.32
CA GLU A 68 6.18 -0.07 -28.74
C GLU A 68 7.42 -0.34 -27.90
N ASP A 69 7.20 -0.84 -26.68
CA ASP A 69 8.27 -1.13 -25.74
C ASP A 69 9.17 -2.26 -26.21
N TYR A 70 8.81 -2.90 -27.32
CA TYR A 70 9.51 -4.08 -27.80
C TYR A 70 9.97 -3.96 -29.25
N ASP A 71 11.19 -4.42 -29.51
CA ASP A 71 11.66 -4.62 -30.88
C ASP A 71 11.25 -6.01 -31.34
N VAL A 72 10.71 -6.11 -32.55
CA VAL A 72 10.30 -7.41 -33.09
C VAL A 72 11.40 -8.02 -33.96
N VAL A 73 12.04 -9.06 -33.43
CA VAL A 73 13.18 -9.70 -34.08
C VAL A 73 12.73 -10.57 -35.24
N LYS A 74 11.77 -11.47 -35.00
CA LYS A 74 11.24 -12.37 -36.02
C LYS A 74 9.96 -13.02 -35.55
N VAL A 75 9.04 -13.25 -36.49
CA VAL A 75 7.85 -14.06 -36.23
C VAL A 75 8.28 -15.53 -36.20
N ILE A 76 8.02 -16.19 -35.07
CA ILE A 76 8.45 -17.57 -34.86
C ILE A 76 7.29 -18.57 -34.83
N GLY A 77 6.07 -18.06 -34.79
CA GLY A 77 4.87 -18.91 -34.81
C GLY A 77 3.62 -18.11 -35.02
N ARG A 78 2.56 -18.79 -35.48
CA ARG A 78 1.23 -18.17 -35.58
C ARG A 78 0.15 -19.13 -35.10
N GLY A 79 -0.54 -18.72 -34.05
CA GLY A 79 -1.67 -19.47 -33.52
C GLY A 79 -2.95 -19.10 -34.23
N ALA A 80 -4.07 -19.55 -33.67
CA ALA A 80 -5.39 -19.32 -34.26
C ALA A 80 -5.76 -17.84 -34.26
N PHE A 81 -5.43 -17.15 -33.17
CA PHE A 81 -5.89 -15.77 -32.95
C PHE A 81 -4.78 -14.72 -33.08
N GLY A 82 -3.65 -15.08 -33.66
CA GLY A 82 -2.54 -14.15 -33.82
C GLY A 82 -1.17 -14.83 -33.74
N GLU A 83 -0.13 -14.03 -33.89
CA GLU A 83 1.23 -14.57 -33.98
C GLU A 83 2.03 -14.57 -32.67
N VAL A 84 3.13 -15.30 -32.69
CA VAL A 84 4.09 -15.32 -31.58
C VAL A 84 5.40 -14.73 -32.08
N GLN A 85 5.76 -13.57 -31.56
CA GLN A 85 6.95 -12.87 -32.02
C GLN A 85 8.10 -13.04 -31.03
N LEU A 86 9.30 -13.29 -31.56
CA LEU A 86 10.52 -13.19 -30.79
C LEU A 86 10.82 -11.70 -30.63
N VAL A 87 10.75 -11.20 -29.40
CA VAL A 87 10.94 -9.76 -29.15
C VAL A 87 12.07 -9.46 -28.17
N ARG A 88 12.64 -8.26 -28.30
CA ARG A 88 13.57 -7.73 -27.30
C ARG A 88 12.95 -6.48 -26.69
N HIS A 89 12.78 -6.50 -25.37
CA HIS A 89 12.30 -5.33 -24.66
C HIS A 89 13.38 -4.24 -24.78
N LYS A 90 12.96 -3.06 -25.24
CA LYS A 90 13.88 -1.96 -25.57
C LYS A 90 14.76 -1.54 -24.39
N ALA A 91 14.15 -1.09 -23.30
CA ALA A 91 14.88 -0.61 -22.13
C ALA A 91 15.79 -1.67 -21.49
N SER A 92 15.22 -2.82 -21.16
CA SER A 92 15.96 -3.87 -20.44
C SER A 92 16.93 -4.64 -21.33
N GLN A 93 16.57 -4.76 -22.61
CA GLN A 93 17.40 -5.45 -23.60
C GLN A 93 17.36 -6.97 -23.41
N LYS A 94 16.31 -7.46 -22.76
CA LYS A 94 16.13 -8.90 -22.55
C LYS A 94 15.21 -9.45 -23.62
N VAL A 95 15.47 -10.69 -24.02
CA VAL A 95 14.71 -11.35 -25.07
C VAL A 95 13.52 -12.10 -24.48
N TYR A 96 12.38 -12.00 -25.18
CA TYR A 96 11.15 -12.66 -24.77
C TYR A 96 10.41 -13.20 -25.99
N ALA A 97 9.56 -14.19 -25.78
CA ALA A 97 8.61 -14.60 -26.80
C ALA A 97 7.28 -13.95 -26.46
N MET A 98 6.66 -13.30 -27.44
CA MET A 98 5.41 -12.57 -27.20
C MET A 98 4.28 -13.05 -28.08
N LYS A 99 3.28 -13.65 -27.45
CA LYS A 99 2.11 -14.14 -28.16
C LYS A 99 1.06 -13.04 -28.25
N LEU A 100 0.62 -12.77 -29.48
CA LEU A 100 -0.47 -11.82 -29.72
C LEU A 100 -1.80 -12.55 -29.88
N LEU A 101 -2.85 -11.98 -29.30
CA LEU A 101 -4.20 -12.50 -29.48
C LEU A 101 -5.11 -11.38 -29.99
N SER A 102 -5.58 -11.54 -31.23
CA SER A 102 -6.47 -10.56 -31.84
C SER A 102 -7.75 -10.46 -31.06
N LYS A 103 -8.06 -9.25 -30.60
CA LYS A 103 -9.31 -8.99 -29.89
C LYS A 103 -10.51 -9.15 -30.83
N PHE A 104 -10.36 -8.68 -32.07
CA PHE A 104 -11.43 -8.78 -33.06
C PHE A 104 -11.77 -10.23 -33.40
N GLU A 105 -10.79 -10.98 -33.91
CA GLU A 105 -10.98 -12.39 -34.28
C GLU A 105 -11.49 -13.25 -33.13
N MET A 106 -11.17 -12.84 -31.91
CA MET A 106 -11.58 -13.53 -30.71
C MET A 106 -13.07 -13.28 -30.45
N ILE A 107 -13.50 -12.03 -30.61
CA ILE A 107 -14.90 -11.61 -30.44
C ILE A 107 -15.77 -12.16 -31.58
N LYS A 108 -15.33 -11.92 -32.82
CA LYS A 108 -15.99 -12.38 -34.04
C LYS A 108 -16.30 -13.89 -34.06
N ARG A 109 -15.46 -14.68 -33.38
CA ARG A 109 -15.64 -16.13 -33.32
C ARG A 109 -16.22 -16.65 -32.00
N SER A 110 -16.89 -15.78 -31.25
CA SER A 110 -17.54 -16.12 -29.97
C SER A 110 -16.64 -16.81 -28.93
N ASP A 111 -15.40 -17.12 -29.32
CA ASP A 111 -14.44 -17.77 -28.45
C ASP A 111 -13.52 -16.72 -27.85
N SER A 112 -13.92 -16.15 -26.71
CA SER A 112 -13.12 -15.10 -26.04
C SER A 112 -13.07 -15.22 -24.51
N ALA A 113 -12.83 -16.45 -24.03
CA ALA A 113 -12.68 -16.72 -22.60
C ALA A 113 -11.58 -17.76 -22.30
N PHE A 114 -10.94 -18.27 -23.36
CA PHE A 114 -9.98 -19.37 -23.23
C PHE A 114 -8.66 -18.99 -22.56
N PHE A 115 -8.28 -17.72 -22.67
CA PHE A 115 -6.98 -17.24 -22.24
C PHE A 115 -6.84 -17.06 -20.74
N TRP A 116 -7.96 -16.93 -20.04
CA TRP A 116 -7.91 -16.66 -18.59
C TRP A 116 -7.13 -17.73 -17.85
N GLU A 117 -7.32 -18.98 -18.26
CA GLU A 117 -6.55 -20.07 -17.70
C GLU A 117 -5.13 -20.02 -18.19
N GLU A 118 -4.98 -19.90 -19.51
CA GLU A 118 -3.68 -19.75 -20.16
C GLU A 118 -2.76 -18.76 -19.44
N ARG A 119 -3.33 -17.66 -18.97
CA ARG A 119 -2.61 -16.64 -18.22
C ARG A 119 -2.19 -17.15 -16.84
N ASP A 120 -3.15 -17.63 -16.07
CA ASP A 120 -2.91 -18.04 -14.68
C ASP A 120 -1.89 -19.15 -14.57
N ILE A 121 -1.96 -20.13 -15.48
CA ILE A 121 -1.00 -21.22 -15.49
C ILE A 121 0.42 -20.68 -15.65
N MET A 122 0.63 -19.79 -16.62
CA MET A 122 1.97 -19.27 -16.92
C MET A 122 2.45 -18.21 -15.93
N ALA A 123 1.50 -17.42 -15.42
CA ALA A 123 1.84 -16.33 -14.53
C ALA A 123 2.09 -16.79 -13.10
N PHE A 124 1.53 -17.93 -12.74
CA PHE A 124 1.54 -18.38 -11.34
C PHE A 124 1.95 -19.83 -11.10
N ALA A 125 2.20 -20.59 -12.17
CA ALA A 125 2.59 -22.01 -12.02
C ALA A 125 3.85 -22.24 -11.21
N ASN A 126 4.87 -21.40 -11.47
CA ASN A 126 6.20 -21.54 -10.87
C ASN A 126 6.81 -22.92 -11.00
N SER A 127 6.42 -23.65 -12.04
CA SER A 127 6.99 -24.95 -12.35
C SER A 127 8.01 -24.86 -13.46
N PRO A 128 9.14 -25.57 -13.31
CA PRO A 128 10.14 -25.66 -14.37
C PRO A 128 9.58 -26.35 -15.61
N TRP A 129 8.36 -26.89 -15.50
CA TRP A 129 7.70 -27.58 -16.62
C TRP A 129 6.77 -26.68 -17.43
N VAL A 130 6.29 -25.61 -16.80
CA VAL A 130 5.41 -24.64 -17.44
C VAL A 130 6.21 -23.43 -17.96
N VAL A 131 6.00 -23.07 -19.23
CA VAL A 131 6.53 -21.82 -19.77
C VAL A 131 5.99 -20.65 -18.95
N GLN A 132 6.84 -19.67 -18.69
CA GLN A 132 6.54 -18.67 -17.68
C GLN A 132 6.21 -17.28 -18.24
N LEU A 133 5.20 -16.64 -17.65
CA LEU A 133 4.75 -15.32 -18.08
C LEU A 133 5.32 -14.21 -17.21
N PHE A 134 5.90 -13.20 -17.86
CA PHE A 134 6.43 -12.05 -17.15
C PHE A 134 5.44 -10.89 -17.20
N TYR A 135 4.97 -10.57 -18.42
CA TYR A 135 4.01 -9.48 -18.60
C TYR A 135 2.80 -9.91 -19.43
N ALA A 136 1.65 -9.34 -19.09
CA ALA A 136 0.44 -9.55 -19.86
C ALA A 136 -0.30 -8.22 -19.97
N PHE A 137 -0.13 -7.55 -21.10
CA PHE A 137 -0.78 -6.28 -21.36
C PHE A 137 -1.72 -6.37 -22.57
N GLN A 138 -2.42 -5.29 -22.87
CA GLN A 138 -3.38 -5.25 -23.96
C GLN A 138 -3.46 -3.84 -24.54
N ASP A 139 -3.96 -3.72 -25.77
CA ASP A 139 -4.43 -2.44 -26.27
C ASP A 139 -5.84 -2.61 -26.85
N ASP A 140 -6.37 -1.58 -27.50
CA ASP A 140 -7.72 -1.65 -28.06
C ASP A 140 -7.88 -2.80 -29.06
N ARG A 141 -6.80 -3.10 -29.78
CA ARG A 141 -6.86 -4.12 -30.84
C ARG A 141 -6.38 -5.51 -30.42
N TYR A 142 -5.41 -5.58 -29.51
CA TYR A 142 -4.74 -6.85 -29.22
C TYR A 142 -4.60 -7.22 -27.73
N LEU A 143 -4.31 -8.51 -27.51
CA LEU A 143 -3.99 -9.06 -26.20
C LEU A 143 -2.54 -9.56 -26.28
N TYR A 144 -1.73 -9.27 -25.26
CA TYR A 144 -0.29 -9.59 -25.32
C TYR A 144 0.22 -10.43 -24.17
N MET A 145 1.00 -11.46 -24.51
CA MET A 145 1.57 -12.36 -23.51
C MET A 145 3.07 -12.49 -23.67
N VAL A 146 3.80 -11.91 -22.71
CA VAL A 146 5.26 -11.95 -22.75
C VAL A 146 5.77 -13.10 -21.89
N MET A 147 6.31 -14.11 -22.57
CA MET A 147 6.79 -15.34 -21.93
C MET A 147 8.29 -15.49 -22.15
N GLU A 148 8.91 -16.37 -21.36
CA GLU A 148 10.32 -16.69 -21.57
C GLU A 148 10.48 -17.42 -22.88
N TYR A 149 11.41 -16.94 -23.71
CA TYR A 149 11.68 -17.53 -25.01
C TYR A 149 12.28 -18.94 -24.91
N MET A 150 11.87 -19.83 -25.80
CA MET A 150 12.31 -21.23 -25.78
C MET A 150 13.11 -21.57 -27.05
N PRO A 151 14.39 -21.14 -27.11
CA PRO A 151 15.17 -21.18 -28.35
C PRO A 151 15.31 -22.57 -28.98
N GLY A 152 15.02 -23.60 -28.20
CA GLY A 152 15.22 -25.00 -28.60
C GLY A 152 14.25 -25.51 -29.64
N GLY A 153 13.12 -24.82 -29.76
CA GLY A 153 12.07 -25.21 -30.71
C GLY A 153 11.10 -26.17 -30.08
N ASP A 154 10.14 -26.63 -30.88
CA ASP A 154 9.12 -27.56 -30.42
C ASP A 154 9.50 -28.99 -30.76
N LEU A 155 8.74 -29.95 -30.22
CA LEU A 155 9.00 -31.35 -30.47
C LEU A 155 8.59 -31.83 -31.86
N VAL A 156 7.63 -31.15 -32.50
CA VAL A 156 7.31 -31.45 -33.90
C VAL A 156 8.52 -31.23 -34.79
N ASN A 157 9.29 -30.18 -34.49
CA ASN A 157 10.53 -29.90 -35.22
C ASN A 157 11.59 -30.97 -34.98
N LEU A 158 11.71 -31.41 -33.73
CA LEU A 158 12.71 -32.41 -33.36
C LEU A 158 12.43 -33.76 -33.99
N MET A 159 11.15 -34.06 -34.20
CA MET A 159 10.75 -35.35 -34.77
C MET A 159 10.93 -35.44 -36.29
N SER A 160 11.15 -34.29 -36.93
CA SER A 160 11.32 -34.24 -38.38
C SER A 160 12.73 -33.84 -38.80
N ASN A 161 13.63 -33.74 -37.82
CA ASN A 161 15.04 -33.47 -38.07
C ASN A 161 15.91 -34.63 -37.59
N TYR A 162 15.36 -35.40 -36.66
CA TYR A 162 16.04 -36.55 -36.08
C TYR A 162 15.12 -37.78 -36.15
N ASP A 163 15.71 -38.95 -36.34
CA ASP A 163 14.99 -40.19 -36.16
C ASP A 163 15.11 -40.56 -34.69
N VAL A 164 14.01 -40.44 -33.96
CA VAL A 164 13.99 -40.66 -32.51
C VAL A 164 14.13 -42.15 -32.16
N PRO A 165 15.24 -42.52 -31.49
CA PRO A 165 15.35 -43.87 -30.95
C PRO A 165 14.64 -43.97 -29.60
N GLU A 166 14.29 -45.18 -29.20
CA GLU A 166 13.50 -45.39 -27.97
C GLU A 166 14.14 -44.82 -26.71
N LYS A 167 15.47 -44.65 -26.74
CA LYS A 167 16.20 -44.07 -25.62
C LYS A 167 15.84 -42.59 -25.44
N TRP A 168 15.64 -41.89 -26.56
CA TRP A 168 15.19 -40.49 -26.54
C TRP A 168 13.73 -40.43 -26.13
N ALA A 169 12.91 -41.28 -26.75
CA ALA A 169 11.48 -41.37 -26.45
C ALA A 169 11.23 -41.57 -24.96
N LYS A 170 12.04 -42.40 -24.33
CA LYS A 170 12.00 -42.61 -22.88
C LYS A 170 12.09 -41.28 -22.15
N PHE A 171 13.08 -40.48 -22.52
CA PHE A 171 13.35 -39.20 -21.89
C PHE A 171 12.20 -38.21 -22.09
N TYR A 172 11.83 -37.97 -23.34
CA TYR A 172 10.83 -36.97 -23.65
C TYR A 172 9.47 -37.31 -23.06
N THR A 173 9.05 -38.56 -23.21
CA THR A 173 7.80 -39.02 -22.64
C THR A 173 7.78 -38.82 -21.13
N ALA A 174 8.89 -39.18 -20.47
CA ALA A 174 9.02 -39.01 -19.02
C ALA A 174 8.81 -37.56 -18.62
N GLU A 175 9.47 -36.65 -19.33
CA GLU A 175 9.35 -35.23 -19.05
C GLU A 175 7.94 -34.70 -19.29
N VAL A 176 7.31 -35.14 -20.38
CA VAL A 176 5.89 -34.83 -20.63
C VAL A 176 5.01 -35.31 -19.47
N VAL A 177 5.31 -36.52 -18.96
CA VAL A 177 4.55 -37.12 -17.87
C VAL A 177 4.63 -36.27 -16.60
N LEU A 178 5.85 -35.85 -16.27
CA LEU A 178 6.09 -35.01 -15.11
C LEU A 178 5.50 -33.60 -15.27
N ALA A 179 5.59 -33.06 -16.48
CA ALA A 179 5.03 -31.74 -16.81
C ALA A 179 3.53 -31.75 -16.61
N LEU A 180 2.88 -32.81 -17.07
CA LEU A 180 1.45 -32.97 -16.91
C LEU A 180 1.03 -33.18 -15.46
N ASP A 181 1.84 -33.92 -14.70
CA ASP A 181 1.54 -34.14 -13.29
C ASP A 181 1.56 -32.81 -12.54
N ALA A 182 2.49 -31.92 -12.94
CA ALA A 182 2.58 -30.58 -12.37
C ALA A 182 1.39 -29.71 -12.78
N ILE A 183 0.91 -29.89 -14.01
CA ILE A 183 -0.30 -29.23 -14.50
C ILE A 183 -1.53 -29.70 -13.71
N HIS A 184 -1.60 -31.01 -13.47
CA HIS A 184 -2.71 -31.60 -12.73
C HIS A 184 -2.70 -31.15 -11.28
N SER A 185 -1.54 -31.19 -10.64
CA SER A 185 -1.39 -30.81 -9.24
C SER A 185 -1.73 -29.33 -9.00
N MET A 186 -2.06 -28.63 -10.08
CA MET A 186 -2.55 -27.27 -9.96
C MET A 186 -4.05 -27.22 -10.19
N GLY A 187 -4.65 -28.41 -10.32
CA GLY A 187 -6.10 -28.56 -10.45
C GLY A 187 -6.64 -28.40 -11.85
N LEU A 188 -5.80 -28.65 -12.86
CA LEU A 188 -6.15 -28.43 -14.25
C LEU A 188 -5.91 -29.67 -15.12
N ILE A 189 -6.82 -29.94 -16.04
CA ILE A 189 -6.58 -30.94 -17.09
C ILE A 189 -6.26 -30.20 -18.39
N HIS A 190 -5.35 -30.76 -19.19
CA HIS A 190 -4.78 -30.00 -20.31
C HIS A 190 -5.61 -30.09 -21.59
N ARG A 191 -5.93 -31.31 -22.01
CA ARG A 191 -6.84 -31.58 -23.14
C ARG A 191 -6.26 -31.36 -24.54
N ASP A 192 -5.07 -30.78 -24.62
CA ASP A 192 -4.44 -30.45 -25.91
C ASP A 192 -2.95 -30.76 -25.96
N VAL A 193 -2.51 -31.72 -25.14
CA VAL A 193 -1.11 -32.15 -25.16
C VAL A 193 -0.75 -32.69 -26.54
N LYS A 194 0.29 -32.09 -27.13
CA LYS A 194 0.82 -32.46 -28.44
C LYS A 194 2.21 -31.86 -28.65
N PRO A 195 3.04 -32.46 -29.54
CA PRO A 195 4.41 -32.01 -29.80
C PRO A 195 4.54 -30.52 -30.08
N ASP A 196 3.49 -29.92 -30.61
CA ASP A 196 3.44 -28.48 -30.88
C ASP A 196 3.44 -27.67 -29.58
N ASN A 197 2.83 -28.24 -28.53
CA ASN A 197 2.75 -27.57 -27.23
C ASN A 197 3.89 -27.98 -26.31
N MET A 198 4.89 -28.63 -26.88
CA MET A 198 6.05 -29.11 -26.14
C MET A 198 7.30 -28.38 -26.62
N LEU A 199 7.70 -27.37 -25.88
CA LEU A 199 8.86 -26.56 -26.25
C LEU A 199 10.11 -26.96 -25.48
N LEU A 200 11.27 -26.59 -26.03
CA LEU A 200 12.54 -26.96 -25.44
C LEU A 200 13.33 -25.72 -25.07
N ASP A 201 13.77 -25.65 -23.81
CA ASP A 201 14.56 -24.53 -23.30
C ASP A 201 15.97 -24.50 -23.88
N LYS A 202 16.79 -23.56 -23.42
CA LYS A 202 18.18 -23.42 -23.84
C LYS A 202 19.00 -24.72 -23.73
N HIS A 203 18.64 -25.57 -22.77
CA HIS A 203 19.41 -26.78 -22.46
C HIS A 203 18.77 -28.07 -23.01
N GLY A 204 17.77 -27.90 -23.86
CA GLY A 204 17.13 -29.03 -24.56
C GLY A 204 16.09 -29.78 -23.75
N HIS A 205 15.60 -29.13 -22.69
CA HIS A 205 14.62 -29.73 -21.79
C HIS A 205 13.22 -29.19 -22.02
N LEU A 206 12.23 -29.99 -21.65
CA LEU A 206 10.83 -29.75 -21.99
C LEU A 206 10.14 -28.64 -21.19
N LYS A 207 9.13 -28.04 -21.82
CA LYS A 207 8.12 -27.23 -21.14
C LYS A 207 6.81 -27.33 -21.93
N LEU A 208 5.68 -27.25 -21.24
CA LEU A 208 4.38 -27.26 -21.91
C LEU A 208 3.93 -25.83 -22.20
N ALA A 209 3.21 -25.63 -23.31
CA ALA A 209 3.04 -24.28 -23.84
C ALA A 209 1.62 -23.77 -24.07
N ASP A 210 0.79 -24.54 -24.76
CA ASP A 210 -0.50 -23.98 -25.20
C ASP A 210 -1.67 -24.41 -24.32
N PHE A 211 -2.04 -23.51 -23.41
CA PHE A 211 -2.99 -23.84 -22.36
C PHE A 211 -4.41 -23.38 -22.67
N GLY A 212 -4.65 -22.94 -23.90
CA GLY A 212 -5.95 -22.39 -24.29
C GLY A 212 -7.11 -23.32 -23.99
N THR A 213 -6.85 -24.62 -24.04
CA THR A 213 -7.88 -25.64 -23.89
C THR A 213 -8.08 -26.14 -22.45
N CYS A 214 -7.27 -25.63 -21.52
CA CYS A 214 -7.30 -26.09 -20.13
C CYS A 214 -8.61 -25.87 -19.40
N MET A 215 -9.03 -26.90 -18.65
CA MET A 215 -10.18 -26.81 -17.76
C MET A 215 -9.76 -27.18 -16.34
N LYS A 216 -10.20 -26.37 -15.37
CA LYS A 216 -9.88 -26.67 -13.98
C LYS A 216 -10.88 -27.64 -13.37
N MET A 217 -10.36 -28.74 -12.84
CA MET A 217 -11.15 -29.79 -12.21
C MET A 217 -11.99 -29.25 -11.06
N ASP A 218 -13.17 -29.84 -10.87
CA ASP A 218 -14.00 -29.47 -9.73
C ASP A 218 -13.47 -30.10 -8.44
N GLU A 219 -14.19 -29.89 -7.34
CA GLU A 219 -13.75 -30.34 -6.02
C GLU A 219 -13.56 -31.86 -5.92
N THR A 220 -13.87 -32.59 -6.99
CA THR A 220 -13.73 -34.05 -7.02
C THR A 220 -12.83 -34.53 -8.16
N GLY A 221 -12.08 -33.61 -8.75
CA GLY A 221 -11.14 -33.93 -9.84
C GLY A 221 -11.77 -34.34 -11.16
N MET A 222 -12.97 -33.84 -11.41
CA MET A 222 -13.73 -34.19 -12.61
C MET A 222 -14.18 -32.92 -13.31
N VAL A 223 -14.46 -33.00 -14.60
CA VAL A 223 -15.02 -31.85 -15.33
C VAL A 223 -16.29 -32.22 -16.08
N HIS A 224 -17.22 -31.26 -16.13
CA HIS A 224 -18.43 -31.40 -16.95
C HIS A 224 -18.28 -30.55 -18.20
N CYS A 225 -17.98 -31.20 -19.31
CA CYS A 225 -17.85 -30.49 -20.57
C CYS A 225 -18.66 -31.16 -21.66
N ASP A 226 -19.40 -30.34 -22.41
CA ASP A 226 -20.21 -30.83 -23.50
C ASP A 226 -19.71 -30.34 -24.86
N THR A 227 -18.43 -29.93 -24.90
CA THR A 227 -17.75 -29.59 -26.16
C THR A 227 -16.51 -30.47 -26.36
N ALA A 228 -16.38 -31.01 -27.57
CA ALA A 228 -15.20 -31.76 -27.95
C ALA A 228 -14.06 -30.81 -28.35
N VAL A 229 -13.22 -30.51 -27.36
CA VAL A 229 -12.16 -29.51 -27.51
C VAL A 229 -10.79 -30.14 -27.76
N GLY A 230 -9.99 -29.49 -28.59
CA GLY A 230 -8.61 -29.92 -28.86
C GLY A 230 -8.32 -30.28 -30.29
N THR A 231 -7.06 -30.65 -30.56
CA THR A 231 -6.64 -31.06 -31.90
C THR A 231 -7.08 -32.48 -32.23
N PRO A 232 -7.74 -32.66 -33.39
CA PRO A 232 -8.39 -33.91 -33.80
C PRO A 232 -7.55 -35.20 -33.70
N ASP A 233 -6.24 -35.12 -33.89
CA ASP A 233 -5.39 -36.32 -33.84
C ASP A 233 -5.10 -36.87 -32.45
N TYR A 234 -5.15 -35.99 -31.45
CA TYR A 234 -4.77 -36.33 -30.08
C TYR A 234 -5.96 -36.43 -29.13
N ILE A 235 -7.17 -36.37 -29.67
CA ILE A 235 -8.39 -36.39 -28.87
C ILE A 235 -8.61 -37.79 -28.32
N SER A 236 -9.10 -37.83 -27.08
CA SER A 236 -9.41 -39.06 -26.38
C SER A 236 -10.88 -39.41 -26.60
N PRO A 237 -11.18 -40.71 -26.71
CA PRO A 237 -12.55 -41.19 -26.93
C PRO A 237 -13.61 -40.56 -26.00
N GLU A 238 -13.23 -40.23 -24.77
CA GLU A 238 -14.20 -39.65 -23.83
C GLU A 238 -14.55 -38.19 -24.14
N VAL A 239 -13.52 -37.38 -24.41
CA VAL A 239 -13.67 -35.97 -24.78
C VAL A 239 -14.43 -35.84 -26.11
N LEU A 240 -14.17 -36.78 -27.02
CA LEU A 240 -14.83 -36.83 -28.31
C LEU A 240 -16.33 -37.10 -28.13
N LYS A 241 -16.64 -38.19 -27.42
CA LYS A 241 -18.03 -38.56 -27.13
C LYS A 241 -18.81 -37.46 -26.40
N SER A 242 -18.12 -36.71 -25.54
CA SER A 242 -18.75 -35.70 -24.68
C SER A 242 -19.46 -34.58 -25.43
N GLN A 243 -19.14 -34.42 -26.71
CA GLN A 243 -19.79 -33.41 -27.55
C GLN A 243 -21.31 -33.56 -27.50
N GLY A 244 -21.78 -34.79 -27.63
CA GLY A 244 -23.20 -35.10 -27.47
C GLY A 244 -23.51 -35.55 -26.05
N GLY A 245 -24.38 -34.80 -25.38
CA GLY A 245 -24.85 -35.16 -24.04
C GLY A 245 -23.86 -34.92 -22.92
N ASP A 246 -24.26 -35.29 -21.71
CA ASP A 246 -23.47 -35.06 -20.49
C ASP A 246 -22.09 -35.75 -20.51
N GLY A 247 -21.06 -34.92 -20.68
CA GLY A 247 -19.68 -35.36 -20.64
C GLY A 247 -19.15 -35.31 -19.22
N TYR A 248 -18.33 -36.29 -18.88
CA TYR A 248 -17.84 -36.45 -17.51
C TYR A 248 -16.50 -37.16 -17.54
N TYR A 249 -15.43 -36.42 -17.23
CA TYR A 249 -14.08 -36.96 -17.27
C TYR A 249 -13.08 -36.21 -16.38
N GLY A 250 -12.02 -36.93 -15.98
CA GLY A 250 -10.94 -36.36 -15.18
C GLY A 250 -9.65 -36.27 -15.98
N ARG A 251 -8.54 -36.27 -15.27
CA ARG A 251 -7.20 -36.12 -15.87
C ARG A 251 -6.83 -37.19 -16.90
N GLU A 252 -7.43 -38.37 -16.80
CA GLU A 252 -7.05 -39.53 -17.61
C GLU A 252 -6.91 -39.21 -19.10
N CYS A 253 -7.75 -38.31 -19.60
CA CYS A 253 -7.72 -37.86 -21.00
C CYS A 253 -6.36 -37.32 -21.45
N ASP A 254 -5.60 -36.78 -20.52
CA ASP A 254 -4.27 -36.26 -20.81
C ASP A 254 -3.29 -37.40 -21.03
N TRP A 255 -3.52 -38.51 -20.34
CA TRP A 255 -2.66 -39.69 -20.49
C TRP A 255 -2.91 -40.41 -21.81
N TRP A 256 -4.10 -40.20 -22.39
CA TRP A 256 -4.37 -40.65 -23.74
C TRP A 256 -3.41 -39.96 -24.71
N SER A 257 -3.42 -38.63 -24.67
CA SER A 257 -2.57 -37.81 -25.52
C SER A 257 -1.11 -38.25 -25.49
N VAL A 258 -0.61 -38.55 -24.29
CA VAL A 258 0.77 -39.03 -24.11
C VAL A 258 1.03 -40.31 -24.88
N GLY A 259 0.02 -41.19 -24.92
CA GLY A 259 0.08 -42.43 -25.68
C GLY A 259 0.24 -42.18 -27.17
N VAL A 260 -0.62 -41.31 -27.70
CA VAL A 260 -0.59 -40.92 -29.11
C VAL A 260 0.76 -40.26 -29.43
N PHE A 261 1.19 -39.36 -28.56
CA PHE A 261 2.48 -38.67 -28.71
C PHE A 261 3.64 -39.65 -28.89
N LEU A 262 3.66 -40.69 -28.06
CA LEU A 262 4.70 -41.70 -28.09
C LEU A 262 4.64 -42.54 -29.37
N TYR A 263 3.42 -42.92 -29.76
CA TYR A 263 3.19 -43.66 -31.00
C TYR A 263 3.71 -42.90 -32.22
N GLU A 264 3.47 -41.59 -32.26
CA GLU A 264 3.94 -40.75 -33.36
C GLU A 264 5.46 -40.71 -33.39
N MET A 265 6.06 -40.68 -32.20
CA MET A 265 7.50 -40.53 -32.05
C MET A 265 8.28 -41.78 -32.45
N LEU A 266 7.64 -42.94 -32.32
CA LEU A 266 8.29 -44.21 -32.61
C LEU A 266 7.89 -44.78 -33.98
N VAL A 267 6.61 -44.70 -34.32
CA VAL A 267 6.12 -45.19 -35.62
C VAL A 267 6.40 -44.20 -36.75
N GLY A 268 6.34 -42.90 -36.44
CA GLY A 268 6.54 -41.86 -37.46
C GLY A 268 5.23 -41.32 -38.00
N ASP A 269 4.12 -41.81 -37.46
CA ASP A 269 2.79 -41.40 -37.86
C ASP A 269 1.84 -41.48 -36.67
N THR A 270 0.82 -40.62 -36.66
CA THR A 270 -0.25 -40.66 -35.65
C THR A 270 -1.08 -41.93 -35.82
N PRO A 271 -1.59 -42.48 -34.70
CA PRO A 271 -2.24 -43.79 -34.71
C PRO A 271 -3.58 -43.80 -35.44
N PHE A 272 -4.30 -42.69 -35.41
CA PHE A 272 -5.64 -42.64 -35.96
C PHE A 272 -5.73 -41.63 -37.10
N TYR A 273 -4.64 -41.55 -37.86
CA TYR A 273 -4.57 -40.65 -39.01
C TYR A 273 -5.56 -41.06 -40.09
N ALA A 274 -6.21 -40.07 -40.67
CA ALA A 274 -7.09 -40.25 -41.83
C ALA A 274 -7.09 -38.97 -42.68
N ASP A 275 -7.45 -39.13 -43.95
CA ASP A 275 -7.40 -38.02 -44.91
C ASP A 275 -8.34 -36.88 -44.59
N SER A 276 -9.41 -37.17 -43.86
CA SER A 276 -10.35 -36.14 -43.41
C SER A 276 -10.32 -36.01 -41.89
N LEU A 277 -10.90 -34.93 -41.37
CA LEU A 277 -11.13 -34.79 -39.93
C LEU A 277 -12.16 -35.82 -39.48
N VAL A 278 -13.23 -35.92 -40.27
CA VAL A 278 -14.35 -36.78 -39.99
C VAL A 278 -13.95 -38.26 -39.97
N GLY A 279 -12.83 -38.58 -40.64
CA GLY A 279 -12.29 -39.94 -40.67
C GLY A 279 -11.43 -40.24 -39.46
N THR A 280 -10.68 -39.23 -39.01
CA THR A 280 -9.86 -39.33 -37.82
C THR A 280 -10.72 -39.57 -36.57
N TYR A 281 -11.84 -38.84 -36.48
CA TYR A 281 -12.79 -39.00 -35.39
C TYR A 281 -13.29 -40.44 -35.28
N SER A 282 -13.65 -41.02 -36.43
CA SER A 282 -14.21 -42.38 -36.47
C SER A 282 -13.20 -43.43 -36.05
N LYS A 283 -11.96 -43.29 -36.49
CA LYS A 283 -10.88 -44.18 -36.08
C LYS A 283 -10.65 -44.11 -34.57
N ILE A 284 -10.81 -42.92 -33.99
CA ILE A 284 -10.67 -42.74 -32.55
C ILE A 284 -11.80 -43.45 -31.79
N MET A 285 -13.03 -43.33 -32.30
CA MET A 285 -14.18 -43.97 -31.68
C MET A 285 -14.06 -45.50 -31.68
N ASP A 286 -13.56 -46.04 -32.79
CA ASP A 286 -13.38 -47.47 -32.96
C ASP A 286 -11.91 -47.85 -32.73
N HIS A 287 -11.36 -47.36 -31.61
CA HIS A 287 -9.92 -47.45 -31.35
C HIS A 287 -9.44 -48.85 -30.95
N LYS A 288 -10.38 -49.74 -30.70
CA LYS A 288 -10.04 -51.14 -30.43
C LYS A 288 -9.58 -51.79 -31.72
N ASN A 289 -10.34 -51.53 -32.79
CA ASN A 289 -10.10 -52.17 -34.09
C ASN A 289 -9.17 -51.38 -35.00
N SER A 290 -9.17 -50.06 -34.85
CA SER A 290 -8.40 -49.21 -35.76
C SER A 290 -6.92 -49.10 -35.39
N LEU A 291 -6.62 -49.19 -34.10
CA LEU A 291 -5.23 -49.09 -33.62
C LEU A 291 -4.46 -50.38 -33.88
N CYS A 292 -3.41 -50.26 -34.69
CA CYS A 292 -2.45 -51.35 -34.90
C CYS A 292 -1.12 -50.83 -35.45
N PHE A 293 -0.04 -51.47 -35.01
CA PHE A 293 1.32 -51.11 -35.41
C PHE A 293 1.67 -51.81 -36.73
N PRO A 294 2.35 -51.08 -37.65
CA PRO A 294 2.72 -51.68 -38.94
C PRO A 294 3.73 -52.83 -38.82
N GLU A 295 3.73 -53.72 -39.82
CA GLU A 295 4.65 -54.87 -39.84
C GLU A 295 6.13 -54.48 -39.85
N ASP A 296 6.44 -53.36 -40.49
CA ASP A 296 7.83 -52.96 -40.73
C ASP A 296 8.46 -52.09 -39.63
N ALA A 297 7.66 -51.30 -38.93
CA ALA A 297 8.15 -50.48 -37.82
C ALA A 297 8.53 -51.37 -36.64
N GLU A 298 9.80 -51.33 -36.26
CA GLU A 298 10.31 -52.14 -35.15
C GLU A 298 10.26 -51.37 -33.83
N ILE A 299 9.51 -51.90 -32.89
CA ILE A 299 9.25 -51.25 -31.60
C ILE A 299 9.35 -52.27 -30.47
N SER A 300 10.09 -51.89 -29.43
CA SER A 300 10.27 -52.73 -28.24
C SER A 300 8.94 -53.19 -27.65
N LYS A 301 8.95 -54.41 -27.09
CA LYS A 301 7.76 -54.97 -26.48
C LYS A 301 7.31 -54.15 -25.26
N HIS A 302 8.26 -53.44 -24.65
CA HIS A 302 7.97 -52.51 -23.55
C HIS A 302 7.27 -51.26 -24.07
N ALA A 303 7.76 -50.74 -25.19
CA ALA A 303 7.21 -49.52 -25.78
C ALA A 303 5.77 -49.72 -26.26
N LYS A 304 5.54 -50.80 -27.00
CA LYS A 304 4.20 -51.15 -27.47
C LYS A 304 3.25 -51.35 -26.28
N ASN A 305 3.76 -51.94 -25.21
CA ASN A 305 2.99 -52.13 -23.99
C ASN A 305 2.51 -50.81 -23.39
N LEU A 306 3.43 -49.84 -23.26
CA LEU A 306 3.12 -48.54 -22.69
C LEU A 306 2.08 -47.79 -23.49
N ILE A 307 2.27 -47.77 -24.81
CA ILE A 307 1.31 -47.16 -25.74
C ILE A 307 -0.10 -47.75 -25.55
N CYS A 308 -0.19 -49.07 -25.61
CA CYS A 308 -1.47 -49.77 -25.53
C CYS A 308 -2.12 -49.65 -24.16
N ALA A 309 -1.30 -49.49 -23.13
CA ALA A 309 -1.78 -49.24 -21.76
C ALA A 309 -2.41 -47.85 -21.67
N PHE A 310 -1.83 -46.91 -22.41
CA PHE A 310 -2.33 -45.54 -22.51
C PHE A 310 -3.55 -45.44 -23.43
N LEU A 311 -3.49 -46.13 -24.57
CA LEU A 311 -4.55 -46.06 -25.58
C LEU A 311 -5.64 -47.11 -25.36
N THR A 312 -6.41 -46.92 -24.29
CA THR A 312 -7.57 -47.73 -23.97
C THR A 312 -8.64 -46.86 -23.32
N ASP A 313 -9.83 -47.43 -23.12
CA ASP A 313 -10.91 -46.75 -22.41
C ASP A 313 -10.41 -46.24 -21.07
N ARG A 314 -10.95 -45.12 -20.63
CA ARG A 314 -10.51 -44.43 -19.40
C ARG A 314 -10.57 -45.34 -18.18
N GLU A 315 -11.56 -46.22 -18.13
CA GLU A 315 -11.80 -47.10 -16.99
C GLU A 315 -10.61 -48.01 -16.70
N VAL A 316 -9.96 -48.46 -17.77
CA VAL A 316 -8.78 -49.34 -17.64
C VAL A 316 -7.45 -48.69 -18.06
N ARG A 317 -7.50 -47.41 -18.45
CA ARG A 317 -6.31 -46.69 -18.91
C ARG A 317 -5.24 -46.56 -17.81
N LEU A 318 -3.98 -46.70 -18.22
CA LEU A 318 -2.84 -46.51 -17.32
C LEU A 318 -2.83 -45.08 -16.79
N GLY A 319 -2.47 -44.93 -15.52
CA GLY A 319 -2.45 -43.62 -14.89
C GLY A 319 -3.79 -43.20 -14.30
N ARG A 320 -4.80 -44.06 -14.41
CA ARG A 320 -6.10 -43.80 -13.80
C ARG A 320 -5.99 -43.91 -12.29
N ASN A 321 -5.14 -44.83 -11.83
CA ASN A 321 -4.89 -45.02 -10.41
C ASN A 321 -3.60 -44.37 -9.94
N GLY A 322 -3.41 -43.11 -10.34
CA GLY A 322 -2.26 -42.33 -9.91
C GLY A 322 -1.13 -42.32 -10.91
N VAL A 323 -0.31 -41.27 -10.84
CA VAL A 323 0.83 -41.05 -11.74
C VAL A 323 1.93 -42.09 -11.53
N GLU A 324 1.87 -42.79 -10.39
CA GLU A 324 2.89 -43.75 -9.99
C GLU A 324 3.00 -44.95 -10.93
N GLU A 325 1.88 -45.54 -11.31
CA GLU A 325 1.88 -46.72 -12.19
C GLU A 325 2.48 -46.43 -13.59
N ILE A 326 2.58 -45.15 -13.95
CA ILE A 326 3.30 -44.73 -15.16
C ILE A 326 4.81 -44.76 -14.91
N ARG A 327 5.24 -44.20 -13.77
CA ARG A 327 6.65 -44.05 -13.45
C ARG A 327 7.43 -45.36 -13.43
N GLN A 328 6.82 -46.40 -12.89
CA GLN A 328 7.50 -47.67 -12.70
C GLN A 328 7.39 -48.60 -13.91
N HIS A 329 6.65 -48.19 -14.92
CA HIS A 329 6.50 -48.98 -16.14
C HIS A 329 7.86 -49.34 -16.70
N PRO A 330 8.07 -50.63 -17.05
CA PRO A 330 9.34 -51.17 -17.53
C PRO A 330 10.03 -50.36 -18.63
N PHE A 331 9.24 -49.70 -19.47
CA PHE A 331 9.76 -48.88 -20.57
C PHE A 331 10.68 -47.78 -20.03
N PHE A 332 10.32 -47.22 -18.88
CA PHE A 332 11.06 -46.10 -18.28
C PHE A 332 12.29 -46.54 -17.48
N LYS A 333 12.71 -47.79 -17.63
CA LYS A 333 13.96 -48.26 -17.04
C LYS A 333 15.13 -47.78 -17.89
N ASN A 334 16.13 -47.22 -17.22
CA ASN A 334 17.31 -46.66 -17.89
C ASN A 334 18.47 -46.43 -16.93
N ASP A 335 19.61 -46.03 -17.48
CA ASP A 335 20.82 -45.79 -16.70
C ASP A 335 21.27 -44.32 -16.74
N GLN A 336 20.45 -43.46 -17.33
CA GLN A 336 20.83 -42.05 -17.56
C GLN A 336 20.09 -41.00 -16.72
N TRP A 337 18.91 -41.34 -16.21
CA TRP A 337 18.11 -40.41 -15.41
C TRP A 337 17.17 -41.11 -14.45
N HIS A 338 17.01 -40.55 -13.26
CA HIS A 338 15.96 -40.99 -12.34
C HIS A 338 14.81 -39.99 -12.45
N TRP A 339 13.70 -40.29 -11.79
CA TRP A 339 12.55 -39.39 -11.82
C TRP A 339 12.70 -38.18 -10.90
N ASP A 340 13.66 -38.26 -9.97
CA ASP A 340 13.94 -37.18 -9.02
C ASP A 340 14.67 -36.03 -9.69
N ASN A 341 15.54 -36.37 -10.63
CA ASN A 341 16.48 -35.40 -11.19
C ASN A 341 16.28 -35.08 -12.68
N ILE A 342 15.85 -36.07 -13.46
CA ILE A 342 15.76 -35.98 -14.94
C ILE A 342 16.15 -34.64 -15.55
N ARG A 343 15.43 -33.58 -15.15
CA ARG A 343 15.61 -32.23 -15.68
C ARG A 343 17.04 -31.66 -15.56
N GLU A 344 17.86 -32.26 -14.69
CA GLU A 344 19.26 -31.86 -14.55
C GLU A 344 20.25 -32.87 -15.12
N THR A 345 19.77 -33.77 -15.98
CA THR A 345 20.66 -34.61 -16.78
C THR A 345 20.86 -33.94 -18.14
N ALA A 346 21.78 -34.47 -18.94
CA ALA A 346 21.97 -33.98 -20.29
C ALA A 346 20.78 -34.36 -21.14
N ALA A 347 20.30 -33.42 -21.95
CA ALA A 347 19.19 -33.69 -22.86
C ALA A 347 19.68 -34.48 -24.07
N PRO A 348 18.79 -35.28 -24.69
CA PRO A 348 19.13 -35.99 -25.93
C PRO A 348 19.52 -35.05 -27.08
N VAL A 349 18.86 -33.90 -27.18
CA VAL A 349 19.25 -32.86 -28.13
C VAL A 349 19.43 -31.53 -27.42
N VAL A 350 20.69 -31.12 -27.27
CA VAL A 350 21.02 -29.79 -26.76
C VAL A 350 21.14 -28.84 -27.95
N PRO A 351 20.36 -27.74 -27.94
CA PRO A 351 20.32 -26.83 -29.08
C PRO A 351 21.59 -26.00 -29.22
N GLU A 352 22.02 -25.77 -30.46
CA GLU A 352 23.19 -24.95 -30.74
C GLU A 352 22.78 -23.50 -31.03
N LEU A 353 22.81 -22.66 -30.00
CA LEU A 353 22.44 -21.26 -30.14
C LEU A 353 23.66 -20.36 -30.28
N SER A 354 23.71 -19.61 -31.38
CA SER A 354 24.80 -18.69 -31.66
C SER A 354 24.68 -17.41 -30.84
N SER A 355 23.45 -16.96 -30.63
CA SER A 355 23.18 -15.72 -29.91
C SER A 355 21.85 -15.79 -29.16
N ASP A 356 21.56 -14.73 -28.40
CA ASP A 356 20.34 -14.66 -27.60
C ASP A 356 19.06 -14.48 -28.42
N ILE A 357 19.21 -14.21 -29.72
CA ILE A 357 18.05 -14.12 -30.64
C ILE A 357 18.06 -15.17 -31.74
N ASP A 358 18.85 -16.22 -31.54
CA ASP A 358 18.92 -17.35 -32.46
C ASP A 358 17.57 -18.07 -32.50
N SER A 359 16.97 -18.14 -33.67
CA SER A 359 15.69 -18.85 -33.86
C SER A 359 15.75 -19.90 -34.97
N SER A 360 16.93 -20.52 -35.13
CA SER A 360 17.18 -21.50 -36.21
C SER A 360 16.36 -22.78 -36.06
N ASN A 361 15.76 -22.95 -34.87
CA ASN A 361 14.88 -24.10 -34.62
C ASN A 361 13.41 -23.78 -34.89
N PHE A 362 13.15 -22.59 -35.45
CA PHE A 362 11.79 -22.16 -35.82
C PHE A 362 11.77 -21.74 -37.28
N ASP A 363 10.78 -22.23 -38.02
CA ASP A 363 10.61 -21.83 -39.42
C ASP A 363 9.96 -20.45 -39.49
N ASP A 364 10.43 -19.64 -40.42
CA ASP A 364 9.89 -18.29 -40.62
C ASP A 364 8.56 -18.33 -41.36
N ILE A 365 7.82 -17.21 -41.34
CA ILE A 365 6.48 -17.14 -41.93
C ILE A 365 6.18 -15.76 -42.55
N GLU A 366 5.36 -15.77 -43.60
CA GLU A 366 4.92 -14.55 -44.32
C GLU A 366 6.07 -13.65 -44.78
N GLU A 373 -7.54 -5.77 -40.09
CA GLU A 373 -8.85 -6.31 -39.74
C GLU A 373 -9.24 -5.98 -38.29
N THR A 374 -10.24 -5.11 -38.14
CA THR A 374 -10.62 -4.59 -36.81
C THR A 374 -12.14 -4.31 -36.64
N PHE A 375 -12.54 -3.87 -35.44
CA PHE A 375 -13.95 -3.62 -35.09
C PHE A 375 -14.63 -2.52 -35.90
N PRO A 376 -15.95 -2.67 -36.18
CA PRO A 376 -16.79 -1.58 -36.71
C PRO A 376 -17.25 -0.63 -35.61
N ILE A 377 -17.42 0.65 -35.96
CA ILE A 377 -17.89 1.67 -35.01
C ILE A 377 -19.36 1.42 -34.66
N PRO A 378 -19.65 1.22 -33.36
CA PRO A 378 -20.98 0.78 -32.95
C PRO A 378 -22.07 1.85 -32.96
N LYS A 379 -23.31 1.38 -32.92
CA LYS A 379 -24.51 2.21 -32.93
C LYS A 379 -24.82 2.58 -31.48
N ALA A 380 -25.11 1.54 -30.69
CA ALA A 380 -25.29 1.68 -29.24
C ALA A 380 -24.14 0.97 -28.53
N PHE A 381 -24.29 0.72 -27.23
CA PHE A 381 -23.24 0.06 -26.47
C PHE A 381 -23.11 -1.40 -26.87
N VAL A 382 -21.87 -1.84 -27.07
CA VAL A 382 -21.56 -3.21 -27.51
C VAL A 382 -20.64 -3.94 -26.53
N GLY A 383 -19.73 -3.18 -25.91
CA GLY A 383 -18.84 -3.74 -24.90
C GLY A 383 -17.81 -4.74 -25.41
N ASN A 384 -17.22 -4.43 -26.56
CA ASN A 384 -16.19 -5.29 -27.16
C ASN A 384 -14.95 -5.53 -26.29
N GLN A 385 -14.64 -4.59 -25.40
CA GLN A 385 -13.46 -4.70 -24.54
C GLN A 385 -13.80 -5.28 -23.16
N LEU A 386 -15.06 -5.61 -22.93
CA LEU A 386 -15.49 -6.12 -21.63
C LEU A 386 -14.97 -7.52 -21.30
N PRO A 387 -14.84 -8.41 -22.30
CA PRO A 387 -14.31 -9.75 -22.03
C PRO A 387 -12.83 -9.75 -21.64
N PHE A 388 -12.16 -8.62 -21.86
CA PHE A 388 -10.72 -8.50 -21.60
C PHE A 388 -10.36 -7.67 -20.36
N ILE A 389 -11.36 -7.12 -19.67
CA ILE A 389 -11.12 -6.39 -18.41
C ILE A 389 -10.51 -7.32 -17.37
N GLY A 390 -9.29 -7.02 -16.98
CA GLY A 390 -8.61 -7.78 -15.94
C GLY A 390 -7.51 -8.69 -16.45
N PHE A 391 -7.21 -8.59 -17.75
CA PHE A 391 -6.16 -9.41 -18.35
C PHE A 391 -4.78 -8.99 -17.85
N THR A 392 -4.62 -7.68 -17.62
CA THR A 392 -3.30 -7.10 -17.38
C THR A 392 -2.57 -7.68 -16.15
N TYR A 393 -1.34 -8.14 -16.40
CA TYR A 393 -0.47 -8.68 -15.36
C TYR A 393 0.96 -8.16 -15.52
N TYR A 394 1.60 -7.90 -14.38
CA TYR A 394 3.02 -7.55 -14.32
C TYR A 394 3.72 -8.39 -13.24
N ARG A 395 4.99 -8.68 -13.45
CA ARG A 395 5.81 -9.32 -12.42
C ARG A 395 6.24 -8.30 -11.38
N SER B 3 3.06 -19.62 -3.21
CA SER B 3 2.60 -18.30 -2.67
C SER B 3 3.74 -17.57 -1.95
N ARG B 4 3.80 -16.25 -2.14
CA ARG B 4 4.82 -15.41 -1.52
C ARG B 4 4.51 -15.08 -0.06
N GLN B 5 5.22 -14.09 0.47
CA GLN B 5 5.22 -13.75 1.89
C GLN B 5 3.97 -13.01 2.37
N ARG B 6 3.09 -12.65 1.43
CA ARG B 6 1.91 -11.79 1.66
C ARG B 6 1.40 -11.65 3.10
N LYS B 7 1.37 -12.76 3.83
CA LYS B 7 1.09 -12.75 5.28
C LYS B 7 1.84 -11.63 6.02
N LEU B 8 3.01 -11.27 5.50
CA LEU B 8 3.88 -10.25 6.08
C LEU B 8 3.35 -8.83 5.84
N GLU B 9 2.88 -8.57 4.63
CA GLU B 9 2.37 -7.23 4.29
C GLU B 9 1.04 -6.90 4.98
N ALA B 10 0.38 -7.93 5.52
CA ALA B 10 -0.81 -7.76 6.36
C ALA B 10 -0.42 -7.24 7.73
N LEU B 11 0.63 -7.84 8.30
CA LEU B 11 1.16 -7.44 9.61
C LEU B 11 1.51 -5.95 9.65
N ILE B 12 2.20 -5.45 8.62
CA ILE B 12 2.57 -4.03 8.51
C ILE B 12 1.33 -3.14 8.37
N ARG B 13 0.29 -3.70 7.75
CA ARG B 13 -0.94 -2.97 7.45
C ARG B 13 -1.77 -2.68 8.71
N ASP B 14 -2.05 -3.72 9.50
CA ASP B 14 -2.86 -3.64 10.71
C ASP B 14 -2.35 -2.57 11.70
N PRO B 15 -3.17 -1.53 11.98
CA PRO B 15 -2.75 -0.43 12.84
C PRO B 15 -2.60 -0.81 14.32
N ARG B 16 -3.20 -1.94 14.71
CA ARG B 16 -2.98 -2.45 16.07
C ARG B 16 -2.00 -3.63 16.09
N SER B 17 -1.05 -3.61 15.16
CA SER B 17 0.03 -4.58 15.12
C SER B 17 1.34 -3.93 15.56
N PRO B 18 2.15 -4.64 16.36
CA PRO B 18 3.40 -4.11 16.92
C PRO B 18 4.47 -3.75 15.88
N ILE B 19 4.34 -4.28 14.66
CA ILE B 19 5.30 -3.99 13.59
C ILE B 19 4.68 -3.22 12.43
N ASN B 20 3.66 -2.41 12.71
CA ASN B 20 3.10 -1.54 11.68
C ASN B 20 4.09 -0.39 11.36
N VAL B 21 3.86 0.29 10.24
CA VAL B 21 4.81 1.29 9.72
C VAL B 21 5.13 2.43 10.72
N GLU B 22 4.17 2.80 11.57
CA GLU B 22 4.39 3.82 12.60
C GLU B 22 5.34 3.34 13.69
N SER B 23 5.15 2.09 14.10
CA SER B 23 6.05 1.43 15.05
C SER B 23 7.44 1.26 14.45
N LEU B 24 7.49 0.88 13.18
CA LEU B 24 8.75 0.63 12.49
C LEU B 24 9.61 1.88 12.32
N LEU B 25 8.94 3.04 12.22
CA LEU B 25 9.63 4.33 12.14
C LEU B 25 10.15 4.79 13.50
N ASP B 26 9.47 4.39 14.56
CA ASP B 26 9.96 4.62 15.91
C ASP B 26 11.17 3.73 16.16
N GLY B 27 11.10 2.49 15.67
CA GLY B 27 12.18 1.51 15.78
C GLY B 27 13.47 1.95 15.10
N LEU B 28 13.39 3.02 14.32
CA LEU B 28 14.56 3.66 13.77
C LEU B 28 14.84 4.97 14.51
N ASN B 29 13.80 5.77 14.74
CA ASN B 29 13.95 7.08 15.38
C ASN B 29 14.52 7.01 16.80
N SER B 30 14.14 5.97 17.54
CA SER B 30 14.65 5.77 18.90
C SER B 30 16.10 5.32 18.89
N LEU B 31 16.45 4.48 17.92
CA LEU B 31 17.81 3.97 17.79
C LEU B 31 18.80 5.11 17.55
N VAL B 32 18.44 6.06 16.70
CA VAL B 32 19.26 7.26 16.48
C VAL B 32 19.34 8.13 17.74
N LEU B 33 18.20 8.30 18.43
CA LEU B 33 18.14 9.10 19.65
C LEU B 33 18.85 8.48 20.85
N ASP B 34 19.20 7.20 20.74
CA ASP B 34 19.92 6.49 21.81
C ASP B 34 21.41 6.32 21.52
N LEU B 35 21.80 6.59 20.27
CA LEU B 35 23.18 6.42 19.82
C LEU B 35 23.92 7.73 19.57
N ASP B 36 23.17 8.80 19.30
CA ASP B 36 23.76 10.09 18.92
C ASP B 36 24.28 10.85 20.14
N PHE B 37 25.34 10.31 20.73
CA PHE B 37 26.05 10.94 21.84
C PHE B 37 27.54 10.82 21.56
N PRO B 38 28.34 11.80 22.04
CA PRO B 38 29.74 11.88 21.64
C PRO B 38 30.54 10.63 22.04
N ALA B 39 30.33 10.17 23.28
CA ALA B 39 31.00 8.98 23.81
C ALA B 39 30.76 7.76 22.92
N LEU B 40 29.49 7.50 22.63
CA LEU B 40 29.07 6.34 21.85
C LEU B 40 29.62 6.32 20.41
N ARG B 41 29.86 7.51 19.86
CA ARG B 41 30.35 7.63 18.49
C ARG B 41 31.75 7.08 18.26
N LYS B 42 32.54 6.94 19.33
CA LYS B 42 33.85 6.29 19.25
C LYS B 42 33.75 4.90 18.63
N ASN B 43 32.57 4.30 18.78
CA ASN B 43 32.25 3.01 18.17
C ASN B 43 32.11 3.19 16.67
N LYS B 44 32.87 2.40 15.91
CA LYS B 44 32.81 2.42 14.44
C LYS B 44 31.41 2.11 13.93
N ASN B 45 30.84 0.99 14.40
CA ASN B 45 29.53 0.54 13.97
C ASN B 45 28.40 1.54 14.27
N ILE B 46 28.50 2.20 15.42
CA ILE B 46 27.51 3.22 15.81
C ILE B 46 27.67 4.51 15.02
N ASP B 47 28.90 4.81 14.61
CA ASP B 47 29.17 5.99 13.78
C ASP B 47 28.78 5.72 12.31
N ASN B 48 29.16 4.54 11.81
CA ASN B 48 28.80 4.10 10.46
C ASN B 48 27.31 4.09 10.22
N PHE B 49 26.55 3.68 11.24
CA PHE B 49 25.09 3.65 11.17
C PHE B 49 24.50 5.06 11.15
N LEU B 50 24.90 5.89 12.10
CA LEU B 50 24.36 7.25 12.24
C LEU B 50 24.70 8.15 11.06
N ASN B 51 25.86 7.93 10.44
CA ASN B 51 26.26 8.71 9.29
C ASN B 51 25.43 8.43 8.05
N ARG B 52 24.88 7.22 7.95
CA ARG B 52 24.02 6.85 6.84
C ARG B 52 22.59 7.32 7.03
N TYR B 53 22.16 7.41 8.29
CA TYR B 53 20.74 7.61 8.60
C TYR B 53 20.35 8.94 9.22
N GLU B 54 21.33 9.72 9.67
CA GLU B 54 21.03 10.92 10.46
C GLU B 54 20.15 11.94 9.74
N LYS B 55 20.53 12.30 8.51
CA LYS B 55 19.79 13.30 7.73
C LYS B 55 18.33 12.92 7.53
N ILE B 56 18.11 11.70 7.01
CA ILE B 56 16.77 11.19 6.71
C ILE B 56 15.89 11.09 7.97
N VAL B 57 16.49 10.66 9.08
CA VAL B 57 15.77 10.56 10.36
C VAL B 57 15.35 11.96 10.83
N LYS B 58 16.22 12.95 10.64
CA LYS B 58 15.91 14.34 10.96
C LYS B 58 14.82 14.88 10.04
N LYS B 59 14.83 14.45 8.78
CA LYS B 59 13.82 14.84 7.80
C LYS B 59 12.44 14.32 8.20
N ILE B 60 12.37 13.02 8.52
CA ILE B 60 11.12 12.37 8.91
C ILE B 60 10.50 13.04 10.13
N ARG B 61 11.34 13.30 11.13
CA ARG B 61 10.93 14.01 12.33
C ARG B 61 10.27 15.35 11.97
N GLY B 62 10.76 15.97 10.90
CA GLY B 62 10.20 17.22 10.38
C GLY B 62 8.77 17.06 9.92
N LEU B 63 8.45 15.91 9.31
CA LEU B 63 7.10 15.63 8.84
C LEU B 63 6.20 15.15 9.98
N GLN B 64 6.80 14.33 10.86
CA GLN B 64 6.13 13.76 12.03
C GLN B 64 5.30 14.81 12.78
N MET B 65 4.12 14.41 13.26
CA MET B 65 3.29 15.34 14.04
C MET B 65 4.06 15.77 15.28
N LYS B 66 4.47 17.04 15.27
CA LYS B 66 5.22 17.61 16.38
C LYS B 66 4.27 18.29 17.36
N ALA B 67 4.77 18.60 18.54
CA ALA B 67 3.99 19.32 19.55
C ALA B 67 3.71 20.77 19.14
N GLU B 68 4.56 21.33 18.28
CA GLU B 68 4.39 22.71 17.81
C GLU B 68 3.19 22.89 16.88
N ASP B 69 2.72 21.77 16.32
CA ASP B 69 1.56 21.78 15.43
C ASP B 69 0.33 22.35 16.13
N TYR B 70 0.35 22.32 17.46
CA TYR B 70 -0.77 22.78 18.28
C TYR B 70 -0.47 24.08 19.02
N ASP B 71 -1.49 24.92 19.17
CA ASP B 71 -1.47 26.05 20.08
C ASP B 71 -1.86 25.56 21.46
N VAL B 72 -1.23 26.10 22.50
CA VAL B 72 -1.65 25.77 23.86
C VAL B 72 -2.52 26.88 24.43
N VAL B 73 -3.80 26.59 24.60
CA VAL B 73 -4.77 27.56 25.08
C VAL B 73 -4.54 27.82 26.56
N LYS B 74 -4.59 26.76 27.36
CA LYS B 74 -4.23 26.82 28.78
C LYS B 74 -4.12 25.43 29.39
N VAL B 75 -3.44 25.35 30.53
CA VAL B 75 -3.28 24.09 31.26
C VAL B 75 -4.51 23.84 32.12
N ILE B 76 -5.17 22.71 31.86
CA ILE B 76 -6.46 22.38 32.47
C ILE B 76 -6.34 21.23 33.46
N GLY B 77 -5.19 20.58 33.46
CA GLY B 77 -4.91 19.47 34.37
C GLY B 77 -3.42 19.24 34.57
N ARG B 78 -3.09 18.44 35.58
CA ARG B 78 -1.70 18.03 35.80
C ARG B 78 -1.67 16.62 36.36
N GLY B 79 -1.37 15.66 35.47
CA GLY B 79 -1.24 14.26 35.85
C GLY B 79 0.05 14.00 36.59
N ALA B 80 0.26 12.74 36.98
CA ALA B 80 1.45 12.34 37.71
C ALA B 80 2.73 12.58 36.91
N PHE B 81 2.66 12.34 35.60
CA PHE B 81 3.85 12.35 34.74
C PHE B 81 3.94 13.58 33.81
N GLY B 82 3.02 14.52 34.00
CA GLY B 82 2.97 15.72 33.17
C GLY B 82 1.55 16.24 33.03
N GLU B 83 1.42 17.39 32.39
CA GLU B 83 0.15 18.12 32.34
C GLU B 83 -0.82 17.67 31.24
N VAL B 84 -2.08 18.04 31.42
CA VAL B 84 -3.10 17.92 30.39
C VAL B 84 -3.42 19.34 29.90
N GLN B 85 -3.23 19.57 28.61
CA GLN B 85 -3.38 20.90 28.01
C GLN B 85 -4.61 20.97 27.11
N LEU B 86 -5.34 22.08 27.21
CA LEU B 86 -6.36 22.40 26.25
C LEU B 86 -5.65 23.02 25.06
N VAL B 87 -5.68 22.34 23.93
CA VAL B 87 -4.92 22.78 22.74
C VAL B 87 -5.82 23.06 21.55
N ARG B 88 -5.35 23.90 20.64
CA ARG B 88 -5.99 24.08 19.35
C ARG B 88 -4.97 23.82 18.24
N HIS B 89 -5.28 22.84 17.39
CA HIS B 89 -4.42 22.53 16.26
C HIS B 89 -4.44 23.69 15.28
N LYS B 90 -3.25 24.16 14.88
CA LYS B 90 -3.11 25.36 14.07
C LYS B 90 -3.64 25.19 12.65
N ALA B 91 -3.34 24.04 12.03
CA ALA B 91 -3.81 23.75 10.67
C ALA B 91 -5.33 23.58 10.60
N SER B 92 -5.86 22.61 11.36
CA SER B 92 -7.29 22.30 11.33
C SER B 92 -8.14 23.35 12.06
N GLN B 93 -7.63 23.83 13.19
CA GLN B 93 -8.32 24.78 14.07
C GLN B 93 -9.26 24.06 15.04
N LYS B 94 -9.19 22.75 15.04
CA LYS B 94 -9.99 21.92 15.94
C LYS B 94 -9.40 21.96 17.36
N VAL B 95 -10.27 22.03 18.36
CA VAL B 95 -9.84 22.09 19.75
C VAL B 95 -9.77 20.67 20.37
N TYR B 96 -8.60 20.35 20.93
CA TYR B 96 -8.40 19.06 21.59
C TYR B 96 -7.91 19.23 23.04
N ALA B 97 -7.72 18.09 23.71
CA ALA B 97 -7.13 18.04 25.04
C ALA B 97 -5.91 17.12 25.00
N MET B 98 -4.75 17.66 25.34
CA MET B 98 -3.49 16.93 25.14
C MET B 98 -2.79 16.59 26.44
N LYS B 99 -2.71 15.29 26.74
CA LYS B 99 -1.95 14.83 27.90
C LYS B 99 -0.47 14.61 27.55
N LEU B 100 0.41 15.21 28.36
CA LEU B 100 1.86 15.00 28.24
C LEU B 100 2.33 14.01 29.29
N LEU B 101 3.24 13.13 28.87
CA LEU B 101 3.82 12.16 29.78
C LEU B 101 5.34 12.19 29.63
N SER B 102 6.00 12.82 30.58
CA SER B 102 7.46 12.92 30.57
C SER B 102 8.09 11.53 30.50
N LYS B 103 8.96 11.34 29.51
CA LYS B 103 9.69 10.09 29.34
C LYS B 103 10.74 9.93 30.44
N PHE B 104 11.40 11.04 30.79
CA PHE B 104 12.41 11.05 31.85
C PHE B 104 11.82 10.69 33.22
N GLU B 105 10.61 11.18 33.50
CA GLU B 105 9.93 10.92 34.76
C GLU B 105 9.39 9.49 34.87
N MET B 106 9.25 8.81 33.73
CA MET B 106 8.74 7.45 33.69
C MET B 106 9.86 6.42 33.82
N ILE B 107 11.06 6.80 33.36
CA ILE B 107 12.24 5.98 33.52
C ILE B 107 12.74 6.07 34.96
N LYS B 108 12.71 7.29 35.52
CA LYS B 108 13.05 7.54 36.92
C LYS B 108 12.15 6.78 37.89
N ARG B 109 10.85 6.73 37.59
CA ARG B 109 9.88 5.99 38.39
C ARG B 109 10.01 4.47 38.22
N SER B 110 10.76 4.06 37.20
CA SER B 110 10.86 2.65 36.77
C SER B 110 9.48 2.09 36.39
N ASP B 111 8.51 3.01 36.26
CA ASP B 111 7.15 2.71 35.85
C ASP B 111 6.90 3.38 34.49
N SER B 112 7.04 2.59 33.42
CA SER B 112 6.97 3.12 32.05
C SER B 112 6.43 2.12 31.01
N ALA B 113 5.31 1.47 31.32
CA ALA B 113 4.66 0.53 30.40
C ALA B 113 3.15 0.49 30.60
N PHE B 114 2.61 1.50 31.28
CA PHE B 114 1.18 1.57 31.62
C PHE B 114 0.36 2.19 30.50
N PHE B 115 0.96 3.12 29.77
CA PHE B 115 0.28 3.91 28.76
C PHE B 115 -0.24 3.07 27.59
N TRP B 116 0.35 1.89 27.41
CA TRP B 116 -0.04 1.00 26.32
C TRP B 116 -1.52 0.67 26.42
N GLU B 117 -1.96 0.26 27.60
CA GLU B 117 -3.37 0.01 27.87
C GLU B 117 -4.17 1.29 27.65
N GLU B 118 -3.64 2.40 28.17
CA GLU B 118 -4.31 3.69 28.13
C GLU B 118 -4.58 4.13 26.68
N ARG B 119 -3.51 4.31 25.92
CA ARG B 119 -3.60 4.65 24.50
C ARG B 119 -4.51 3.68 23.77
N ASP B 120 -4.22 2.40 23.91
CA ASP B 120 -4.97 1.35 23.21
C ASP B 120 -6.49 1.42 23.44
N ILE B 121 -6.89 1.59 24.70
CA ILE B 121 -8.31 1.65 25.06
C ILE B 121 -9.00 2.88 24.45
N MET B 122 -8.42 4.06 24.65
CA MET B 122 -9.09 5.27 24.17
C MET B 122 -8.91 5.52 22.67
N ALA B 123 -8.08 4.72 22.02
CA ALA B 123 -7.92 4.80 20.57
C ALA B 123 -8.79 3.81 19.80
N PHE B 124 -9.16 2.70 20.44
CA PHE B 124 -9.87 1.62 19.75
C PHE B 124 -11.17 1.17 20.41
N ALA B 125 -11.61 1.86 21.46
CA ALA B 125 -12.82 1.46 22.18
C ALA B 125 -14.10 1.73 21.40
N ASN B 126 -14.11 2.82 20.64
CA ASN B 126 -15.31 3.28 19.92
C ASN B 126 -16.60 3.21 20.75
N SER B 127 -16.46 3.57 22.03
CA SER B 127 -17.58 3.63 22.94
C SER B 127 -17.91 5.08 23.27
N PRO B 128 -19.21 5.40 23.41
CA PRO B 128 -19.65 6.72 23.84
C PRO B 128 -19.24 7.01 25.28
N TRP B 129 -18.89 5.95 26.00
CA TRP B 129 -18.48 6.06 27.42
C TRP B 129 -16.98 6.23 27.60
N VAL B 130 -16.22 6.07 26.51
CA VAL B 130 -14.76 6.21 26.55
C VAL B 130 -14.28 7.47 25.81
N VAL B 131 -13.51 8.31 26.51
CA VAL B 131 -12.85 9.48 25.91
C VAL B 131 -11.99 9.01 24.75
N GLN B 132 -12.07 9.70 23.63
CA GLN B 132 -11.50 9.25 22.37
C GLN B 132 -10.10 9.82 22.09
N LEU B 133 -9.18 8.96 21.64
CA LEU B 133 -7.83 9.38 21.24
C LEU B 133 -7.74 9.51 19.74
N PHE B 134 -7.35 10.68 19.28
CA PHE B 134 -7.15 10.90 17.85
C PHE B 134 -5.72 10.58 17.46
N TYR B 135 -4.77 11.23 18.11
CA TYR B 135 -3.37 11.01 17.79
C TYR B 135 -2.52 10.70 19.01
N ALA B 136 -1.54 9.83 18.83
CA ALA B 136 -0.48 9.62 19.81
C ALA B 136 0.86 9.83 19.13
N PHE B 137 1.65 10.75 19.65
CA PHE B 137 2.99 11.02 19.13
C PHE B 137 4.00 11.30 20.25
N GLN B 138 5.27 11.47 19.89
CA GLN B 138 6.32 11.61 20.88
C GLN B 138 7.49 12.44 20.38
N ASP B 139 8.33 12.88 21.30
CA ASP B 139 9.65 13.40 20.98
C ASP B 139 10.64 12.88 22.03
N ASP B 140 11.90 13.27 21.90
CA ASP B 140 12.95 12.85 22.83
C ASP B 140 12.55 12.95 24.30
N ARG B 141 11.74 13.96 24.64
CA ARG B 141 11.42 14.29 26.02
C ARG B 141 10.04 13.84 26.52
N TYR B 142 9.03 13.96 25.67
CA TYR B 142 7.64 13.70 26.08
C TYR B 142 6.89 12.63 25.27
N LEU B 143 5.77 12.20 25.84
CA LEU B 143 4.87 11.27 25.20
C LEU B 143 3.48 11.92 25.19
N TYR B 144 2.94 12.14 23.99
CA TYR B 144 1.74 12.95 23.82
C TYR B 144 0.49 12.15 23.47
N MET B 145 -0.66 12.64 23.90
CA MET B 145 -1.94 12.02 23.60
C MET B 145 -3.00 13.08 23.32
N VAL B 146 -3.47 13.12 22.08
CA VAL B 146 -4.49 14.08 21.66
C VAL B 146 -5.88 13.45 21.77
N MET B 147 -6.66 13.94 22.72
CA MET B 147 -7.97 13.38 23.03
C MET B 147 -9.06 14.40 22.81
N GLU B 148 -10.29 13.94 22.60
CA GLU B 148 -11.40 14.87 22.48
C GLU B 148 -11.61 15.58 23.80
N TYR B 149 -11.72 16.90 23.72
CA TYR B 149 -11.86 17.76 24.89
C TYR B 149 -13.21 17.58 25.58
N MET B 150 -13.20 17.52 26.89
CA MET B 150 -14.41 17.32 27.68
C MET B 150 -14.73 18.58 28.49
N PRO B 151 -15.45 19.54 27.88
CA PRO B 151 -15.61 20.89 28.44
C PRO B 151 -16.37 20.94 29.77
N GLY B 152 -17.10 19.87 30.08
CA GLY B 152 -17.95 19.83 31.27
C GLY B 152 -17.21 19.62 32.57
N GLY B 153 -15.90 19.37 32.49
CA GLY B 153 -15.09 19.09 33.68
C GLY B 153 -15.32 17.68 34.22
N ASP B 154 -14.85 17.45 35.44
CA ASP B 154 -14.97 16.14 36.07
C ASP B 154 -15.93 16.13 37.25
N LEU B 155 -16.23 14.93 37.76
CA LEU B 155 -17.21 14.77 38.84
C LEU B 155 -16.74 15.26 40.19
N VAL B 156 -15.42 15.26 40.41
CA VAL B 156 -14.84 15.78 41.66
C VAL B 156 -15.07 17.31 41.76
N ASN B 157 -15.38 17.93 40.62
CA ASN B 157 -15.71 19.35 40.53
C ASN B 157 -17.21 19.61 40.68
N LEU B 158 -18.02 18.67 40.19
CA LEU B 158 -19.49 18.76 40.28
C LEU B 158 -19.94 18.68 41.73
N MET B 159 -19.38 17.71 42.46
CA MET B 159 -19.79 17.43 43.84
C MET B 159 -19.47 18.57 44.81
N SER B 160 -18.45 19.35 44.48
CA SER B 160 -18.07 20.51 45.29
C SER B 160 -18.55 21.83 44.69
N ASN B 161 -19.64 21.76 43.92
CA ASN B 161 -20.31 22.95 43.40
C ASN B 161 -21.82 22.85 43.56
N TYR B 162 -22.31 21.64 43.76
CA TYR B 162 -23.72 21.38 43.97
C TYR B 162 -23.92 20.41 45.11
N ASP B 163 -25.07 20.47 45.75
CA ASP B 163 -25.51 19.41 46.64
C ASP B 163 -26.29 18.40 45.81
N VAL B 164 -25.62 17.33 45.41
CA VAL B 164 -26.19 16.30 44.55
C VAL B 164 -27.38 15.60 45.22
N PRO B 165 -28.61 15.86 44.71
CA PRO B 165 -29.75 15.10 45.20
C PRO B 165 -29.72 13.66 44.70
N GLU B 166 -30.51 12.79 45.32
CA GLU B 166 -30.54 11.38 44.95
C GLU B 166 -31.07 11.19 43.53
N LYS B 167 -31.73 12.22 43.02
CA LYS B 167 -32.18 12.30 41.63
C LYS B 167 -30.96 12.28 40.69
N TRP B 168 -29.97 13.12 40.99
CA TRP B 168 -28.75 13.23 40.20
C TRP B 168 -27.90 11.97 40.35
N ALA B 169 -27.63 11.59 41.60
CA ALA B 169 -26.82 10.41 41.91
C ALA B 169 -27.25 9.16 41.12
N LYS B 170 -28.56 8.97 40.98
CA LYS B 170 -29.13 7.87 40.19
C LYS B 170 -28.58 7.86 38.78
N PHE B 171 -28.50 9.05 38.21
CA PHE B 171 -28.06 9.26 36.83
C PHE B 171 -26.59 8.90 36.63
N TYR B 172 -25.70 9.56 37.37
CA TYR B 172 -24.27 9.40 37.19
C TYR B 172 -23.80 7.99 37.50
N THR B 173 -24.28 7.45 38.61
CA THR B 173 -23.96 6.06 39.00
C THR B 173 -24.32 5.09 37.88
N ALA B 174 -25.48 5.31 37.27
CA ALA B 174 -25.94 4.51 36.15
C ALA B 174 -24.99 4.64 34.96
N GLU B 175 -24.64 5.88 34.63
CA GLU B 175 -23.72 6.16 33.55
C GLU B 175 -22.36 5.54 33.79
N VAL B 176 -21.89 5.60 35.04
CA VAL B 176 -20.65 4.94 35.45
C VAL B 176 -20.78 3.43 35.29
N VAL B 177 -21.92 2.88 35.72
CA VAL B 177 -22.19 1.44 35.62
C VAL B 177 -22.12 0.96 34.16
N LEU B 178 -22.78 1.70 33.28
CA LEU B 178 -22.73 1.38 31.85
C LEU B 178 -21.32 1.56 31.30
N ALA B 179 -20.70 2.66 31.68
CA ALA B 179 -19.34 2.98 31.23
C ALA B 179 -18.36 1.89 31.62
N LEU B 180 -18.47 1.43 32.86
CA LEU B 180 -17.62 0.37 33.37
C LEU B 180 -17.93 -0.97 32.74
N ASP B 181 -19.22 -1.24 32.53
CA ASP B 181 -19.65 -2.45 31.84
C ASP B 181 -19.05 -2.48 30.44
N ALA B 182 -19.06 -1.32 29.78
CA ALA B 182 -18.45 -1.14 28.48
C ALA B 182 -16.95 -1.49 28.53
N ILE B 183 -16.28 -1.03 29.58
CA ILE B 183 -14.85 -1.33 29.77
C ILE B 183 -14.62 -2.82 30.01
N HIS B 184 -15.49 -3.43 30.82
CA HIS B 184 -15.40 -4.87 31.07
C HIS B 184 -15.63 -5.66 29.79
N SER B 185 -16.52 -5.17 28.93
CA SER B 185 -16.81 -5.79 27.65
C SER B 185 -15.62 -5.75 26.68
N MET B 186 -14.69 -4.83 26.92
CA MET B 186 -13.42 -4.83 26.19
C MET B 186 -12.43 -5.84 26.80
N GLY B 187 -12.86 -6.53 27.85
CA GLY B 187 -12.06 -7.55 28.53
C GLY B 187 -11.15 -7.00 29.62
N LEU B 188 -11.49 -5.81 30.13
CA LEU B 188 -10.60 -5.06 31.02
C LEU B 188 -11.23 -4.69 32.36
N ILE B 189 -10.42 -4.75 33.42
CA ILE B 189 -10.80 -4.24 34.73
C ILE B 189 -10.16 -2.86 34.90
N HIS B 190 -10.92 -1.88 35.37
CA HIS B 190 -10.43 -0.50 35.47
C HIS B 190 -9.41 -0.35 36.60
N ARG B 191 -9.81 -0.66 37.83
CA ARG B 191 -8.95 -0.62 39.01
C ARG B 191 -8.68 0.77 39.60
N ASP B 192 -9.15 1.81 38.93
CA ASP B 192 -8.99 3.19 39.41
C ASP B 192 -10.24 4.01 39.09
N VAL B 193 -11.40 3.49 39.46
CA VAL B 193 -12.65 4.21 39.26
C VAL B 193 -12.77 5.28 40.33
N LYS B 194 -12.75 6.53 39.90
CA LYS B 194 -12.89 7.68 40.81
C LYS B 194 -13.41 8.89 40.04
N PRO B 195 -14.07 9.83 40.74
CA PRO B 195 -14.64 11.04 40.12
C PRO B 195 -13.64 11.87 39.31
N ASP B 196 -12.37 11.84 39.69
CA ASP B 196 -11.29 12.48 38.92
C ASP B 196 -11.13 11.88 37.51
N ASN B 197 -11.62 10.66 37.33
CA ASN B 197 -11.56 9.96 36.04
C ASN B 197 -12.92 9.90 35.35
N MET B 198 -13.91 10.50 35.99
CA MET B 198 -15.26 10.62 35.44
C MET B 198 -15.41 12.02 34.84
N LEU B 199 -15.38 12.08 33.51
CA LEU B 199 -15.45 13.37 32.81
C LEU B 199 -16.82 13.60 32.19
N LEU B 200 -17.12 14.88 31.92
CA LEU B 200 -18.42 15.27 31.38
C LEU B 200 -18.22 16.08 30.11
N ASP B 201 -19.03 15.79 29.09
CA ASP B 201 -18.86 16.41 27.77
C ASP B 201 -19.74 17.63 27.54
N LYS B 202 -19.57 18.22 26.36
CA LYS B 202 -20.56 19.02 25.67
C LYS B 202 -21.90 19.17 26.42
N HIS B 203 -22.61 18.05 26.59
CA HIS B 203 -23.99 18.04 27.03
C HIS B 203 -24.21 17.61 28.49
N GLY B 204 -23.11 17.44 29.22
CA GLY B 204 -23.16 17.10 30.64
C GLY B 204 -23.21 15.60 30.90
N HIS B 205 -22.82 14.82 29.91
CA HIS B 205 -22.83 13.37 29.98
C HIS B 205 -21.43 12.78 30.20
N LEU B 206 -21.39 11.68 30.95
CA LEU B 206 -20.14 11.08 31.43
C LEU B 206 -19.33 10.34 30.36
N LYS B 207 -18.00 10.43 30.48
CA LYS B 207 -17.09 9.51 29.81
C LYS B 207 -15.97 9.17 30.79
N LEU B 208 -15.46 7.94 30.73
CA LEU B 208 -14.32 7.54 31.55
C LEU B 208 -12.99 7.92 30.92
N ALA B 209 -12.00 8.19 31.77
CA ALA B 209 -10.65 8.54 31.31
C ALA B 209 -9.59 7.93 32.23
N ASP B 210 -8.33 8.10 31.85
CA ASP B 210 -7.17 7.58 32.60
C ASP B 210 -7.23 6.07 32.82
N PHE B 211 -6.61 5.33 31.91
CA PHE B 211 -6.67 3.88 31.94
C PHE B 211 -5.33 3.24 32.26
N GLY B 212 -4.33 4.07 32.57
CA GLY B 212 -2.98 3.58 32.88
C GLY B 212 -2.94 2.87 34.22
N THR B 213 -3.75 1.81 34.32
CA THR B 213 -4.05 1.15 35.58
C THR B 213 -4.94 -0.07 35.31
N CYS B 214 -5.41 -0.19 34.06
CA CYS B 214 -6.27 -1.28 33.63
C CYS B 214 -5.49 -2.56 33.35
N MET B 215 -6.20 -3.68 33.33
CA MET B 215 -5.58 -4.98 33.06
C MET B 215 -6.53 -5.90 32.31
N LYS B 216 -5.99 -6.65 31.35
CA LYS B 216 -6.75 -7.61 30.56
C LYS B 216 -7.08 -8.88 31.37
N MET B 217 -8.37 -9.23 31.36
CA MET B 217 -8.89 -10.33 32.16
C MET B 217 -8.39 -11.72 31.74
N ASP B 218 -8.71 -12.73 32.56
CA ASP B 218 -8.29 -14.12 32.35
C ASP B 218 -9.03 -14.80 31.20
N GLU B 219 -8.64 -16.06 30.95
CA GLU B 219 -9.40 -16.97 30.11
C GLU B 219 -10.80 -17.15 30.71
N THR B 220 -10.92 -16.85 32.00
CA THR B 220 -12.17 -16.93 32.73
C THR B 220 -12.77 -15.53 32.98
N GLY B 221 -11.99 -14.65 33.62
CA GLY B 221 -12.43 -13.29 33.89
C GLY B 221 -11.82 -12.67 35.13
N MET B 222 -10.67 -13.20 35.55
CA MET B 222 -9.96 -12.74 36.74
C MET B 222 -8.62 -12.11 36.35
N VAL B 223 -7.83 -11.72 37.34
CA VAL B 223 -6.44 -11.27 37.11
C VAL B 223 -5.48 -11.80 38.18
N HIS B 224 -4.18 -11.78 37.86
CA HIS B 224 -3.12 -12.11 38.81
C HIS B 224 -2.20 -10.90 38.98
N CYS B 225 -2.28 -10.26 40.15
CA CYS B 225 -1.47 -9.08 40.42
C CYS B 225 -0.90 -9.09 41.84
N ASP B 226 0.41 -8.92 41.95
CA ASP B 226 1.07 -8.78 43.25
C ASP B 226 0.91 -7.37 43.80
N THR B 227 0.79 -6.40 42.88
CA THR B 227 0.69 -4.99 43.24
C THR B 227 -0.74 -4.58 43.58
N ALA B 228 -0.88 -3.70 44.56
CA ALA B 228 -2.16 -3.14 44.96
C ALA B 228 -2.34 -1.75 44.34
N VAL B 229 -2.48 -1.70 43.02
CA VAL B 229 -2.61 -0.44 42.28
C VAL B 229 -4.01 0.18 42.39
N GLY B 230 -4.05 1.51 42.49
CA GLY B 230 -5.30 2.25 42.63
C GLY B 230 -5.20 3.31 43.71
N THR B 231 -5.97 4.39 43.54
CA THR B 231 -5.94 5.52 44.50
C THR B 231 -6.64 5.18 45.82
N PRO B 232 -6.00 5.51 46.97
CA PRO B 232 -6.35 5.04 48.32
C PRO B 232 -7.84 4.90 48.68
N ASP B 233 -8.57 6.01 48.75
CA ASP B 233 -9.98 6.01 49.19
C ASP B 233 -10.89 5.02 48.47
N TYR B 234 -10.64 4.85 47.18
CA TYR B 234 -11.50 4.06 46.30
C TYR B 234 -10.97 2.63 46.07
N ILE B 235 -9.80 2.33 46.64
CA ILE B 235 -9.19 1.01 46.54
C ILE B 235 -10.09 -0.03 47.21
N SER B 236 -10.23 -1.19 46.57
CA SER B 236 -11.08 -2.27 47.07
C SER B 236 -10.32 -3.18 48.00
N PRO B 237 -11.02 -3.83 48.96
CA PRO B 237 -10.32 -4.68 49.93
C PRO B 237 -9.50 -5.76 49.21
N GLU B 238 -10.12 -6.45 48.27
CA GLU B 238 -9.46 -7.53 47.52
C GLU B 238 -8.15 -7.11 46.86
N VAL B 239 -8.13 -5.94 46.23
CA VAL B 239 -6.95 -5.44 45.52
C VAL B 239 -5.91 -4.94 46.52
N LEU B 240 -6.38 -4.39 47.65
CA LEU B 240 -5.51 -3.98 48.73
C LEU B 240 -4.87 -5.19 49.40
N LYS B 241 -5.68 -6.21 49.66
CA LYS B 241 -5.25 -7.48 50.26
C LYS B 241 -4.38 -8.28 49.27
N SER B 242 -4.29 -7.78 48.04
CA SER B 242 -3.54 -8.44 46.97
C SER B 242 -2.03 -8.16 47.06
N GLN B 243 -1.65 -7.24 47.93
CA GLN B 243 -0.25 -6.85 48.09
C GLN B 243 0.59 -7.98 48.67
N GLY B 244 0.02 -8.75 49.59
CA GLY B 244 0.74 -9.84 50.27
C GLY B 244 0.89 -11.10 49.44
N GLY B 245 1.37 -10.95 48.20
CA GLY B 245 1.62 -12.09 47.32
C GLY B 245 0.41 -12.53 46.52
N ASP B 246 0.62 -12.69 45.22
CA ASP B 246 -0.39 -13.18 44.24
C ASP B 246 -1.88 -13.09 44.62
N GLY B 247 -2.49 -11.96 44.29
CA GLY B 247 -3.92 -11.76 44.47
C GLY B 247 -4.68 -12.32 43.28
N TYR B 248 -5.94 -12.68 43.51
CA TYR B 248 -6.78 -13.29 42.48
C TYR B 248 -8.20 -12.73 42.54
N TYR B 249 -8.40 -11.57 41.89
CA TYR B 249 -9.67 -10.85 41.93
C TYR B 249 -10.27 -10.64 40.54
N GLY B 250 -11.56 -10.34 40.52
CA GLY B 250 -12.29 -10.12 39.27
C GLY B 250 -12.71 -8.67 39.11
N ARG B 251 -13.74 -8.46 38.29
CA ARG B 251 -14.22 -7.11 37.97
C ARG B 251 -14.90 -6.42 39.15
N GLU B 252 -15.47 -7.21 40.06
CA GLU B 252 -16.27 -6.67 41.17
C GLU B 252 -15.54 -5.64 42.03
N CYS B 253 -14.23 -5.51 41.83
CA CYS B 253 -13.44 -4.48 42.51
C CYS B 253 -13.81 -3.10 41.98
N ASP B 254 -14.19 -3.04 40.70
CA ASP B 254 -14.69 -1.80 40.10
C ASP B 254 -16.02 -1.42 40.74
N TRP B 255 -16.86 -2.41 40.99
CA TRP B 255 -18.17 -2.16 41.58
C TRP B 255 -18.04 -1.63 42.99
N TRP B 256 -17.03 -2.09 43.72
CA TRP B 256 -16.70 -1.54 45.02
C TRP B 256 -16.49 -0.04 44.88
N SER B 257 -15.62 0.33 43.93
CA SER B 257 -15.27 1.72 43.69
C SER B 257 -16.49 2.57 43.37
N VAL B 258 -17.50 1.96 42.73
CA VAL B 258 -18.77 2.61 42.44
C VAL B 258 -19.55 2.84 43.73
N GLY B 259 -19.42 1.90 44.66
CA GLY B 259 -20.03 2.01 45.99
C GLY B 259 -19.48 3.22 46.73
N VAL B 260 -18.14 3.29 46.78
CA VAL B 260 -17.44 4.42 47.42
C VAL B 260 -17.86 5.73 46.75
N PHE B 261 -17.89 5.72 45.42
CA PHE B 261 -18.33 6.88 44.65
C PHE B 261 -19.70 7.37 45.08
N LEU B 262 -20.68 6.46 45.10
CA LEU B 262 -22.07 6.81 45.42
C LEU B 262 -22.22 7.33 46.85
N TYR B 263 -21.48 6.74 47.78
CA TYR B 263 -21.45 7.18 49.17
C TYR B 263 -20.92 8.62 49.23
N GLU B 264 -19.77 8.85 48.62
CA GLU B 264 -19.13 10.17 48.62
C GLU B 264 -20.06 11.25 48.10
N MET B 265 -20.80 10.90 47.05
CA MET B 265 -21.65 11.85 46.35
C MET B 265 -22.86 12.26 47.19
N LEU B 266 -23.33 11.37 48.06
CA LEU B 266 -24.54 11.62 48.83
C LEU B 266 -24.25 12.13 50.25
N VAL B 267 -23.16 11.65 50.84
CA VAL B 267 -22.77 12.01 52.20
C VAL B 267 -21.91 13.29 52.25
N GLY B 268 -20.95 13.39 51.33
CA GLY B 268 -20.07 14.55 51.27
C GLY B 268 -18.63 14.25 51.63
N ASP B 269 -18.40 13.01 52.07
CA ASP B 269 -17.06 12.54 52.42
C ASP B 269 -16.89 11.08 51.99
N THR B 270 -15.65 10.67 51.74
CA THR B 270 -15.34 9.27 51.40
C THR B 270 -15.54 8.36 52.63
N PRO B 271 -16.16 7.18 52.44
CA PRO B 271 -16.54 6.29 53.55
C PRO B 271 -15.41 5.76 54.41
N PHE B 272 -14.17 5.86 53.92
CA PHE B 272 -13.02 5.35 54.67
C PHE B 272 -11.95 6.43 54.86
N TYR B 273 -12.40 7.68 54.92
CA TYR B 273 -11.50 8.83 55.06
C TYR B 273 -10.66 8.72 56.33
N ALA B 274 -9.37 9.04 56.19
CA ALA B 274 -8.47 9.11 57.33
C ALA B 274 -7.42 10.19 57.09
N ASP B 275 -6.78 10.64 58.18
CA ASP B 275 -5.75 11.66 58.11
C ASP B 275 -4.49 11.16 57.41
N SER B 276 -4.33 9.84 57.34
CA SER B 276 -3.20 9.20 56.66
C SER B 276 -3.68 8.12 55.73
N LEU B 277 -2.89 7.83 54.68
CA LEU B 277 -3.17 6.70 53.79
C LEU B 277 -3.08 5.43 54.60
N VAL B 278 -2.03 5.35 55.39
CA VAL B 278 -1.75 4.18 56.20
C VAL B 278 -2.91 3.90 57.17
N GLY B 279 -3.77 4.89 57.36
CA GLY B 279 -4.99 4.75 58.16
C GLY B 279 -6.24 4.46 57.32
N THR B 280 -6.26 4.99 56.10
CA THR B 280 -7.33 4.71 55.15
C THR B 280 -7.28 3.24 54.71
N TYR B 281 -6.07 2.72 54.48
CA TYR B 281 -5.87 1.30 54.19
C TYR B 281 -6.46 0.48 55.33
N SER B 282 -6.17 0.94 56.55
CA SER B 282 -6.58 0.26 57.78
C SER B 282 -8.11 0.21 57.93
N LYS B 283 -8.78 1.28 57.51
CA LYS B 283 -10.24 1.31 57.45
C LYS B 283 -10.79 0.33 56.42
N ILE B 284 -10.21 0.36 55.21
CA ILE B 284 -10.68 -0.43 54.07
C ILE B 284 -10.59 -1.94 54.31
N MET B 285 -9.57 -2.36 55.06
CA MET B 285 -9.46 -3.75 55.49
C MET B 285 -10.57 -4.11 56.47
N ASP B 286 -10.86 -3.18 57.39
CA ASP B 286 -11.86 -3.37 58.44
C ASP B 286 -13.21 -2.78 58.02
N HIS B 287 -13.53 -2.88 56.74
CA HIS B 287 -14.76 -2.30 56.15
C HIS B 287 -16.02 -2.79 56.84
N LYS B 288 -15.94 -4.00 57.40
CA LYS B 288 -17.06 -4.67 58.04
C LYS B 288 -17.48 -3.99 59.34
N ASN B 289 -16.60 -3.15 59.87
CA ASN B 289 -16.88 -2.36 61.07
C ASN B 289 -16.74 -0.86 60.82
N SER B 290 -15.74 -0.49 60.04
CA SER B 290 -15.40 0.91 59.80
C SER B 290 -16.46 1.66 59.01
N LEU B 291 -17.18 0.94 58.14
CA LEU B 291 -18.23 1.54 57.34
C LEU B 291 -19.50 1.78 58.16
N CYS B 292 -19.90 3.05 58.24
CA CYS B 292 -21.19 3.46 58.81
C CYS B 292 -21.51 4.90 58.42
N PHE B 293 -22.81 5.18 58.30
CA PHE B 293 -23.32 6.46 57.79
C PHE B 293 -23.59 7.45 58.92
N PRO B 294 -23.22 8.74 58.72
CA PRO B 294 -23.45 9.76 59.75
C PRO B 294 -24.94 10.07 59.97
N GLU B 295 -25.28 10.47 61.20
CA GLU B 295 -26.67 10.79 61.54
C GLU B 295 -27.24 11.94 60.72
N ASP B 296 -26.48 13.02 60.58
CA ASP B 296 -26.94 14.24 59.92
C ASP B 296 -27.34 14.07 58.44
N ALA B 297 -26.56 13.26 57.70
CA ALA B 297 -26.83 13.04 56.27
C ALA B 297 -28.01 12.11 56.05
N GLU B 298 -28.89 12.50 55.13
CA GLU B 298 -30.10 11.73 54.83
C GLU B 298 -29.98 10.96 53.52
N ILE B 299 -30.21 9.65 53.60
CA ILE B 299 -30.09 8.76 52.45
C ILE B 299 -31.35 7.90 52.36
N SER B 300 -31.89 7.76 51.16
CA SER B 300 -33.04 6.90 50.90
C SER B 300 -32.73 5.43 51.19
N LYS B 301 -33.72 4.71 51.70
CA LYS B 301 -33.61 3.28 51.99
C LYS B 301 -33.02 2.53 50.79
N HIS B 302 -33.60 2.78 49.61
CA HIS B 302 -33.13 2.21 48.35
C HIS B 302 -31.64 2.48 48.13
N ALA B 303 -31.23 3.73 48.36
CA ALA B 303 -29.86 4.18 48.11
C ALA B 303 -28.85 3.53 49.06
N LYS B 304 -29.15 3.58 50.35
CA LYS B 304 -28.28 3.01 51.38
C LYS B 304 -28.06 1.52 51.17
N ASN B 305 -29.08 0.83 50.67
CA ASN B 305 -28.96 -0.57 50.29
C ASN B 305 -27.91 -0.78 49.19
N LEU B 306 -27.97 0.06 48.15
CA LEU B 306 -27.05 -0.06 47.02
C LEU B 306 -25.59 0.15 47.43
N ILE B 307 -25.35 1.13 48.31
CA ILE B 307 -24.00 1.41 48.79
C ILE B 307 -23.44 0.17 49.49
N CYS B 308 -24.23 -0.38 50.42
CA CYS B 308 -23.82 -1.56 51.21
C CYS B 308 -23.74 -2.83 50.37
N ALA B 309 -24.44 -2.83 49.24
CA ALA B 309 -24.40 -3.94 48.28
C ALA B 309 -23.05 -3.97 47.55
N PHE B 310 -22.50 -2.78 47.31
CA PHE B 310 -21.19 -2.64 46.71
C PHE B 310 -20.08 -2.75 47.76
N LEU B 311 -20.29 -2.08 48.89
CA LEU B 311 -19.31 -2.06 49.99
C LEU B 311 -19.47 -3.26 50.94
N THR B 312 -19.21 -4.45 50.42
CA THR B 312 -19.14 -5.67 51.19
C THR B 312 -18.08 -6.58 50.61
N ASP B 313 -17.99 -7.79 51.13
CA ASP B 313 -17.07 -8.79 50.63
C ASP B 313 -17.34 -9.04 49.14
N ARG B 314 -16.28 -9.39 48.42
CA ARG B 314 -16.35 -9.60 46.97
C ARG B 314 -17.29 -10.74 46.54
N GLU B 315 -17.43 -11.75 47.40
CA GLU B 315 -18.26 -12.92 47.11
C GLU B 315 -19.74 -12.76 47.44
N VAL B 316 -20.10 -11.70 48.16
CA VAL B 316 -21.51 -11.33 48.34
C VAL B 316 -21.83 -9.94 47.77
N ARG B 317 -20.86 -9.34 47.09
CA ARG B 317 -21.04 -8.02 46.48
C ARG B 317 -21.85 -8.10 45.20
N LEU B 318 -22.66 -7.06 45.00
CA LEU B 318 -23.52 -6.91 43.83
C LEU B 318 -22.75 -6.97 42.53
N GLY B 319 -23.14 -7.88 41.66
CA GLY B 319 -22.52 -8.03 40.34
C GLY B 319 -21.32 -8.96 40.30
N ARG B 320 -21.41 -10.07 41.03
CA ARG B 320 -20.37 -11.11 41.01
C ARG B 320 -20.54 -12.05 39.81
N ASN B 321 -21.78 -12.19 39.34
CA ASN B 321 -22.09 -12.98 38.15
C ASN B 321 -22.20 -12.12 36.89
N GLY B 322 -23.08 -11.12 36.95
CA GLY B 322 -23.32 -10.21 35.84
C GLY B 322 -23.87 -8.87 36.26
N VAL B 323 -23.81 -7.91 35.33
CA VAL B 323 -24.22 -6.52 35.57
C VAL B 323 -25.73 -6.36 35.78
N GLU B 324 -26.51 -7.36 35.34
CA GLU B 324 -27.97 -7.33 35.46
C GLU B 324 -28.41 -7.00 36.88
N GLU B 325 -27.78 -7.66 37.85
CA GLU B 325 -28.06 -7.48 39.28
C GLU B 325 -28.00 -6.00 39.70
N ILE B 326 -27.10 -5.23 39.06
CA ILE B 326 -26.98 -3.80 39.30
C ILE B 326 -28.17 -3.06 38.68
N ARG B 327 -28.46 -3.38 37.42
CA ARG B 327 -29.54 -2.73 36.67
C ARG B 327 -30.90 -2.85 37.35
N GLN B 328 -31.21 -4.02 37.90
CA GLN B 328 -32.51 -4.29 38.49
C GLN B 328 -32.74 -3.58 39.82
N HIS B 329 -31.64 -3.19 40.49
CA HIS B 329 -31.71 -2.56 41.81
C HIS B 329 -32.70 -1.39 41.86
N PRO B 330 -33.61 -1.40 42.85
CA PRO B 330 -34.71 -0.44 42.98
C PRO B 330 -34.32 1.03 43.15
N PHE B 331 -33.04 1.30 43.40
CA PHE B 331 -32.56 2.68 43.49
C PHE B 331 -32.67 3.35 42.13
N PHE B 332 -32.27 2.61 41.09
CA PHE B 332 -32.27 3.12 39.72
C PHE B 332 -33.66 3.25 39.12
N LYS B 333 -34.68 3.02 39.95
CA LYS B 333 -36.05 3.23 39.51
C LYS B 333 -36.35 4.72 39.46
N ASN B 334 -36.70 5.20 38.26
CA ASN B 334 -36.97 6.61 38.00
C ASN B 334 -37.85 6.77 36.77
N ASP B 335 -38.35 7.99 36.56
CA ASP B 335 -39.29 8.26 35.47
C ASP B 335 -38.72 9.10 34.32
N GLN B 336 -37.41 9.37 34.33
CA GLN B 336 -36.79 10.22 33.30
C GLN B 336 -35.87 9.52 32.28
N TRP B 337 -35.33 8.34 32.62
CA TRP B 337 -34.41 7.63 31.71
C TRP B 337 -34.54 6.10 31.75
N HIS B 338 -34.06 5.45 30.70
CA HIS B 338 -33.97 3.98 30.64
C HIS B 338 -32.52 3.56 30.37
N TRP B 339 -32.21 2.28 30.57
CA TRP B 339 -30.84 1.77 30.48
C TRP B 339 -30.24 1.72 29.06
N ASP B 340 -31.10 1.67 28.05
CA ASP B 340 -30.65 1.73 26.66
C ASP B 340 -30.94 3.11 26.07
N ASN B 341 -31.22 4.06 26.96
CA ASN B 341 -31.83 5.33 26.61
C ASN B 341 -31.17 6.53 27.28
N ILE B 342 -30.33 6.28 28.29
CA ILE B 342 -29.86 7.32 29.20
C ILE B 342 -28.97 8.41 28.57
N ARG B 343 -28.01 8.02 27.74
CA ARG B 343 -27.03 8.99 27.23
C ARG B 343 -27.63 9.94 26.19
N GLU B 344 -28.90 9.73 25.86
CA GLU B 344 -29.64 10.64 25.00
C GLU B 344 -30.83 11.27 25.73
N THR B 345 -30.74 11.33 27.06
CA THR B 345 -31.68 12.11 27.87
C THR B 345 -30.99 13.38 28.37
N ALA B 346 -31.77 14.31 28.94
CA ALA B 346 -31.21 15.55 29.47
C ALA B 346 -30.43 15.30 30.75
N ALA B 347 -29.18 15.75 30.77
CA ALA B 347 -28.29 15.55 31.92
C ALA B 347 -28.64 16.51 33.06
N PRO B 348 -28.23 16.16 34.31
CA PRO B 348 -28.45 17.03 35.47
C PRO B 348 -27.75 18.38 35.37
N VAL B 349 -26.50 18.40 34.90
CA VAL B 349 -25.78 19.66 34.72
C VAL B 349 -25.35 19.81 33.26
N VAL B 350 -26.08 20.64 32.52
CA VAL B 350 -25.67 21.02 31.18
C VAL B 350 -24.74 22.23 31.32
N PRO B 351 -23.49 22.11 30.85
CA PRO B 351 -22.51 23.19 31.03
C PRO B 351 -22.90 24.48 30.32
N GLU B 352 -22.60 25.62 30.94
CA GLU B 352 -22.77 26.90 30.30
C GLU B 352 -21.47 27.24 29.59
N LEU B 353 -21.44 27.11 28.27
CA LEU B 353 -20.22 27.28 27.50
C LEU B 353 -20.25 28.47 26.54
N SER B 354 -19.30 29.37 26.71
CA SER B 354 -19.18 30.55 25.86
C SER B 354 -18.63 30.22 24.47
N SER B 355 -17.53 29.48 24.44
CA SER B 355 -16.86 29.13 23.18
C SER B 355 -16.24 27.75 23.21
N ASP B 356 -15.56 27.38 22.12
CA ASP B 356 -14.94 26.07 21.96
C ASP B 356 -13.65 25.91 22.76
N ILE B 357 -13.24 26.98 23.44
CA ILE B 357 -12.08 26.95 24.33
C ILE B 357 -12.42 27.21 25.81
N ASP B 358 -13.70 27.24 26.13
CA ASP B 358 -14.17 27.48 27.49
C ASP B 358 -13.75 26.35 28.42
N SER B 359 -13.04 26.72 29.48
CA SER B 359 -12.56 25.78 30.49
C SER B 359 -12.79 26.34 31.89
N SER B 360 -13.96 26.97 32.08
CA SER B 360 -14.33 27.53 33.38
C SER B 360 -14.68 26.42 34.37
N ASN B 361 -14.90 25.22 33.83
CA ASN B 361 -15.17 24.04 34.63
C ASN B 361 -13.89 23.36 35.12
N PHE B 362 -12.75 23.95 34.77
CA PHE B 362 -11.45 23.50 35.24
C PHE B 362 -10.78 24.60 36.04
N ASP B 363 -9.75 24.23 36.79
CA ASP B 363 -9.01 25.18 37.61
C ASP B 363 -7.69 25.58 36.95
N ASP B 364 -6.76 26.06 37.78
CA ASP B 364 -5.51 26.63 37.31
C ASP B 364 -4.32 25.81 37.82
N ILE B 365 -3.15 26.05 37.24
CA ILE B 365 -1.90 25.41 37.69
C ILE B 365 -0.71 26.35 37.45
N GLU B 366 0.51 25.87 37.74
CA GLU B 366 1.76 26.62 37.43
C GLU B 366 2.93 25.70 37.08
N GLU B 373 13.88 19.12 33.33
CA GLU B 373 14.35 17.88 33.95
C GLU B 373 14.45 16.75 32.91
N THR B 374 15.68 16.52 32.42
CA THR B 374 15.88 15.60 31.28
C THR B 374 16.91 14.48 31.56
N PHE B 375 17.05 13.54 30.62
CA PHE B 375 18.07 12.49 30.68
C PHE B 375 19.48 13.07 30.67
N PRO B 376 20.42 12.38 31.34
CA PRO B 376 21.85 12.73 31.19
C PRO B 376 22.49 12.00 30.01
N ILE B 377 23.53 12.62 29.43
CA ILE B 377 24.28 12.00 28.32
C ILE B 377 24.99 10.73 28.84
N PRO B 378 24.64 9.56 28.25
CA PRO B 378 25.11 8.27 28.75
C PRO B 378 26.55 7.96 28.40
N LYS B 379 27.15 7.07 29.19
CA LYS B 379 28.49 6.56 28.95
C LYS B 379 28.45 5.59 27.76
N ALA B 380 27.71 4.50 27.91
CA ALA B 380 27.50 3.53 26.85
C ALA B 380 26.05 3.61 26.38
N PHE B 381 25.54 2.50 25.82
CA PHE B 381 24.16 2.42 25.41
C PHE B 381 23.25 2.30 26.63
N VAL B 382 22.09 2.97 26.58
CA VAL B 382 21.16 3.00 27.70
C VAL B 382 19.76 2.46 27.36
N GLY B 383 19.29 2.78 26.16
CA GLY B 383 17.96 2.36 25.74
C GLY B 383 16.85 3.16 26.37
N ASN B 384 17.10 4.46 26.57
CA ASN B 384 16.12 5.39 27.14
C ASN B 384 14.82 5.56 26.34
N GLN B 385 14.92 5.42 25.02
CA GLN B 385 13.77 5.60 24.13
C GLN B 385 13.11 4.28 23.75
N LEU B 386 13.77 3.16 24.09
CA LEU B 386 13.28 1.83 23.73
C LEU B 386 11.91 1.44 24.32
N PRO B 387 11.56 1.97 25.51
CA PRO B 387 10.23 1.70 26.08
C PRO B 387 9.07 2.35 25.31
N PHE B 388 9.37 3.25 24.39
CA PHE B 388 8.34 4.05 23.72
C PHE B 388 8.18 3.75 22.23
N ILE B 389 8.92 2.75 21.75
CA ILE B 389 8.82 2.30 20.36
C ILE B 389 7.46 1.67 20.11
N GLY B 390 6.68 2.30 19.26
CA GLY B 390 5.40 1.75 18.84
C GLY B 390 4.23 2.55 19.35
N PHE B 391 4.52 3.60 20.12
CA PHE B 391 3.50 4.45 20.69
C PHE B 391 2.70 5.20 19.63
N THR B 392 3.40 5.73 18.62
CA THR B 392 2.82 6.63 17.62
C THR B 392 1.62 6.06 16.87
N TYR B 393 0.51 6.81 16.86
CA TYR B 393 -0.75 6.40 16.21
C TYR B 393 -1.49 7.62 15.62
N TYR B 394 -2.20 7.40 14.50
CA TYR B 394 -2.94 8.48 13.81
C TYR B 394 -4.40 8.14 13.50
N ARG B 395 -5.30 8.93 14.08
CA ARG B 395 -6.77 8.91 13.83
C ARG B 395 -7.32 7.65 13.18
N SER C 3 -1.75 19.27 4.62
CA SER C 3 -0.34 18.88 4.27
C SER C 3 0.11 17.60 5.00
N ARG C 4 -0.82 16.97 5.73
CA ARG C 4 -0.51 15.84 6.62
C ARG C 4 0.12 14.64 5.91
N GLN C 5 1.21 14.14 6.50
CA GLN C 5 1.94 12.95 6.02
C GLN C 5 2.61 13.18 4.67
N ARG C 6 1.77 13.50 3.67
CA ARG C 6 2.20 13.82 2.31
C ARG C 6 3.38 13.02 1.73
N LYS C 7 4.58 13.60 1.79
CA LYS C 7 5.76 13.05 1.14
C LYS C 7 6.19 11.69 1.68
N LEU C 8 6.10 11.53 3.00
CA LEU C 8 6.53 10.31 3.70
C LEU C 8 6.05 9.04 3.01
N GLU C 9 4.78 9.05 2.62
CA GLU C 9 4.17 8.00 1.81
C GLU C 9 5.15 7.44 0.78
N ALA C 10 5.69 8.33 -0.06
CA ALA C 10 6.51 7.97 -1.22
C ALA C 10 7.92 7.51 -0.84
N LEU C 11 8.45 8.04 0.26
CA LEU C 11 9.78 7.68 0.72
C LEU C 11 9.88 6.19 1.06
N ILE C 12 8.85 5.67 1.74
CA ILE C 12 8.81 4.24 2.09
C ILE C 12 8.62 3.39 0.82
N ARG C 13 7.79 3.90 -0.09
CA ARG C 13 7.53 3.24 -1.37
C ARG C 13 8.82 3.02 -2.19
N ASP C 14 9.57 4.09 -2.42
CA ASP C 14 10.80 4.04 -3.20
C ASP C 14 11.76 2.96 -2.68
N PRO C 15 12.08 1.95 -3.51
CA PRO C 15 12.99 0.86 -3.13
C PRO C 15 14.48 1.24 -3.20
N ARG C 16 14.74 2.48 -3.64
CA ARG C 16 16.08 3.06 -3.65
C ARG C 16 16.31 3.91 -2.40
N SER C 17 15.24 4.15 -1.64
CA SER C 17 15.30 4.98 -0.43
C SER C 17 15.59 4.18 0.83
N PRO C 18 16.57 4.65 1.63
CA PRO C 18 17.06 3.97 2.84
C PRO C 18 16.01 3.77 3.95
N ILE C 19 14.83 4.39 3.80
CA ILE C 19 13.74 4.15 4.75
C ILE C 19 12.55 3.41 4.14
N ASN C 20 12.82 2.57 3.15
CA ASN C 20 11.82 1.64 2.64
C ASN C 20 11.54 0.53 3.67
N VAL C 21 10.42 -0.16 3.51
CA VAL C 21 9.98 -1.19 4.46
C VAL C 21 11.02 -2.25 4.77
N GLU C 22 11.68 -2.78 3.74
CA GLU C 22 12.71 -3.82 3.91
C GLU C 22 13.91 -3.34 4.72
N SER C 23 14.13 -2.03 4.73
CA SER C 23 15.19 -1.41 5.49
C SER C 23 14.75 -1.11 6.92
N LEU C 24 13.51 -0.68 7.07
CA LEU C 24 12.92 -0.43 8.38
C LEU C 24 12.89 -1.70 9.20
N LEU C 25 12.58 -2.82 8.54
CA LEU C 25 12.52 -4.13 9.18
C LEU C 25 13.90 -4.67 9.54
N ASP C 26 14.91 -4.35 8.72
CA ASP C 26 16.29 -4.67 9.05
C ASP C 26 16.72 -3.88 10.30
N GLY C 27 16.23 -2.65 10.40
CA GLY C 27 16.50 -1.78 11.54
C GLY C 27 15.99 -2.35 12.84
N LEU C 28 14.77 -2.90 12.82
CA LEU C 28 14.19 -3.54 13.99
C LEU C 28 14.79 -4.92 14.27
N ASN C 29 15.32 -5.57 13.25
CA ASN C 29 15.94 -6.86 13.44
C ASN C 29 17.36 -6.77 14.02
N SER C 30 18.17 -5.86 13.48
CA SER C 30 19.53 -5.65 13.95
C SER C 30 19.56 -5.11 15.37
N LEU C 31 18.53 -4.35 15.73
CA LEU C 31 18.38 -3.85 17.09
C LEU C 31 18.11 -5.00 18.05
N VAL C 32 17.24 -5.93 17.65
CA VAL C 32 16.94 -7.11 18.46
C VAL C 32 18.14 -8.06 18.55
N LEU C 33 18.88 -8.19 17.46
CA LEU C 33 20.06 -9.07 17.45
C LEU C 33 21.22 -8.59 18.33
N ASP C 34 21.50 -7.29 18.29
CA ASP C 34 22.62 -6.72 19.03
C ASP C 34 22.30 -6.44 20.50
N LEU C 35 21.01 -6.36 20.83
CA LEU C 35 20.58 -6.14 22.21
C LEU C 35 20.43 -7.45 22.99
N ASP C 36 19.87 -8.46 22.34
CA ASP C 36 19.57 -9.74 22.98
C ASP C 36 20.83 -10.56 23.31
N PHE C 37 21.48 -10.18 24.40
CA PHE C 37 22.55 -10.94 25.00
C PHE C 37 22.36 -10.81 26.50
N PRO C 38 22.55 -11.92 27.26
CA PRO C 38 22.28 -11.94 28.70
C PRO C 38 23.01 -10.82 29.44
N ALA C 39 24.19 -10.45 28.96
CA ALA C 39 24.99 -9.36 29.51
C ALA C 39 24.25 -8.02 29.48
N LEU C 40 23.54 -7.78 28.38
CA LEU C 40 22.82 -6.53 28.17
C LEU C 40 21.40 -6.56 28.74
N ARG C 41 20.87 -7.75 28.94
CA ARG C 41 19.50 -7.92 29.43
C ARG C 41 19.30 -7.51 30.89
N LYS C 42 20.39 -7.39 31.64
CA LYS C 42 20.33 -6.91 33.02
C LYS C 42 19.90 -5.43 33.07
N ASN C 43 20.07 -4.75 31.94
CA ASN C 43 19.47 -3.44 31.71
C ASN C 43 17.95 -3.58 31.62
N LYS C 44 17.24 -2.75 32.39
CA LYS C 44 15.78 -2.76 32.45
C LYS C 44 15.16 -2.49 31.07
N ASN C 45 15.57 -1.38 30.45
CA ASN C 45 15.01 -0.91 29.18
C ASN C 45 15.19 -1.86 28.01
N ILE C 46 16.36 -2.49 27.94
CA ILE C 46 16.67 -3.45 26.88
C ILE C 46 15.86 -4.73 27.06
N ASP C 47 15.73 -5.18 28.30
CA ASP C 47 14.91 -6.34 28.62
C ASP C 47 13.44 -6.04 28.33
N ASN C 48 12.98 -4.88 28.79
CA ASN C 48 11.63 -4.37 28.58
C ASN C 48 11.24 -4.30 27.09
N PHE C 49 12.12 -3.72 26.29
CA PHE C 49 11.94 -3.65 24.84
C PHE C 49 11.76 -5.06 24.26
N LEU C 50 12.82 -5.86 24.34
CA LEU C 50 12.86 -7.21 23.74
C LEU C 50 11.71 -8.11 24.15
N ASN C 51 11.25 -7.99 25.39
CA ASN C 51 10.12 -8.79 25.87
C ASN C 51 8.93 -8.76 24.92
N ARG C 52 8.61 -7.58 24.42
CA ARG C 52 7.49 -7.40 23.50
C ARG C 52 7.82 -7.80 22.07
N TYR C 53 9.03 -7.47 21.63
CA TYR C 53 9.37 -7.56 20.22
C TYR C 53 10.02 -8.87 19.74
N GLU C 54 10.80 -9.52 20.61
CA GLU C 54 11.53 -10.74 20.23
C GLU C 54 10.60 -11.82 19.70
N LYS C 55 9.36 -11.83 20.19
CA LYS C 55 8.35 -12.79 19.76
C LYS C 55 7.97 -12.57 18.30
N ILE C 56 7.55 -11.33 17.99
CA ILE C 56 7.10 -10.98 16.64
C ILE C 56 8.24 -10.90 15.63
N VAL C 57 9.42 -10.46 16.08
CA VAL C 57 10.62 -10.37 15.23
C VAL C 57 11.01 -11.75 14.71
N LYS C 58 11.00 -12.74 15.61
CA LYS C 58 11.28 -14.13 15.27
C LYS C 58 10.31 -14.64 14.20
N LYS C 59 9.05 -14.22 14.29
CA LYS C 59 8.03 -14.57 13.31
C LYS C 59 8.37 -14.03 11.92
N ILE C 60 8.77 -12.76 11.86
CA ILE C 60 9.17 -12.12 10.61
C ILE C 60 10.42 -12.79 10.03
N ARG C 61 11.40 -13.08 10.90
CA ARG C 61 12.62 -13.75 10.47
C ARG C 61 12.28 -15.12 9.89
N GLY C 62 11.13 -15.64 10.28
CA GLY C 62 10.58 -16.85 9.69
C GLY C 62 10.19 -16.59 8.25
N LEU C 63 9.07 -15.88 8.07
CA LEU C 63 8.52 -15.64 6.74
C LEU C 63 9.23 -14.55 5.92
N GLN C 64 10.51 -14.79 5.64
CA GLN C 64 11.28 -13.98 4.69
C GLN C 64 12.60 -14.68 4.35
N MET C 65 13.15 -14.35 3.17
CA MET C 65 14.15 -15.18 2.50
C MET C 65 15.28 -15.73 3.38
N LYS C 66 15.14 -16.98 3.79
CA LYS C 66 16.21 -17.71 4.48
C LYS C 66 17.15 -18.33 3.47
N ALA C 67 18.40 -18.52 3.88
CA ALA C 67 19.38 -19.22 3.07
C ALA C 67 19.00 -20.69 2.83
N GLU C 68 18.13 -21.21 3.71
CA GLU C 68 17.60 -22.59 3.61
C GLU C 68 16.64 -22.78 2.44
N ASP C 69 16.19 -21.68 1.85
CA ASP C 69 15.30 -21.73 0.70
C ASP C 69 16.02 -22.23 -0.55
N TYR C 70 17.35 -22.39 -0.45
CA TYR C 70 18.19 -22.73 -1.60
C TYR C 70 18.95 -24.05 -1.42
N ASP C 71 19.17 -24.73 -2.53
CA ASP C 71 20.05 -25.89 -2.60
C ASP C 71 21.42 -25.46 -3.05
N VAL C 72 22.44 -25.90 -2.34
CA VAL C 72 23.82 -25.57 -2.70
C VAL C 72 24.34 -26.65 -3.63
N VAL C 73 24.31 -26.36 -4.93
CA VAL C 73 24.65 -27.34 -5.97
C VAL C 73 26.16 -27.63 -6.01
N LYS C 74 26.96 -26.58 -6.11
CA LYS C 74 28.42 -26.68 -6.10
C LYS C 74 28.99 -25.30 -5.80
N VAL C 75 30.15 -25.26 -5.15
CA VAL C 75 30.86 -24.00 -4.92
C VAL C 75 31.64 -23.65 -6.17
N ILE C 76 31.31 -22.51 -6.78
CA ILE C 76 31.92 -22.11 -8.05
C ILE C 76 33.03 -21.06 -7.88
N GLY C 77 33.37 -20.76 -6.63
CA GLY C 77 34.45 -19.81 -6.36
C GLY C 77 34.38 -19.26 -4.96
N ARG C 78 35.50 -18.70 -4.50
CA ARG C 78 35.58 -18.10 -3.16
C ARG C 78 36.11 -16.68 -3.25
N GLY C 79 35.33 -15.74 -2.73
CA GLY C 79 35.75 -14.35 -2.61
C GLY C 79 36.57 -14.11 -1.36
N ALA C 80 36.92 -12.85 -1.12
CA ALA C 80 37.70 -12.48 0.05
C ALA C 80 36.93 -12.72 1.36
N PHE C 81 35.64 -12.43 1.35
CA PHE C 81 34.81 -12.51 2.55
C PHE C 81 33.83 -13.69 2.53
N GLY C 82 34.17 -14.74 1.80
CA GLY C 82 33.29 -15.91 1.71
C GLY C 82 32.90 -16.26 0.29
N GLU C 83 32.36 -17.47 0.12
CA GLU C 83 32.22 -18.11 -1.19
C GLU C 83 30.98 -17.77 -2.03
N VAL C 84 31.10 -18.05 -3.32
CA VAL C 84 30.01 -17.92 -4.27
C VAL C 84 29.54 -19.32 -4.66
N GLN C 85 28.27 -19.62 -4.39
CA GLN C 85 27.71 -20.94 -4.63
C GLN C 85 26.81 -20.94 -5.85
N LEU C 86 26.87 -22.02 -6.61
CA LEU C 86 25.86 -22.31 -7.60
C LEU C 86 24.69 -22.86 -6.81
N VAL C 87 23.57 -22.14 -6.82
CA VAL C 87 22.42 -22.53 -6.01
C VAL C 87 21.17 -22.75 -6.86
N ARG C 88 20.35 -23.69 -6.43
CA ARG C 88 19.02 -23.89 -7.00
C ARG C 88 17.97 -23.54 -5.95
N HIS C 89 17.09 -22.60 -6.26
CA HIS C 89 15.99 -22.26 -5.37
C HIS C 89 15.03 -23.43 -5.31
N LYS C 90 14.56 -23.75 -4.11
CA LYS C 90 13.76 -24.96 -3.87
C LYS C 90 12.33 -24.84 -4.38
N ALA C 91 11.64 -23.76 -4.01
CA ALA C 91 10.25 -23.56 -4.42
C ALA C 91 10.10 -23.31 -5.94
N SER C 92 10.83 -22.33 -6.45
CA SER C 92 10.75 -21.97 -7.86
C SER C 92 11.48 -22.97 -8.75
N GLN C 93 12.49 -23.63 -8.19
CA GLN C 93 13.30 -24.61 -8.90
C GLN C 93 14.44 -24.04 -9.73
N LYS C 94 14.39 -22.75 -10.02
CA LYS C 94 15.41 -22.12 -10.87
C LYS C 94 16.78 -22.01 -10.23
N VAL C 95 17.79 -21.87 -11.08
CA VAL C 95 19.18 -21.91 -10.65
C VAL C 95 19.78 -20.52 -10.66
N TYR C 96 20.42 -20.16 -9.56
CA TYR C 96 21.10 -18.88 -9.44
C TYR C 96 22.57 -19.04 -9.03
N ALA C 97 23.27 -17.92 -8.92
CA ALA C 97 24.57 -17.86 -8.27
C ALA C 97 24.48 -16.96 -7.04
N MET C 98 24.89 -17.49 -5.89
CA MET C 98 24.70 -16.82 -4.60
C MET C 98 26.03 -16.47 -3.95
N LYS C 99 26.35 -15.18 -3.95
CA LYS C 99 27.55 -14.69 -3.28
C LYS C 99 27.31 -14.55 -1.78
N LEU C 100 28.25 -15.05 -0.98
CA LEU C 100 28.20 -14.90 0.49
C LEU C 100 29.24 -13.93 1.00
N LEU C 101 28.84 -13.09 1.94
CA LEU C 101 29.76 -12.16 2.58
C LEU C 101 29.69 -12.33 4.10
N SER C 102 30.81 -12.72 4.70
CA SER C 102 30.89 -12.97 6.14
C SER C 102 30.83 -11.67 6.94
N LYS C 103 29.76 -11.51 7.72
CA LYS C 103 29.55 -10.30 8.53
C LYS C 103 30.69 -10.09 9.51
N PHE C 104 31.11 -11.18 10.14
CA PHE C 104 32.23 -11.15 11.09
C PHE C 104 33.52 -10.68 10.44
N GLU C 105 33.85 -11.25 9.28
CA GLU C 105 35.10 -10.95 8.57
C GLU C 105 35.20 -9.50 8.09
N MET C 106 34.06 -8.91 7.72
CA MET C 106 34.02 -7.53 7.24
C MET C 106 34.08 -6.54 8.41
N ILE C 107 33.50 -6.94 9.53
CA ILE C 107 33.56 -6.14 10.76
C ILE C 107 34.97 -6.21 11.36
N LYS C 108 35.52 -7.42 11.41
CA LYS C 108 36.89 -7.67 11.86
C LYS C 108 37.92 -6.87 11.07
N ARG C 109 37.66 -6.67 9.78
CA ARG C 109 38.63 -6.08 8.88
C ARG C 109 38.13 -4.79 8.22
N SER C 110 38.55 -3.66 8.79
CA SER C 110 38.32 -2.32 8.26
C SER C 110 36.99 -2.10 7.51
N ASP C 111 36.99 -2.38 6.21
CA ASP C 111 35.88 -2.05 5.33
C ASP C 111 34.66 -2.97 5.45
N SER C 112 33.50 -2.35 5.66
CA SER C 112 32.21 -3.03 5.61
C SER C 112 31.13 -2.07 5.09
N ALA C 113 31.51 -1.27 4.09
CA ALA C 113 30.61 -0.37 3.40
C ALA C 113 30.77 -0.52 1.88
N PHE C 114 31.72 -1.37 1.49
CA PHE C 114 32.02 -1.63 0.07
C PHE C 114 30.87 -2.27 -0.72
N PHE C 115 30.08 -3.09 -0.03
CA PHE C 115 29.04 -3.90 -0.66
C PHE C 115 27.82 -3.09 -1.08
N TRP C 116 27.66 -1.88 -0.52
CA TRP C 116 26.55 -1.01 -0.89
C TRP C 116 26.55 -0.69 -2.38
N GLU C 117 27.72 -0.38 -2.91
CA GLU C 117 27.89 -0.12 -4.33
C GLU C 117 27.67 -1.37 -5.16
N GLU C 118 28.22 -2.49 -4.70
CA GLU C 118 28.06 -3.78 -5.36
C GLU C 118 26.58 -4.11 -5.53
N ARG C 119 25.83 -3.99 -4.44
CA ARG C 119 24.38 -4.21 -4.45
C ARG C 119 23.65 -3.25 -5.38
N ASP C 120 23.76 -1.95 -5.13
CA ASP C 120 23.11 -0.92 -5.93
C ASP C 120 23.34 -1.09 -7.45
N ILE C 121 24.57 -1.40 -7.84
CA ILE C 121 24.90 -1.56 -9.26
C ILE C 121 24.16 -2.76 -9.86
N MET C 122 24.43 -3.96 -9.34
CA MET C 122 23.88 -5.13 -10.02
C MET C 122 22.39 -5.36 -9.81
N ALA C 123 21.80 -4.54 -8.94
CA ALA C 123 20.35 -4.57 -8.71
C ALA C 123 19.58 -3.54 -9.54
N PHE C 124 20.18 -2.37 -9.77
CA PHE C 124 19.50 -1.29 -10.49
C PHE C 124 20.21 -0.79 -11.75
N ALA C 125 21.22 -1.52 -12.20
CA ALA C 125 21.92 -1.18 -13.43
C ALA C 125 20.98 -1.38 -14.61
N ASN C 126 20.24 -2.49 -14.57
CA ASN C 126 19.35 -2.90 -15.67
C ASN C 126 20.05 -2.83 -17.02
N SER C 127 21.27 -3.36 -17.05
CA SER C 127 22.12 -3.35 -18.22
C SER C 127 22.42 -4.79 -18.67
N PRO C 128 22.67 -4.99 -19.98
CA PRO C 128 23.09 -6.30 -20.45
C PRO C 128 24.55 -6.59 -20.13
N TRP C 129 25.25 -5.59 -19.61
CA TRP C 129 26.69 -5.71 -19.30
C TRP C 129 26.99 -5.92 -17.82
N VAL C 130 25.94 -5.94 -17.01
CA VAL C 130 26.07 -6.07 -15.55
C VAL C 130 25.29 -7.30 -15.04
N VAL C 131 25.99 -8.18 -14.30
CA VAL C 131 25.38 -9.41 -13.79
C VAL C 131 24.24 -9.05 -12.85
N GLN C 132 23.05 -9.52 -13.18
CA GLN C 132 21.82 -9.08 -12.54
C GLN C 132 21.60 -9.64 -11.13
N LEU C 133 21.23 -8.76 -10.20
CA LEU C 133 20.87 -9.17 -8.84
C LEU C 133 19.37 -9.32 -8.71
N PHE C 134 18.94 -10.47 -8.18
CA PHE C 134 17.52 -10.72 -7.95
C PHE C 134 17.13 -10.43 -6.51
N TYR C 135 17.88 -11.01 -5.56
CA TYR C 135 17.60 -10.82 -4.14
C TYR C 135 18.87 -10.55 -3.37
N ALA C 136 18.75 -9.65 -2.40
CA ALA C 136 19.79 -9.46 -1.39
C ALA C 136 19.16 -9.61 -0.03
N PHE C 137 19.68 -10.55 0.77
CA PHE C 137 19.15 -10.80 2.11
C PHE C 137 20.28 -11.11 3.10
N GLN C 138 19.93 -11.21 4.38
CA GLN C 138 20.93 -11.39 5.43
C GLN C 138 20.38 -12.16 6.62
N ASP C 139 21.30 -12.70 7.43
CA ASP C 139 20.96 -13.22 8.74
C ASP C 139 22.00 -12.70 9.74
N ASP C 140 22.17 -13.40 10.87
CA ASP C 140 23.17 -13.02 11.85
C ASP C 140 24.60 -13.24 11.34
N ARG C 141 24.78 -14.32 10.58
CA ARG C 141 26.11 -14.74 10.11
C ARG C 141 26.57 -14.00 8.86
N TYR C 142 25.71 -13.96 7.84
CA TYR C 142 26.14 -13.60 6.48
C TYR C 142 25.32 -12.53 5.78
N LEU C 143 25.94 -11.95 4.76
CA LEU C 143 25.25 -11.19 3.72
C LEU C 143 25.13 -12.07 2.47
N TYR C 144 23.98 -11.98 1.79
CA TYR C 144 23.69 -12.82 0.63
C TYR C 144 23.30 -12.02 -0.59
N MET C 145 23.78 -12.46 -1.74
CA MET C 145 23.45 -11.83 -3.01
C MET C 145 23.12 -12.87 -4.07
N VAL C 146 21.85 -12.87 -4.50
CA VAL C 146 21.35 -13.82 -5.49
C VAL C 146 21.41 -13.18 -6.87
N MET C 147 22.26 -13.71 -7.73
CA MET C 147 22.51 -13.14 -9.06
C MET C 147 22.31 -14.19 -10.12
N GLU C 148 21.97 -13.75 -11.34
CA GLU C 148 21.87 -14.68 -12.46
C GLU C 148 23.21 -15.36 -12.64
N TYR C 149 23.16 -16.68 -12.76
CA TYR C 149 24.36 -17.51 -12.91
C TYR C 149 24.97 -17.38 -14.30
N MET C 150 26.29 -17.26 -14.37
CA MET C 150 27.00 -17.10 -15.63
C MET C 150 27.80 -18.36 -15.99
N PRO C 151 27.16 -19.32 -16.69
CA PRO C 151 27.73 -20.66 -16.87
C PRO C 151 28.99 -20.73 -17.74
N GLY C 152 29.26 -19.67 -18.49
CA GLY C 152 30.39 -19.65 -19.42
C GLY C 152 31.75 -19.56 -18.75
N GLY C 153 31.78 -19.09 -17.50
CA GLY C 153 33.03 -18.92 -16.76
C GLY C 153 33.60 -17.52 -16.88
N ASP C 154 34.79 -17.31 -16.31
CA ASP C 154 35.47 -16.02 -16.42
C ASP C 154 36.56 -16.04 -17.49
N LEU C 155 37.06 -14.86 -17.86
CA LEU C 155 38.08 -14.77 -18.92
C LEU C 155 39.46 -15.25 -18.52
N VAL C 156 39.74 -15.31 -17.22
CA VAL C 156 40.95 -15.97 -16.72
C VAL C 156 40.91 -17.42 -17.19
N ASN C 157 39.72 -18.02 -17.11
CA ASN C 157 39.50 -19.40 -17.56
C ASN C 157 39.62 -19.59 -19.07
N LEU C 158 38.96 -18.72 -19.84
CA LEU C 158 39.03 -18.76 -21.29
C LEU C 158 40.48 -18.73 -21.79
N MET C 159 41.22 -17.71 -21.34
CA MET C 159 42.60 -17.46 -21.80
C MET C 159 43.55 -18.63 -21.53
N SER C 160 43.30 -19.37 -20.47
CA SER C 160 44.12 -20.53 -20.10
C SER C 160 43.59 -21.83 -20.72
N ASN C 161 42.66 -21.71 -21.66
CA ASN C 161 42.13 -22.85 -22.40
C ASN C 161 42.32 -22.75 -23.91
N TYR C 162 42.46 -21.52 -24.40
CA TYR C 162 42.54 -21.25 -25.84
C TYR C 162 43.69 -20.31 -26.19
N ASP C 163 44.23 -20.46 -27.41
CA ASP C 163 45.15 -19.48 -27.97
C ASP C 163 44.31 -18.40 -28.64
N VAL C 164 44.29 -17.22 -28.01
CA VAL C 164 43.42 -16.14 -28.45
C VAL C 164 43.99 -15.38 -29.65
N PRO C 165 43.27 -15.42 -30.80
CA PRO C 165 43.67 -14.59 -31.94
C PRO C 165 43.09 -13.18 -31.82
N GLU C 166 43.60 -12.27 -32.65
CA GLU C 166 43.14 -10.87 -32.66
C GLU C 166 41.66 -10.75 -33.03
N LYS C 167 41.16 -11.72 -33.78
CA LYS C 167 39.73 -11.81 -34.12
C LYS C 167 38.91 -11.90 -32.82
N TRP C 168 39.43 -12.66 -31.85
CA TRP C 168 38.81 -12.82 -30.55
C TRP C 168 39.06 -11.61 -29.67
N ALA C 169 40.30 -11.12 -29.67
CA ALA C 169 40.67 -9.94 -28.90
C ALA C 169 39.77 -8.76 -29.26
N LYS C 170 39.64 -8.48 -30.56
CA LYS C 170 38.78 -7.43 -31.08
C LYS C 170 37.39 -7.43 -30.43
N PHE C 171 36.83 -8.62 -30.26
CA PHE C 171 35.49 -8.79 -29.71
C PHE C 171 35.45 -8.65 -28.19
N TYR C 172 36.25 -9.45 -27.50
CA TYR C 172 36.22 -9.48 -26.04
C TYR C 172 36.64 -8.16 -25.43
N THR C 173 37.55 -7.45 -26.10
CA THR C 173 37.97 -6.12 -25.67
C THR C 173 36.87 -5.10 -25.89
N ALA C 174 36.27 -5.12 -27.08
CA ALA C 174 35.16 -4.23 -27.42
C ALA C 174 34.00 -4.35 -26.43
N GLU C 175 33.71 -5.57 -26.02
CA GLU C 175 32.65 -5.79 -25.03
C GLU C 175 33.01 -5.23 -23.66
N VAL C 176 34.29 -5.32 -23.29
CA VAL C 176 34.78 -4.74 -22.04
C VAL C 176 34.64 -3.21 -22.07
N VAL C 177 35.01 -2.61 -23.20
CA VAL C 177 34.89 -1.18 -23.42
C VAL C 177 33.45 -0.71 -23.21
N LEU C 178 32.50 -1.42 -23.79
CA LEU C 178 31.08 -1.07 -23.67
C LEU C 178 30.57 -1.26 -22.25
N ALA C 179 30.94 -2.38 -21.65
CA ALA C 179 30.52 -2.72 -20.30
C ALA C 179 31.04 -1.67 -19.33
N LEU C 180 32.31 -1.31 -19.46
CA LEU C 180 32.91 -0.28 -18.61
C LEU C 180 32.27 1.07 -18.85
N ASP C 181 31.93 1.35 -20.12
CA ASP C 181 31.27 2.60 -20.46
C ASP C 181 29.89 2.65 -19.82
N ALA C 182 29.17 1.53 -19.89
CA ALA C 182 27.88 1.41 -19.24
C ALA C 182 28.00 1.78 -17.75
N ILE C 183 29.05 1.27 -17.10
CA ILE C 183 29.34 1.56 -15.70
C ILE C 183 29.63 3.04 -15.50
N HIS C 184 30.44 3.61 -16.39
CA HIS C 184 30.80 5.02 -16.31
C HIS C 184 29.56 5.91 -16.42
N SER C 185 28.68 5.58 -17.35
CA SER C 185 27.44 6.33 -17.59
C SER C 185 26.53 6.41 -16.36
N MET C 186 26.80 5.61 -15.35
CA MET C 186 26.06 5.63 -14.09
C MET C 186 26.78 6.50 -13.05
N GLY C 187 27.83 7.19 -13.48
CA GLY C 187 28.61 8.03 -12.58
C GLY C 187 29.51 7.20 -11.69
N LEU C 188 29.95 6.07 -12.23
CA LEU C 188 30.78 5.13 -11.47
C LEU C 188 32.03 4.70 -12.23
N ILE C 189 33.17 4.72 -11.54
CA ILE C 189 34.37 4.08 -12.09
C ILE C 189 34.58 2.76 -11.34
N HIS C 190 35.10 1.77 -12.06
CA HIS C 190 35.24 0.41 -11.52
C HIS C 190 36.47 0.25 -10.64
N ARG C 191 37.62 0.69 -11.15
CA ARG C 191 38.93 0.63 -10.48
C ARG C 191 39.70 -0.69 -10.65
N ASP C 192 39.05 -1.81 -10.33
CA ASP C 192 39.71 -3.12 -10.39
C ASP C 192 39.18 -3.97 -11.54
N VAL C 193 39.39 -3.51 -12.77
CA VAL C 193 38.96 -4.24 -13.95
C VAL C 193 39.96 -5.33 -14.28
N LYS C 194 39.48 -6.58 -14.28
CA LYS C 194 40.30 -7.74 -14.61
C LYS C 194 39.45 -8.91 -15.12
N PRO C 195 40.06 -9.88 -15.82
CA PRO C 195 39.36 -11.06 -16.33
C PRO C 195 38.71 -11.96 -15.27
N ASP C 196 38.95 -11.68 -13.99
CA ASP C 196 38.28 -12.38 -12.91
C ASP C 196 36.85 -11.89 -12.78
N ASN C 197 36.66 -10.59 -13.03
CA ASN C 197 35.34 -9.96 -12.98
C ASN C 197 34.63 -10.03 -14.33
N MET C 198 35.35 -10.54 -15.33
CA MET C 198 34.79 -10.68 -16.68
C MET C 198 34.13 -12.05 -16.82
N LEU C 199 32.81 -12.09 -16.69
CA LEU C 199 32.07 -13.34 -16.80
C LEU C 199 31.36 -13.50 -18.15
N LEU C 200 31.16 -14.76 -18.56
CA LEU C 200 30.48 -15.07 -19.82
C LEU C 200 29.17 -15.84 -19.59
N ASP C 201 28.12 -15.42 -20.29
CA ASP C 201 26.78 -16.02 -20.15
C ASP C 201 26.57 -17.27 -21.00
N LYS C 202 25.32 -17.71 -21.09
CA LYS C 202 24.91 -18.89 -21.85
C LYS C 202 25.41 -18.91 -23.31
N HIS C 203 25.46 -17.75 -23.95
CA HIS C 203 25.84 -17.65 -25.37
C HIS C 203 27.28 -17.19 -25.61
N GLY C 204 28.00 -16.94 -24.52
CA GLY C 204 29.43 -16.57 -24.58
C GLY C 204 29.75 -15.09 -24.58
N HIS C 205 28.83 -14.26 -24.07
CA HIS C 205 29.02 -12.81 -24.03
C HIS C 205 29.35 -12.27 -22.63
N LEU C 206 29.96 -11.09 -22.60
CA LEU C 206 30.53 -10.49 -21.39
C LEU C 206 29.50 -9.84 -20.45
N LYS C 207 29.68 -10.02 -19.14
CA LYS C 207 29.04 -9.18 -18.11
C LYS C 207 30.04 -8.96 -16.97
N LEU C 208 30.08 -7.75 -16.42
CA LEU C 208 31.01 -7.41 -15.32
C LEU C 208 30.51 -7.90 -13.97
N ALA C 209 31.41 -8.07 -13.00
CA ALA C 209 31.06 -8.88 -11.82
C ALA C 209 31.35 -8.31 -10.43
N ASP C 210 32.58 -7.89 -10.18
CA ASP C 210 32.94 -7.56 -8.81
C ASP C 210 32.98 -6.06 -8.57
N PHE C 211 31.86 -5.53 -8.07
CA PHE C 211 31.70 -4.10 -7.96
C PHE C 211 32.04 -3.53 -6.58
N GLY C 212 32.78 -4.30 -5.79
CA GLY C 212 33.20 -3.88 -4.45
C GLY C 212 34.18 -2.73 -4.42
N THR C 213 34.84 -2.47 -5.55
CA THR C 213 35.84 -1.43 -5.65
C THR C 213 35.31 -0.16 -6.32
N CYS C 214 34.03 -0.16 -6.67
CA CYS C 214 33.41 0.96 -7.38
C CYS C 214 33.28 2.23 -6.56
N MET C 215 33.37 3.37 -7.23
CA MET C 215 33.32 4.67 -6.59
C MET C 215 32.41 5.60 -7.38
N LYS C 216 31.59 6.37 -6.66
CA LYS C 216 30.79 7.43 -7.27
C LYS C 216 31.73 8.53 -7.72
N MET C 217 31.49 9.08 -8.89
CA MET C 217 32.32 10.17 -9.42
C MET C 217 31.98 11.53 -8.81
N ASP C 218 32.90 12.48 -8.95
CA ASP C 218 32.66 13.88 -8.58
C ASP C 218 31.56 14.45 -9.46
N GLU C 219 31.17 15.70 -9.19
CA GLU C 219 30.36 16.45 -10.15
C GLU C 219 31.20 16.79 -11.37
N THR C 220 32.53 16.85 -11.18
CA THR C 220 33.48 17.00 -12.27
C THR C 220 33.70 15.66 -12.99
N GLY C 221 34.08 14.63 -12.23
CA GLY C 221 34.24 13.28 -12.78
C GLY C 221 35.47 12.53 -12.30
N MET C 222 35.96 12.89 -11.12
CA MET C 222 37.14 12.26 -10.53
C MET C 222 36.74 11.55 -9.23
N VAL C 223 37.72 11.29 -8.34
CA VAL C 223 37.46 10.80 -6.97
C VAL C 223 38.57 11.18 -5.99
N HIS C 224 38.24 11.12 -4.70
CA HIS C 224 39.17 11.40 -3.62
C HIS C 224 38.73 10.56 -2.42
N CYS C 225 39.41 9.44 -2.20
CA CYS C 225 39.11 8.55 -1.06
C CYS C 225 40.33 7.78 -0.58
N ASP C 226 40.12 6.53 -0.15
CA ASP C 226 41.16 5.74 0.51
C ASP C 226 41.12 4.24 0.18
N THR C 227 40.01 3.78 -0.42
CA THR C 227 39.76 2.35 -0.69
C THR C 227 40.95 1.62 -1.34
N ALA C 228 41.46 0.61 -0.62
CA ALA C 228 42.64 -0.13 -1.04
C ALA C 228 42.35 -1.14 -2.17
N VAL C 229 43.39 -1.45 -2.93
CA VAL C 229 43.32 -2.50 -3.95
C VAL C 229 44.32 -3.63 -3.65
N GLY C 230 43.93 -4.86 -3.97
CA GLY C 230 44.71 -6.06 -3.67
C GLY C 230 45.92 -6.23 -4.55
N THR C 231 45.83 -7.14 -5.51
CA THR C 231 46.92 -7.33 -6.47
C THR C 231 46.93 -6.24 -7.54
N PRO C 232 48.10 -5.60 -7.76
CA PRO C 232 48.18 -4.43 -8.60
C PRO C 232 48.16 -4.69 -10.11
N ASP C 233 48.32 -5.95 -10.52
CA ASP C 233 48.52 -6.33 -11.93
C ASP C 233 47.87 -5.43 -12.98
N TYR C 234 46.54 -5.26 -12.90
CA TYR C 234 45.76 -4.51 -13.88
C TYR C 234 45.50 -3.06 -13.49
N ILE C 235 45.98 -2.67 -12.30
CA ILE C 235 45.71 -1.35 -11.74
C ILE C 235 46.64 -0.30 -12.37
N SER C 236 46.07 0.87 -12.64
CA SER C 236 46.77 2.00 -13.25
C SER C 236 47.80 2.63 -12.33
N PRO C 237 48.78 3.36 -12.91
CA PRO C 237 49.79 4.06 -12.12
C PRO C 237 49.22 5.11 -11.19
N GLU C 238 48.36 5.98 -11.73
CA GLU C 238 47.78 7.07 -10.95
C GLU C 238 47.06 6.56 -9.70
N VAL C 239 46.38 5.42 -9.84
CA VAL C 239 45.55 4.84 -8.79
C VAL C 239 46.37 4.41 -7.57
N LEU C 240 47.44 3.66 -7.79
CA LEU C 240 48.24 3.21 -6.66
C LEU C 240 49.25 4.22 -6.15
N LYS C 241 49.58 5.24 -6.94
CA LYS C 241 50.39 6.35 -6.43
C LYS C 241 49.51 7.22 -5.54
N SER C 242 48.22 7.21 -5.84
CA SER C 242 47.19 7.88 -5.05
C SER C 242 46.94 7.18 -3.72
N GLN C 243 47.19 5.87 -3.70
CA GLN C 243 47.01 5.03 -2.51
C GLN C 243 47.92 5.43 -1.34
N GLY C 244 48.86 6.33 -1.61
CA GLY C 244 49.71 6.91 -0.58
C GLY C 244 48.99 8.01 0.19
N GLY C 245 47.69 8.16 -0.08
CA GLY C 245 46.88 9.20 0.53
C GLY C 245 46.61 10.33 -0.44
N ASP C 246 45.35 10.78 -0.48
CA ASP C 246 44.87 11.88 -1.33
C ASP C 246 45.42 11.97 -2.77
N GLY C 247 44.66 11.42 -3.71
CA GLY C 247 45.00 11.46 -5.12
C GLY C 247 43.76 11.46 -6.01
N TYR C 248 43.84 12.17 -7.11
CA TYR C 248 42.72 12.30 -8.04
C TYR C 248 42.90 11.42 -9.28
N TYR C 249 41.81 10.80 -9.73
CA TYR C 249 41.78 10.07 -11.00
C TYR C 249 40.37 9.88 -11.54
N GLY C 250 40.22 10.00 -12.86
CA GLY C 250 38.93 9.90 -13.51
C GLY C 250 38.65 8.50 -14.04
N ARG C 251 37.78 8.44 -15.04
CA ARG C 251 37.43 7.16 -15.67
C ARG C 251 38.61 6.49 -16.38
N GLU C 252 39.57 7.30 -16.81
CA GLU C 252 40.72 6.82 -17.60
C GLU C 252 41.52 5.74 -16.88
N CYS C 253 41.31 5.61 -15.56
CA CYS C 253 42.00 4.62 -14.75
C CYS C 253 41.49 3.20 -15.03
N ASP C 254 40.36 3.12 -15.73
CA ASP C 254 39.82 1.84 -16.15
C ASP C 254 40.31 1.48 -17.55
N TRP C 255 40.56 2.50 -18.37
CA TRP C 255 41.05 2.25 -19.73
C TRP C 255 42.46 1.68 -19.69
N TRP C 256 43.22 2.05 -18.66
CA TRP C 256 44.50 1.42 -18.40
C TRP C 256 44.30 -0.07 -18.18
N SER C 257 43.28 -0.43 -17.41
CA SER C 257 43.02 -1.83 -17.09
C SER C 257 42.70 -2.63 -18.36
N VAL C 258 42.05 -1.98 -19.32
CA VAL C 258 41.67 -2.63 -20.59
C VAL C 258 42.90 -2.92 -21.45
N GLY C 259 43.90 -2.04 -21.37
CA GLY C 259 45.17 -2.25 -22.04
C GLY C 259 45.87 -3.50 -21.51
N VAL C 260 46.04 -3.54 -20.19
CA VAL C 260 46.66 -4.68 -19.51
C VAL C 260 45.93 -5.97 -19.87
N PHE C 261 44.61 -5.89 -19.97
CA PHE C 261 43.79 -7.00 -20.42
C PHE C 261 44.10 -7.41 -21.87
N LEU C 262 44.03 -6.43 -22.78
CA LEU C 262 44.26 -6.68 -24.21
C LEU C 262 45.64 -7.26 -24.50
N TYR C 263 46.65 -6.74 -23.81
CA TYR C 263 48.01 -7.24 -23.93
C TYR C 263 48.09 -8.69 -23.47
N GLU C 264 47.60 -8.96 -22.25
CA GLU C 264 47.66 -10.29 -21.64
C GLU C 264 46.94 -11.35 -22.47
N MET C 265 45.91 -10.91 -23.17
CA MET C 265 45.13 -11.79 -24.02
C MET C 265 45.87 -12.11 -25.32
N LEU C 266 46.74 -11.21 -25.74
CA LEU C 266 47.50 -11.36 -26.98
C LEU C 266 48.96 -11.79 -26.76
N VAL C 267 49.30 -12.12 -25.51
CA VAL C 267 50.65 -12.60 -25.18
C VAL C 267 50.59 -13.88 -24.33
N GLY C 268 49.84 -13.83 -23.25
CA GLY C 268 49.76 -14.95 -22.30
C GLY C 268 50.22 -14.57 -20.92
N ASP C 269 51.00 -13.48 -20.85
CA ASP C 269 51.44 -12.91 -19.58
C ASP C 269 50.96 -11.46 -19.48
N THR C 270 50.67 -11.02 -18.25
CA THR C 270 50.39 -9.61 -17.96
C THR C 270 51.64 -8.77 -18.30
N PRO C 271 51.43 -7.56 -18.87
CA PRO C 271 52.55 -6.72 -19.32
C PRO C 271 53.44 -6.15 -18.19
N PHE C 272 53.10 -6.43 -16.94
CA PHE C 272 53.90 -6.02 -15.81
C PHE C 272 54.02 -7.14 -14.78
N TYR C 273 54.00 -8.38 -15.27
CA TYR C 273 54.08 -9.58 -14.44
C TYR C 273 55.38 -9.64 -13.63
N ALA C 274 55.28 -10.15 -12.41
CA ALA C 274 56.44 -10.29 -11.53
C ALA C 274 56.29 -11.38 -10.46
N ASP C 275 57.43 -11.83 -9.93
CA ASP C 275 57.49 -12.86 -8.89
C ASP C 275 56.92 -12.42 -7.54
N SER C 276 57.28 -11.21 -7.12
CA SER C 276 56.80 -10.67 -5.85
C SER C 276 55.69 -9.66 -6.06
N LEU C 277 54.99 -9.30 -4.98
CA LEU C 277 53.94 -8.29 -5.02
C LEU C 277 54.53 -6.93 -5.37
N VAL C 278 55.58 -6.55 -4.62
CA VAL C 278 56.34 -5.33 -4.85
C VAL C 278 56.86 -5.24 -6.29
N GLY C 279 57.26 -6.39 -6.85
CA GLY C 279 57.81 -6.46 -8.21
C GLY C 279 56.86 -5.97 -9.28
N THR C 280 55.61 -6.42 -9.21
CA THR C 280 54.57 -6.01 -10.14
C THR C 280 54.31 -4.51 -9.97
N TYR C 281 54.27 -4.05 -8.72
CA TYR C 281 54.13 -2.62 -8.42
C TYR C 281 55.31 -1.82 -9.01
N SER C 282 56.52 -2.33 -8.83
CA SER C 282 57.72 -1.67 -9.33
C SER C 282 57.64 -1.47 -10.85
N LYS C 283 57.27 -2.52 -11.57
CA LYS C 283 57.12 -2.48 -13.03
C LYS C 283 56.12 -1.43 -13.48
N ILE C 284 54.92 -1.45 -12.89
CA ILE C 284 53.83 -0.55 -13.23
C ILE C 284 54.20 0.93 -13.12
N MET C 285 54.87 1.31 -12.03
CA MET C 285 55.29 2.71 -11.85
C MET C 285 56.29 3.11 -12.92
N ASP C 286 57.26 2.24 -13.16
CA ASP C 286 58.28 2.47 -14.15
C ASP C 286 57.86 1.86 -15.49
N HIS C 287 56.62 2.16 -15.89
CA HIS C 287 56.03 1.56 -17.09
C HIS C 287 56.66 2.03 -18.40
N LYS C 288 57.22 3.24 -18.37
CA LYS C 288 57.93 3.80 -19.51
C LYS C 288 59.14 2.94 -19.89
N ASN C 289 59.76 2.32 -18.89
CA ASN C 289 60.89 1.43 -19.11
C ASN C 289 60.51 -0.04 -19.26
N SER C 290 59.37 -0.42 -18.69
CA SER C 290 59.03 -1.84 -18.54
C SER C 290 58.05 -2.39 -19.59
N LEU C 291 57.24 -1.52 -20.19
CA LEU C 291 56.31 -1.95 -21.24
C LEU C 291 57.08 -2.57 -22.42
N CYS C 292 56.98 -3.89 -22.54
CA CYS C 292 57.79 -4.64 -23.50
C CYS C 292 56.94 -5.58 -24.37
N PHE C 293 57.28 -5.66 -25.67
CA PHE C 293 56.62 -6.57 -26.60
C PHE C 293 57.56 -7.73 -26.95
N PRO C 294 57.15 -8.99 -26.64
CA PRO C 294 58.00 -10.16 -26.89
C PRO C 294 58.22 -10.44 -28.38
N GLU C 295 59.37 -11.05 -28.71
CA GLU C 295 59.74 -11.33 -30.10
C GLU C 295 58.85 -12.37 -30.78
N ASP C 296 58.74 -13.57 -30.19
CA ASP C 296 57.94 -14.65 -30.78
C ASP C 296 56.43 -14.54 -30.49
N ALA C 297 56.00 -13.35 -30.04
CA ALA C 297 54.59 -13.05 -29.83
C ALA C 297 54.00 -12.41 -31.08
N GLU C 298 52.85 -12.93 -31.51
CA GLU C 298 52.22 -12.53 -32.77
C GLU C 298 51.31 -11.31 -32.61
N ILE C 299 51.86 -10.22 -32.08
CA ILE C 299 51.09 -8.97 -31.95
C ILE C 299 51.16 -8.19 -33.25
N SER C 300 50.00 -7.97 -33.86
CA SER C 300 49.93 -7.21 -35.11
C SER C 300 50.14 -5.73 -34.85
N LYS C 301 50.35 -4.99 -35.93
CA LYS C 301 50.65 -3.56 -35.88
C LYS C 301 49.55 -2.72 -35.20
N HIS C 302 48.29 -2.99 -35.54
CA HIS C 302 47.17 -2.19 -35.05
C HIS C 302 46.82 -2.38 -33.57
N ALA C 303 46.97 -3.61 -33.09
CA ALA C 303 46.71 -3.94 -31.68
C ALA C 303 47.86 -3.45 -30.79
N LYS C 304 49.06 -3.46 -31.35
CA LYS C 304 50.26 -2.96 -30.71
C LYS C 304 50.11 -1.48 -30.36
N ASN C 305 49.45 -0.74 -31.25
CA ASN C 305 49.27 0.69 -31.10
C ASN C 305 48.17 1.06 -30.11
N LEU C 306 47.23 0.15 -29.90
CA LEU C 306 46.14 0.38 -28.94
C LEU C 306 46.63 0.19 -27.51
N ILE C 307 47.39 -0.88 -27.28
CA ILE C 307 48.01 -1.14 -25.99
C ILE C 307 48.83 0.08 -25.55
N CYS C 308 49.61 0.65 -26.46
CA CYS C 308 50.38 1.86 -26.19
C CYS C 308 49.53 3.10 -25.87
N ALA C 309 48.33 3.17 -26.45
CA ALA C 309 47.43 4.31 -26.23
C ALA C 309 46.78 4.28 -24.85
N PHE C 310 46.53 3.06 -24.37
CA PHE C 310 45.96 2.85 -23.04
C PHE C 310 47.05 2.91 -21.96
N LEU C 311 48.20 2.29 -22.26
CA LEU C 311 49.31 2.22 -21.30
C LEU C 311 50.26 3.41 -21.38
N THR C 312 49.68 4.60 -21.17
CA THR C 312 50.45 5.83 -20.98
C THR C 312 49.87 6.55 -19.78
N ASP C 313 50.36 7.77 -19.53
CA ASP C 313 49.94 8.53 -18.37
C ASP C 313 48.49 8.99 -18.43
N ARG C 314 47.97 9.35 -17.26
CA ARG C 314 46.63 9.91 -17.12
C ARG C 314 46.36 11.02 -18.14
N GLU C 315 47.29 11.96 -18.21
CA GLU C 315 47.19 13.17 -19.05
C GLU C 315 46.99 12.93 -20.56
N VAL C 316 47.66 11.90 -21.09
CA VAL C 316 47.58 11.58 -22.52
C VAL C 316 46.94 10.22 -22.81
N ARG C 317 46.20 9.67 -21.86
CA ARG C 317 45.57 8.35 -22.07
C ARG C 317 44.31 8.44 -22.92
N LEU C 318 44.17 7.46 -23.82
CA LEU C 318 43.03 7.32 -24.71
C LEU C 318 41.74 7.14 -23.91
N GLY C 319 40.76 8.00 -24.16
CA GLY C 319 39.48 7.92 -23.46
C GLY C 319 39.24 9.08 -22.52
N ARG C 320 40.12 10.08 -22.57
CA ARG C 320 39.94 11.31 -21.81
C ARG C 320 38.91 12.22 -22.46
N ASN C 321 38.82 12.17 -23.78
CA ASN C 321 37.79 12.91 -24.53
C ASN C 321 36.48 12.14 -24.63
N GLY C 322 36.37 11.08 -23.83
CA GLY C 322 35.20 10.21 -23.82
C GLY C 322 35.48 8.87 -24.48
N VAL C 323 34.50 7.98 -24.43
CA VAL C 323 34.59 6.64 -24.98
C VAL C 323 34.65 6.62 -26.52
N GLU C 324 34.25 7.75 -27.12
CA GLU C 324 34.17 7.90 -28.57
C GLU C 324 35.49 7.57 -29.26
N GLU C 325 36.59 8.15 -28.76
CA GLU C 325 37.94 7.93 -29.29
C GLU C 325 38.32 6.45 -29.39
N ILE C 326 37.93 5.65 -28.40
CA ILE C 326 38.23 4.22 -28.37
C ILE C 326 37.69 3.53 -29.62
N ARG C 327 36.42 3.80 -29.92
CA ARG C 327 35.68 3.09 -30.97
C ARG C 327 36.27 3.23 -32.37
N GLN C 328 36.84 4.39 -32.67
CA GLN C 328 37.39 4.66 -34.01
C GLN C 328 38.76 4.04 -34.28
N HIS C 329 39.35 3.42 -33.27
CA HIS C 329 40.65 2.79 -33.42
C HIS C 329 40.62 1.66 -34.46
N PRO C 330 41.52 1.71 -35.47
CA PRO C 330 41.54 0.78 -36.60
C PRO C 330 41.67 -0.69 -36.19
N PHE C 331 42.01 -0.94 -34.93
CA PHE C 331 42.01 -2.28 -34.39
C PHE C 331 40.60 -2.87 -34.42
N PHE C 332 39.61 -2.03 -34.11
CA PHE C 332 38.21 -2.46 -34.07
C PHE C 332 37.52 -2.52 -35.44
N LYS C 333 38.32 -2.39 -36.51
CA LYS C 333 37.86 -2.65 -37.87
C LYS C 333 37.66 -4.15 -38.02
N ASN C 334 36.43 -4.57 -38.30
CA ASN C 334 36.11 -5.99 -38.35
C ASN C 334 35.10 -6.39 -39.44
N ASP C 335 34.81 -7.68 -39.51
CA ASP C 335 34.05 -8.26 -40.60
C ASP C 335 32.77 -8.95 -40.11
N GLN C 336 32.51 -8.88 -38.81
CA GLN C 336 31.45 -9.70 -38.20
C GLN C 336 30.46 -8.99 -37.26
N TRP C 337 30.82 -7.81 -36.77
CA TRP C 337 29.96 -7.05 -35.83
C TRP C 337 30.15 -5.54 -35.89
N HIS C 338 29.21 -4.80 -35.30
CA HIS C 338 29.40 -3.37 -35.06
C HIS C 338 29.00 -3.00 -33.63
N TRP C 339 29.53 -1.87 -33.15
CA TRP C 339 29.28 -1.37 -31.79
C TRP C 339 27.81 -1.25 -31.46
N ASP C 340 27.00 -1.08 -32.51
CA ASP C 340 25.54 -1.00 -32.37
C ASP C 340 24.94 -2.38 -32.06
N ASN C 341 25.49 -3.42 -32.67
CA ASN C 341 24.87 -4.75 -32.68
C ASN C 341 25.76 -5.90 -32.18
N ILE C 342 26.77 -5.58 -31.37
CA ILE C 342 27.75 -6.60 -30.97
C ILE C 342 27.15 -7.72 -30.11
N ARG C 343 26.25 -7.38 -29.19
CA ARG C 343 25.68 -8.37 -28.26
C ARG C 343 24.86 -9.48 -28.93
N GLU C 344 24.32 -9.20 -30.11
CA GLU C 344 23.51 -10.17 -30.82
C GLU C 344 24.28 -10.92 -31.91
N THR C 345 25.59 -10.72 -31.97
CA THR C 345 26.46 -11.47 -32.90
C THR C 345 27.01 -12.74 -32.25
N ALA C 346 27.57 -13.62 -33.07
CA ALA C 346 28.14 -14.88 -32.61
C ALA C 346 29.40 -14.64 -31.78
N ALA C 347 29.47 -15.25 -30.60
CA ALA C 347 30.63 -15.10 -29.72
C ALA C 347 31.68 -16.16 -30.04
N PRO C 348 32.97 -15.79 -29.92
CA PRO C 348 34.11 -16.68 -30.21
C PRO C 348 34.01 -18.07 -29.56
N VAL C 349 33.82 -18.10 -28.24
CA VAL C 349 33.58 -19.36 -27.52
C VAL C 349 32.18 -19.34 -26.96
N VAL C 350 31.29 -20.09 -27.62
CA VAL C 350 29.96 -20.35 -27.10
C VAL C 350 30.07 -21.58 -26.20
N PRO C 351 29.84 -21.41 -24.89
CA PRO C 351 30.00 -22.52 -23.95
C PRO C 351 28.98 -23.62 -24.21
N GLU C 352 29.43 -24.87 -24.09
CA GLU C 352 28.54 -26.01 -24.28
C GLU C 352 28.14 -26.60 -22.94
N LEU C 353 26.89 -26.34 -22.55
CA LEU C 353 26.34 -26.83 -21.29
C LEU C 353 25.42 -28.02 -21.54
N SER C 354 25.38 -28.93 -20.57
CA SER C 354 24.50 -30.08 -20.65
C SER C 354 23.14 -29.78 -20.02
N SER C 355 23.18 -29.19 -18.82
CA SER C 355 21.98 -28.79 -18.09
C SER C 355 22.17 -27.46 -17.38
N ASP C 356 21.12 -26.99 -16.71
CA ASP C 356 21.13 -25.68 -16.07
C ASP C 356 22.02 -25.58 -14.82
N ILE C 357 22.80 -26.63 -14.55
CA ILE C 357 23.75 -26.65 -13.44
C ILE C 357 25.17 -27.03 -13.86
N ASP C 358 25.42 -27.07 -15.17
CA ASP C 358 26.73 -27.43 -15.71
C ASP C 358 27.77 -26.35 -15.39
N SER C 359 28.64 -26.63 -14.43
CA SER C 359 29.68 -25.68 -14.02
C SER C 359 31.08 -26.18 -14.39
N SER C 360 31.18 -26.85 -15.53
CA SER C 360 32.45 -27.40 -16.01
C SER C 360 33.43 -26.30 -16.39
N ASN C 361 32.91 -25.09 -16.60
CA ASN C 361 33.73 -23.92 -16.91
C ASN C 361 34.30 -23.27 -15.65
N PHE C 362 34.01 -23.88 -14.50
CA PHE C 362 34.56 -23.45 -13.22
C PHE C 362 35.39 -24.56 -12.61
N ASP C 363 36.13 -24.24 -11.55
CA ASP C 363 36.96 -25.22 -10.86
C ASP C 363 36.42 -25.55 -9.48
N ASP C 364 36.89 -26.65 -8.92
CA ASP C 364 36.49 -27.07 -7.59
C ASP C 364 37.36 -26.38 -6.53
N ILE C 365 36.78 -26.13 -5.36
CA ILE C 365 37.50 -25.51 -4.23
C ILE C 365 37.00 -26.02 -2.87
N GLU C 366 37.88 -26.02 -1.87
CA GLU C 366 37.54 -26.46 -0.52
C GLU C 366 38.18 -25.59 0.57
N GLU C 373 34.02 -19.70 12.77
CA GLU C 373 33.87 -18.39 12.15
C GLU C 373 32.66 -17.67 12.76
N THR C 374 32.85 -17.05 13.91
CA THR C 374 31.74 -16.47 14.68
C THR C 374 32.04 -15.08 15.26
N PHE C 375 30.99 -14.42 15.77
CA PHE C 375 31.10 -13.20 16.55
C PHE C 375 31.19 -13.54 18.05
N PRO C 376 31.95 -12.74 18.83
CA PRO C 376 32.00 -12.97 20.28
C PRO C 376 30.85 -12.29 21.00
N ILE C 377 30.27 -12.99 22.00
CA ILE C 377 29.14 -12.47 22.79
C ILE C 377 29.54 -11.20 23.56
N PRO C 378 28.89 -10.07 23.24
CA PRO C 378 29.28 -8.74 23.72
C PRO C 378 29.00 -8.48 25.21
N LYS C 379 29.87 -7.66 25.80
CA LYS C 379 29.71 -7.16 27.16
C LYS C 379 28.63 -6.09 27.16
N ALA C 380 28.96 -4.92 26.62
CA ALA C 380 28.02 -3.83 26.44
C ALA C 380 27.49 -3.86 25.00
N PHE C 381 26.90 -2.76 24.55
CA PHE C 381 26.35 -2.67 23.20
C PHE C 381 27.42 -2.36 22.16
N VAL C 382 27.68 -3.33 21.30
CA VAL C 382 28.69 -3.20 20.23
C VAL C 382 28.08 -2.67 18.94
N GLY C 383 26.80 -3.00 18.70
CA GLY C 383 26.10 -2.61 17.49
C GLY C 383 26.62 -3.32 16.24
N ASN C 384 27.02 -4.57 16.41
CA ASN C 384 27.62 -5.36 15.34
C ASN C 384 26.82 -5.49 14.04
N GLN C 385 25.50 -5.39 14.15
CA GLN C 385 24.62 -5.57 12.98
C GLN C 385 24.17 -4.24 12.37
N LEU C 386 24.55 -3.13 13.00
CA LEU C 386 24.15 -1.80 12.54
C LEU C 386 24.69 -1.40 11.16
N PRO C 387 25.86 -1.93 10.73
CA PRO C 387 26.34 -1.55 9.40
C PRO C 387 25.57 -2.21 8.27
N PHE C 388 24.83 -3.29 8.56
CA PHE C 388 24.14 -4.07 7.53
C PHE C 388 22.64 -3.77 7.38
N ILE C 389 22.14 -2.82 8.17
CA ILE C 389 20.74 -2.38 8.07
C ILE C 389 20.45 -1.75 6.70
N GLY C 390 19.51 -2.33 5.98
CA GLY C 390 19.07 -1.77 4.70
C GLY C 390 19.59 -2.53 3.49
N PHE C 391 20.31 -3.63 3.74
CA PHE C 391 20.85 -4.46 2.66
C PHE C 391 19.77 -5.28 1.95
N THR C 392 18.78 -5.76 2.71
CA THR C 392 17.73 -6.64 2.17
C THR C 392 16.97 -5.99 1.01
N TYR C 393 16.94 -6.69 -0.12
CA TYR C 393 16.27 -6.20 -1.34
C TYR C 393 15.65 -7.36 -2.15
N TYR C 394 14.44 -7.13 -2.67
CA TYR C 394 13.75 -8.07 -3.55
C TYR C 394 13.33 -7.41 -4.87
N ARG C 395 13.71 -8.00 -6.01
CA ARG C 395 13.39 -7.45 -7.35
C ARG C 395 11.90 -7.47 -7.61
N SER D 3 10.21 4.67 -14.79
CA SER D 3 9.75 4.68 -13.37
C SER D 3 8.82 3.49 -13.07
N ARG D 4 7.91 3.23 -14.01
CA ARG D 4 6.88 2.18 -13.91
C ARG D 4 5.71 2.57 -12.99
N GLN D 5 5.44 1.74 -11.99
CA GLN D 5 4.28 1.91 -11.11
C GLN D 5 4.61 2.75 -9.88
N ARG D 6 5.40 3.82 -10.09
CA ARG D 6 5.60 4.82 -9.05
C ARG D 6 4.78 6.05 -9.40
N LYS D 7 4.87 6.46 -10.67
CA LYS D 7 4.05 7.54 -11.18
C LYS D 7 2.58 7.17 -11.07
N LEU D 8 2.28 5.90 -11.34
CA LEU D 8 0.92 5.38 -11.32
C LEU D 8 0.39 5.16 -9.91
N GLU D 9 1.26 4.76 -9.00
CA GLU D 9 0.90 4.55 -7.60
C GLU D 9 0.49 5.84 -6.90
N ALA D 10 1.14 6.94 -7.28
CA ALA D 10 0.86 8.25 -6.71
C ALA D 10 -0.55 8.73 -7.03
N LEU D 11 -0.95 8.55 -8.28
CA LEU D 11 -2.29 8.94 -8.73
C LEU D 11 -3.39 8.18 -7.99
N ILE D 12 -3.16 6.89 -7.74
CA ILE D 12 -4.10 6.04 -7.01
C ILE D 12 -4.24 6.46 -5.54
N ARG D 13 -3.14 6.88 -4.93
CA ARG D 13 -3.11 7.25 -3.53
C ARG D 13 -3.90 8.54 -3.25
N ASP D 14 -3.76 9.52 -4.15
CA ASP D 14 -4.35 10.84 -3.97
C ASP D 14 -5.88 10.78 -3.92
N PRO D 15 -6.47 11.09 -2.74
CA PRO D 15 -7.93 11.09 -2.64
C PRO D 15 -8.56 12.34 -3.28
N ARG D 16 -7.71 13.18 -3.86
CA ARG D 16 -8.14 14.33 -4.68
C ARG D 16 -8.21 13.94 -6.16
N SER D 17 -7.48 12.90 -6.55
CA SER D 17 -7.46 12.44 -7.94
C SER D 17 -8.69 11.60 -8.27
N PRO D 18 -9.25 11.77 -9.47
CA PRO D 18 -10.43 11.01 -9.91
C PRO D 18 -10.18 9.50 -10.14
N ILE D 19 -8.93 9.06 -10.06
CA ILE D 19 -8.63 7.63 -10.19
C ILE D 19 -8.09 6.99 -8.91
N ASN D 20 -8.52 7.48 -7.76
CA ASN D 20 -8.22 6.81 -6.49
C ASN D 20 -9.00 5.49 -6.38
N VAL D 21 -8.53 4.61 -5.51
CA VAL D 21 -9.07 3.25 -5.37
C VAL D 21 -10.61 3.25 -5.28
N GLU D 22 -11.14 4.07 -4.38
CA GLU D 22 -12.59 4.16 -4.17
C GLU D 22 -13.36 4.48 -5.45
N SER D 23 -12.78 5.35 -6.28
CA SER D 23 -13.38 5.74 -7.55
C SER D 23 -13.31 4.64 -8.60
N LEU D 24 -12.21 3.88 -8.59
CA LEU D 24 -12.05 2.74 -9.50
C LEU D 24 -13.08 1.67 -9.22
N LEU D 25 -13.44 1.53 -7.94
CA LEU D 25 -14.46 0.58 -7.49
C LEU D 25 -15.86 1.06 -7.90
N ASP D 26 -16.07 2.36 -7.87
CA ASP D 26 -17.32 2.93 -8.36
C ASP D 26 -17.45 2.60 -9.84
N GLY D 27 -16.35 2.77 -10.58
CA GLY D 27 -16.29 2.47 -12.01
C GLY D 27 -16.60 1.04 -12.36
N LEU D 28 -16.53 0.15 -11.38
CA LEU D 28 -16.88 -1.24 -11.56
C LEU D 28 -18.33 -1.49 -11.18
N ASN D 29 -18.75 -0.92 -10.05
CA ASN D 29 -20.10 -1.10 -9.54
C ASN D 29 -21.16 -0.52 -10.47
N SER D 30 -20.91 0.72 -10.91
CA SER D 30 -21.82 1.43 -11.81
C SER D 30 -21.83 0.83 -13.21
N LEU D 31 -20.80 0.07 -13.54
CA LEU D 31 -20.77 -0.69 -14.78
C LEU D 31 -21.59 -1.96 -14.63
N VAL D 32 -21.54 -2.58 -13.45
CA VAL D 32 -22.36 -3.76 -13.17
C VAL D 32 -23.84 -3.37 -13.01
N LEU D 33 -24.09 -2.27 -12.30
CA LEU D 33 -25.46 -1.79 -12.08
C LEU D 33 -26.19 -1.34 -13.34
N ASP D 34 -25.45 -0.93 -14.36
CA ASP D 34 -26.05 -0.48 -15.61
C ASP D 34 -26.03 -1.53 -16.71
N LEU D 35 -25.29 -2.61 -16.49
CA LEU D 35 -25.26 -3.72 -17.44
C LEU D 35 -26.17 -4.86 -17.04
N ASP D 36 -26.56 -4.92 -15.78
CA ASP D 36 -27.36 -6.03 -15.25
C ASP D 36 -28.86 -5.82 -15.42
N PHE D 37 -29.30 -5.93 -16.67
CA PHE D 37 -30.72 -5.96 -17.00
C PHE D 37 -30.88 -6.98 -18.12
N PRO D 38 -31.94 -7.82 -18.04
CA PRO D 38 -32.13 -8.97 -18.94
C PRO D 38 -32.08 -8.60 -20.41
N ALA D 39 -32.61 -7.42 -20.76
CA ALA D 39 -32.58 -6.90 -22.12
C ALA D 39 -31.15 -6.86 -22.67
N LEU D 40 -30.28 -6.18 -21.93
CA LEU D 40 -28.88 -6.01 -22.30
C LEU D 40 -28.08 -7.28 -22.11
N ARG D 41 -28.60 -8.19 -21.29
CA ARG D 41 -27.91 -9.42 -20.94
C ARG D 41 -27.81 -10.41 -22.12
N LYS D 42 -28.63 -10.18 -23.14
CA LYS D 42 -28.60 -10.99 -24.38
C LYS D 42 -27.26 -10.84 -25.10
N ASN D 43 -26.65 -9.67 -24.92
CA ASN D 43 -25.29 -9.38 -25.38
C ASN D 43 -24.28 -10.39 -24.81
N LYS D 44 -23.51 -11.01 -25.71
CA LYS D 44 -22.44 -11.94 -25.31
C LYS D 44 -21.44 -11.29 -24.35
N ASN D 45 -20.91 -10.14 -24.76
CA ASN D 45 -19.91 -9.41 -24.00
C ASN D 45 -20.40 -8.99 -22.63
N ILE D 46 -21.62 -8.44 -22.56
CA ILE D 46 -22.21 -8.00 -21.30
C ILE D 46 -22.54 -9.18 -20.38
N ASP D 47 -22.76 -10.35 -20.96
CA ASP D 47 -23.01 -11.54 -20.15
C ASP D 47 -21.73 -12.22 -19.65
N ASN D 48 -20.70 -12.29 -20.50
CA ASN D 48 -19.38 -12.77 -20.10
C ASN D 48 -18.89 -12.01 -18.89
N PHE D 49 -18.90 -10.69 -19.01
CA PHE D 49 -18.46 -9.78 -17.96
C PHE D 49 -19.23 -10.00 -16.65
N LEU D 50 -20.56 -9.94 -16.72
CA LEU D 50 -21.40 -9.97 -15.52
C LEU D 50 -21.38 -11.29 -14.75
N ASN D 51 -21.11 -12.39 -15.43
CA ASN D 51 -20.93 -13.65 -14.75
C ASN D 51 -19.63 -13.67 -13.97
N ARG D 52 -18.57 -13.18 -14.60
CA ARG D 52 -17.24 -13.19 -14.02
C ARG D 52 -17.08 -12.22 -12.84
N TYR D 53 -17.91 -11.18 -12.79
CA TYR D 53 -17.73 -10.11 -11.81
C TYR D 53 -18.86 -9.92 -10.82
N GLU D 54 -20.09 -10.23 -11.24
CA GLU D 54 -21.27 -10.06 -10.38
C GLU D 54 -21.04 -10.64 -8.98
N LYS D 55 -20.41 -11.82 -8.94
CA LYS D 55 -20.05 -12.50 -7.69
C LYS D 55 -19.32 -11.58 -6.72
N ILE D 56 -18.08 -11.24 -7.09
CA ILE D 56 -17.19 -10.42 -6.26
C ILE D 56 -17.68 -8.99 -6.04
N VAL D 57 -18.43 -8.45 -7.02
CA VAL D 57 -18.98 -7.09 -6.93
C VAL D 57 -20.02 -6.98 -5.81
N LYS D 58 -20.87 -7.99 -5.69
CA LYS D 58 -21.89 -8.07 -4.63
C LYS D 58 -21.26 -8.14 -3.24
N LYS D 59 -20.17 -8.90 -3.11
CA LYS D 59 -19.43 -9.00 -1.85
C LYS D 59 -18.92 -7.64 -1.40
N ILE D 60 -18.22 -6.95 -2.31
CA ILE D 60 -17.70 -5.60 -2.07
C ILE D 60 -18.78 -4.66 -1.54
N ARG D 61 -19.94 -4.68 -2.20
CA ARG D 61 -21.09 -3.87 -1.84
C ARG D 61 -21.44 -4.07 -0.36
N GLY D 62 -21.31 -5.32 0.08
CA GLY D 62 -21.55 -5.69 1.47
C GLY D 62 -20.63 -5.00 2.46
N LEU D 63 -19.32 -5.05 2.20
CA LEU D 63 -18.34 -4.48 3.14
C LEU D 63 -17.91 -3.04 2.84
N GLN D 64 -18.85 -2.20 2.46
CA GLN D 64 -18.65 -0.74 2.47
C GLN D 64 -19.91 0.04 2.80
N MET D 65 -19.73 1.23 3.37
CA MET D 65 -20.78 1.99 4.07
C MET D 65 -22.15 1.99 3.39
N LYS D 66 -23.17 1.64 4.15
CA LYS D 66 -24.54 1.63 3.66
C LYS D 66 -25.39 2.54 4.54
N ALA D 67 -26.58 2.89 4.06
CA ALA D 67 -27.53 3.67 4.87
C ALA D 67 -28.07 2.87 6.07
N GLU D 68 -27.90 1.55 6.01
CA GLU D 68 -28.28 0.65 7.11
C GLU D 68 -27.35 0.79 8.30
N ASP D 69 -26.14 1.30 8.05
CA ASP D 69 -25.14 1.53 9.10
C ASP D 69 -25.50 2.72 9.99
N TYR D 70 -26.70 3.27 9.79
CA TYR D 70 -27.14 4.46 10.50
C TYR D 70 -28.54 4.32 11.07
N ASP D 71 -28.72 4.82 12.28
CA ASP D 71 -30.04 5.05 12.85
C ASP D 71 -30.54 6.40 12.36
N VAL D 72 -31.79 6.47 11.94
CA VAL D 72 -32.35 7.74 11.50
C VAL D 72 -33.16 8.37 12.64
N VAL D 73 -32.50 9.21 13.42
CA VAL D 73 -33.11 9.84 14.60
C VAL D 73 -34.35 10.62 14.19
N LYS D 74 -34.18 11.68 13.39
CA LYS D 74 -35.29 12.38 12.76
C LYS D 74 -34.87 13.23 11.57
N VAL D 75 -35.81 13.46 10.66
CA VAL D 75 -35.60 14.27 9.46
C VAL D 75 -35.61 15.76 9.83
N ILE D 76 -34.50 16.45 9.57
CA ILE D 76 -34.33 17.83 10.01
C ILE D 76 -34.40 18.89 8.90
N GLY D 77 -34.38 18.42 7.65
CA GLY D 77 -34.48 19.33 6.51
C GLY D 77 -34.81 18.56 5.26
N ARG D 78 -35.37 19.26 4.27
CA ARG D 78 -35.70 18.64 2.99
C ARG D 78 -35.20 19.51 1.85
N GLY D 79 -34.21 18.99 1.12
CA GLY D 79 -33.62 19.70 -0.01
C GLY D 79 -34.39 19.49 -1.31
N ALA D 80 -33.87 20.05 -2.39
CA ALA D 80 -34.49 19.94 -3.70
C ALA D 80 -34.63 18.48 -4.16
N PHE D 81 -33.70 17.63 -3.75
CA PHE D 81 -33.64 16.26 -4.24
C PHE D 81 -33.94 15.21 -3.19
N GLY D 82 -33.18 15.20 -2.10
CA GLY D 82 -33.47 14.33 -0.97
C GLY D 82 -33.66 15.12 0.31
N GLU D 83 -33.78 14.41 1.43
CA GLU D 83 -33.88 15.04 2.74
C GLU D 83 -32.55 15.00 3.50
N VAL D 84 -32.42 15.89 4.47
CA VAL D 84 -31.29 15.87 5.39
C VAL D 84 -31.76 15.26 6.70
N GLN D 85 -31.08 14.20 7.15
CA GLN D 85 -31.47 13.47 8.34
C GLN D 85 -30.49 13.68 9.48
N LEU D 86 -31.02 13.70 10.70
CA LEU D 86 -30.19 13.58 11.89
C LEU D 86 -30.00 12.09 12.15
N VAL D 87 -28.74 11.64 12.11
CA VAL D 87 -28.45 10.22 12.16
C VAL D 87 -27.44 9.89 13.24
N ARG D 88 -27.43 8.63 13.65
CA ARG D 88 -26.44 8.11 14.56
C ARG D 88 -25.86 6.84 13.97
N HIS D 89 -24.56 6.85 13.69
CA HIS D 89 -23.88 5.65 13.22
C HIS D 89 -24.02 4.57 14.29
N LYS D 90 -24.43 3.37 13.88
CA LYS D 90 -24.78 2.29 14.81
C LYS D 90 -23.60 1.78 15.65
N ALA D 91 -22.48 1.48 14.98
CA ALA D 91 -21.31 0.92 15.64
C ALA D 91 -20.62 1.92 16.58
N SER D 92 -20.17 3.03 16.01
CA SER D 92 -19.47 4.05 16.78
C SER D 92 -20.41 4.88 17.66
N GLN D 93 -21.70 4.86 17.34
CA GLN D 93 -22.73 5.59 18.11
C GLN D 93 -22.61 7.11 18.00
N LYS D 94 -21.82 7.57 17.04
CA LYS D 94 -21.60 8.99 16.83
C LYS D 94 -22.72 9.62 15.99
N VAL D 95 -23.15 10.79 16.43
CA VAL D 95 -24.24 11.52 15.77
C VAL D 95 -23.71 12.37 14.63
N TYR D 96 -24.32 12.21 13.45
CA TYR D 96 -23.98 13.02 12.29
C TYR D 96 -25.24 13.61 11.63
N ALA D 97 -25.02 14.48 10.64
CA ALA D 97 -26.10 14.96 9.77
C ALA D 97 -25.88 14.34 8.38
N MET D 98 -26.88 13.59 7.90
CA MET D 98 -26.76 12.86 6.64
C MET D 98 -27.68 13.44 5.58
N LYS D 99 -27.09 13.96 4.51
CA LYS D 99 -27.84 14.52 3.40
C LYS D 99 -28.00 13.48 2.31
N LEU D 100 -29.25 13.21 1.94
CA LEU D 100 -29.55 12.33 0.82
C LEU D 100 -29.76 13.14 -0.45
N LEU D 101 -29.21 12.64 -1.56
CA LEU D 101 -29.48 13.21 -2.89
C LEU D 101 -30.07 12.11 -3.77
N SER D 102 -31.25 12.36 -4.33
CA SER D 102 -31.90 11.35 -5.18
C SER D 102 -31.26 11.24 -6.56
N LYS D 103 -30.75 10.06 -6.88
CA LYS D 103 -30.12 9.79 -8.17
C LYS D 103 -31.10 9.98 -9.33
N PHE D 104 -32.32 9.49 -9.17
CA PHE D 104 -33.34 9.58 -10.22
C PHE D 104 -33.78 11.02 -10.50
N GLU D 105 -34.01 11.80 -9.44
CA GLU D 105 -34.43 13.19 -9.58
C GLU D 105 -33.30 14.09 -10.11
N MET D 106 -32.08 13.55 -10.13
CA MET D 106 -30.93 14.26 -10.66
C MET D 106 -30.69 13.92 -12.13
N ILE D 107 -30.92 12.65 -12.48
CA ILE D 107 -30.86 12.18 -13.86
C ILE D 107 -32.01 12.79 -14.68
N LYS D 108 -33.15 12.98 -14.04
CA LYS D 108 -34.31 13.62 -14.63
C LYS D 108 -34.22 15.15 -14.45
N ARG D 109 -33.13 15.73 -14.96
CA ARG D 109 -32.87 17.18 -14.86
C ARG D 109 -31.46 17.53 -15.34
N SER D 110 -31.29 18.74 -15.87
CA SER D 110 -29.98 19.31 -16.18
C SER D 110 -29.22 19.61 -14.88
N ASP D 111 -29.38 18.71 -13.91
CA ASP D 111 -28.90 18.93 -12.57
C ASP D 111 -28.33 17.61 -12.03
N SER D 112 -27.15 17.24 -12.51
CA SER D 112 -26.45 16.04 -12.03
C SER D 112 -24.93 16.18 -12.04
N ALA D 113 -24.45 17.39 -11.74
CA ALA D 113 -23.01 17.64 -11.58
C ALA D 113 -22.73 18.60 -10.43
N PHE D 114 -23.77 19.25 -9.93
CA PHE D 114 -23.66 20.28 -8.89
C PHE D 114 -22.93 19.80 -7.62
N PHE D 115 -23.12 18.53 -7.29
CA PHE D 115 -22.67 17.95 -6.03
C PHE D 115 -21.16 17.79 -5.92
N TRP D 116 -20.47 17.77 -7.06
CA TRP D 116 -19.02 17.59 -7.06
C TRP D 116 -18.28 18.66 -6.26
N GLU D 117 -18.75 19.91 -6.35
CA GLU D 117 -18.19 21.02 -5.59
C GLU D 117 -18.66 20.97 -4.14
N GLU D 118 -19.94 20.61 -3.95
CA GLU D 118 -20.50 20.43 -2.62
C GLU D 118 -19.70 19.39 -1.83
N ARG D 119 -19.24 18.35 -2.52
CA ARG D 119 -18.45 17.29 -1.92
C ARG D 119 -17.02 17.73 -1.63
N ASP D 120 -16.33 18.27 -2.64
CA ASP D 120 -14.94 18.71 -2.51
C ASP D 120 -14.72 19.78 -1.45
N ILE D 121 -15.59 20.80 -1.44
CA ILE D 121 -15.54 21.84 -0.42
C ILE D 121 -15.68 21.24 0.98
N MET D 122 -16.76 20.52 1.22
CA MET D 122 -17.04 19.98 2.55
C MET D 122 -16.02 18.95 3.02
N ALA D 123 -15.46 18.21 2.08
CA ALA D 123 -14.46 17.18 2.38
C ALA D 123 -13.08 17.80 2.63
N PHE D 124 -12.66 18.69 1.75
CA PHE D 124 -11.28 19.16 1.73
C PHE D 124 -11.05 20.64 2.08
N ALA D 125 -12.11 21.38 2.38
CA ALA D 125 -11.98 22.79 2.74
C ALA D 125 -11.15 22.98 3.99
N ASN D 126 -11.35 22.08 4.96
CA ASN D 126 -10.57 22.07 6.21
C ASN D 126 -10.64 23.41 6.96
N SER D 127 -11.74 24.13 6.77
CA SER D 127 -11.94 25.42 7.42
C SER D 127 -12.89 25.31 8.62
N PRO D 128 -12.73 26.20 9.62
CA PRO D 128 -13.72 26.32 10.68
C PRO D 128 -15.03 26.91 10.17
N TRP D 129 -15.00 27.45 8.94
CA TRP D 129 -16.15 28.14 8.35
C TRP D 129 -17.02 27.27 7.47
N VAL D 130 -16.53 26.07 7.16
CA VAL D 130 -17.22 25.15 6.28
C VAL D 130 -17.68 23.90 7.04
N VAL D 131 -18.95 23.54 6.89
CA VAL D 131 -19.46 22.27 7.43
C VAL D 131 -18.68 21.12 6.81
N GLN D 132 -18.33 20.15 7.65
CA GLN D 132 -17.28 19.19 7.34
C GLN D 132 -17.81 17.81 6.98
N LEU D 133 -17.38 17.28 5.83
CA LEU D 133 -17.81 15.96 5.35
C LEU D 133 -16.87 14.84 5.79
N PHE D 134 -17.43 13.86 6.49
CA PHE D 134 -16.67 12.69 6.93
C PHE D 134 -16.73 11.57 5.89
N TYR D 135 -17.94 11.16 5.53
CA TYR D 135 -18.14 10.06 4.61
C TYR D 135 -19.10 10.42 3.49
N ALA D 136 -18.72 10.09 2.26
CA ALA D 136 -19.60 10.23 1.11
C ALA D 136 -19.76 8.87 0.44
N PHE D 137 -20.99 8.37 0.42
CA PHE D 137 -21.27 7.05 -0.19
C PHE D 137 -22.57 7.04 -0.97
N GLN D 138 -22.81 5.95 -1.70
CA GLN D 138 -23.95 5.86 -2.60
C GLN D 138 -24.53 4.45 -2.65
N ASP D 139 -25.75 4.36 -3.18
CA ASP D 139 -26.32 3.08 -3.63
C ASP D 139 -27.10 3.34 -4.91
N ASP D 140 -27.66 2.27 -5.49
CA ASP D 140 -28.40 2.36 -6.75
C ASP D 140 -29.42 3.50 -6.77
N ARG D 141 -29.94 3.84 -5.59
CA ARG D 141 -31.02 4.82 -5.47
C ARG D 141 -30.53 6.23 -5.14
N TYR D 142 -29.60 6.34 -4.19
CA TYR D 142 -29.27 7.63 -3.57
C TYR D 142 -27.77 7.97 -3.51
N LEU D 143 -27.51 9.26 -3.31
CA LEU D 143 -26.19 9.75 -2.93
C LEU D 143 -26.25 10.18 -1.46
N TYR D 144 -25.19 9.90 -0.71
CA TYR D 144 -25.14 10.25 0.72
C TYR D 144 -23.91 11.06 1.07
N MET D 145 -24.13 12.11 1.86
CA MET D 145 -23.05 12.87 2.47
C MET D 145 -23.27 12.91 3.97
N VAL D 146 -22.25 12.51 4.73
CA VAL D 146 -22.33 12.46 6.18
C VAL D 146 -21.47 13.59 6.72
N MET D 147 -22.13 14.57 7.34
CA MET D 147 -21.50 15.82 7.74
C MET D 147 -21.64 16.05 9.23
N GLU D 148 -20.73 16.84 9.81
CA GLU D 148 -20.87 17.19 11.23
C GLU D 148 -22.20 17.92 11.44
N TYR D 149 -22.96 17.44 12.42
CA TYR D 149 -24.28 17.99 12.71
C TYR D 149 -24.18 19.34 13.42
N MET D 150 -24.91 20.33 12.91
CA MET D 150 -24.94 21.67 13.47
C MET D 150 -26.22 21.88 14.30
N PRO D 151 -26.14 21.62 15.62
CA PRO D 151 -27.35 21.61 16.43
C PRO D 151 -27.94 23.01 16.68
N GLY D 152 -27.24 24.05 16.22
CA GLY D 152 -27.63 25.43 16.51
C GLY D 152 -28.74 25.99 15.64
N GLY D 153 -29.04 25.30 14.55
CA GLY D 153 -30.03 25.77 13.58
C GLY D 153 -29.44 26.71 12.55
N ASP D 154 -30.30 27.23 11.67
CA ASP D 154 -29.86 28.21 10.68
C ASP D 154 -30.34 29.60 11.04
N LEU D 155 -29.72 30.62 10.45
CA LEU D 155 -30.07 32.01 10.76
C LEU D 155 -31.48 32.43 10.38
N VAL D 156 -32.12 31.69 9.47
CA VAL D 156 -33.52 31.93 9.15
C VAL D 156 -34.38 31.63 10.38
N ASN D 157 -33.96 30.62 11.14
CA ASN D 157 -34.63 30.24 12.38
C ASN D 157 -34.32 31.19 13.54
N LEU D 158 -33.08 31.66 13.60
CA LEU D 158 -32.67 32.62 14.64
C LEU D 158 -33.37 33.96 14.45
N MET D 159 -33.37 34.45 13.21
CA MET D 159 -33.94 35.76 12.88
C MET D 159 -35.45 35.85 13.13
N SER D 160 -36.15 34.73 13.01
CA SER D 160 -37.57 34.68 13.31
C SER D 160 -37.81 34.55 14.82
N ASN D 161 -36.90 33.86 15.51
CA ASN D 161 -37.00 33.63 16.96
C ASN D 161 -36.52 34.78 17.84
N TYR D 162 -35.61 35.59 17.31
CA TYR D 162 -35.04 36.71 18.04
C TYR D 162 -35.20 38.01 17.28
N ASP D 163 -35.58 39.07 17.99
CA ASP D 163 -35.53 40.40 17.42
C ASP D 163 -34.06 40.82 17.47
N VAL D 164 -33.41 40.82 16.31
CA VAL D 164 -31.96 41.04 16.22
C VAL D 164 -31.57 42.53 16.35
N PRO D 165 -30.79 42.86 17.40
CA PRO D 165 -30.28 44.23 17.55
C PRO D 165 -28.98 44.43 16.78
N GLU D 166 -28.54 45.68 16.64
CA GLU D 166 -27.40 46.02 15.80
C GLU D 166 -26.11 45.28 16.12
N LYS D 167 -25.82 45.13 17.40
CA LYS D 167 -24.55 44.54 17.84
C LYS D 167 -24.48 43.05 17.53
N TRP D 168 -25.64 42.39 17.48
CA TRP D 168 -25.75 41.00 17.05
C TRP D 168 -25.44 40.88 15.57
N ALA D 169 -25.92 41.83 14.78
CA ALA D 169 -25.68 41.84 13.34
C ALA D 169 -24.21 42.08 13.00
N LYS D 170 -23.53 42.88 13.84
CA LYS D 170 -22.08 43.13 13.69
C LYS D 170 -21.31 41.82 13.72
N PHE D 171 -21.70 40.94 14.65
CA PHE D 171 -21.09 39.63 14.80
C PHE D 171 -21.44 38.73 13.61
N TYR D 172 -22.73 38.64 13.31
CA TYR D 172 -23.20 37.67 12.33
C TYR D 172 -22.77 38.00 10.91
N THR D 173 -22.80 39.27 10.55
CA THR D 173 -22.31 39.71 9.25
C THR D 173 -20.83 39.39 9.11
N ALA D 174 -20.06 39.69 10.15
CA ALA D 174 -18.61 39.47 10.17
C ALA D 174 -18.23 38.01 9.98
N GLU D 175 -18.93 37.11 10.67
CA GLU D 175 -18.63 35.69 10.54
C GLU D 175 -19.02 35.15 9.16
N VAL D 176 -19.99 35.78 8.50
CA VAL D 176 -20.32 35.46 7.11
C VAL D 176 -19.22 35.96 6.19
N VAL D 177 -18.76 37.19 6.43
CA VAL D 177 -17.69 37.81 5.64
C VAL D 177 -16.45 36.91 5.62
N LEU D 178 -16.04 36.46 6.80
CA LEU D 178 -14.90 35.56 6.94
C LEU D 178 -15.14 34.21 6.28
N ALA D 179 -16.30 33.61 6.57
CA ALA D 179 -16.67 32.34 5.96
C ALA D 179 -16.65 32.44 4.44
N LEU D 180 -17.16 33.55 3.91
CA LEU D 180 -17.15 33.77 2.47
C LEU D 180 -15.74 33.94 1.91
N ASP D 181 -14.90 34.65 2.65
CA ASP D 181 -13.51 34.85 2.24
C ASP D 181 -12.78 33.51 2.13
N ALA D 182 -13.09 32.60 3.06
CA ALA D 182 -12.52 31.26 3.05
C ALA D 182 -12.95 30.48 1.82
N ILE D 183 -14.20 30.68 1.41
CA ILE D 183 -14.74 30.07 0.19
C ILE D 183 -14.05 30.64 -1.04
N HIS D 184 -13.83 31.96 -1.01
CA HIS D 184 -13.19 32.64 -2.12
C HIS D 184 -11.73 32.22 -2.25
N SER D 185 -11.04 32.09 -1.12
CA SER D 185 -9.63 31.71 -1.09
C SER D 185 -9.39 30.26 -1.56
N MET D 186 -10.48 29.54 -1.84
CA MET D 186 -10.40 28.25 -2.49
C MET D 186 -10.75 28.40 -3.96
N GLY D 187 -10.70 29.64 -4.45
CA GLY D 187 -10.98 29.96 -5.85
C GLY D 187 -12.40 29.61 -6.23
N LEU D 188 -13.34 29.92 -5.34
CA LEU D 188 -14.75 29.60 -5.57
C LEU D 188 -15.67 30.76 -5.19
N ILE D 189 -16.70 30.96 -5.99
CA ILE D 189 -17.81 31.82 -5.60
C ILE D 189 -18.98 30.94 -5.20
N HIS D 190 -19.70 31.39 -4.17
CA HIS D 190 -20.79 30.62 -3.60
C HIS D 190 -22.08 30.79 -4.41
N ARG D 191 -22.20 31.93 -5.07
CA ARG D 191 -23.41 32.35 -5.80
C ARG D 191 -24.58 32.67 -4.86
N ASP D 192 -25.16 31.62 -4.29
CA ASP D 192 -26.39 31.74 -3.51
C ASP D 192 -26.12 31.70 -1.99
N VAL D 193 -25.66 32.83 -1.46
CA VAL D 193 -25.48 32.98 -0.02
C VAL D 193 -26.77 33.47 0.62
N LYS D 194 -27.18 32.82 1.71
CA LYS D 194 -28.41 33.16 2.42
C LYS D 194 -28.50 32.45 3.78
N PRO D 195 -29.40 32.92 4.67
CA PRO D 195 -29.58 32.36 6.02
C PRO D 195 -29.78 30.84 6.06
N ASP D 196 -30.27 30.26 4.97
CA ASP D 196 -30.50 28.83 4.89
C ASP D 196 -29.19 28.04 4.81
N ASN D 197 -28.18 28.63 4.19
CA ASN D 197 -26.87 28.01 4.06
C ASN D 197 -25.95 28.41 5.21
N MET D 198 -26.47 29.25 6.09
CA MET D 198 -25.76 29.69 7.28
C MET D 198 -26.20 28.89 8.51
N LEU D 199 -25.43 27.85 8.85
CA LEU D 199 -25.73 27.07 10.05
C LEU D 199 -24.90 27.49 11.27
N LEU D 200 -25.49 27.33 12.44
CA LEU D 200 -24.82 27.63 13.70
C LEU D 200 -24.41 26.35 14.40
N ASP D 201 -23.20 26.34 14.98
CA ASP D 201 -22.66 25.14 15.63
C ASP D 201 -23.09 24.98 17.09
N LYS D 202 -22.48 24.02 17.79
CA LYS D 202 -22.70 23.78 19.21
C LYS D 202 -22.62 25.06 20.07
N HIS D 203 -21.66 25.92 19.77
CA HIS D 203 -21.40 27.12 20.59
C HIS D 203 -22.02 28.41 20.04
N GLY D 204 -22.80 28.30 18.97
CA GLY D 204 -23.52 29.43 18.38
C GLY D 204 -22.80 30.18 17.26
N HIS D 205 -21.78 29.56 16.70
CA HIS D 205 -20.96 30.19 15.66
C HIS D 205 -21.25 29.66 14.24
N LEU D 206 -21.00 30.54 13.25
CA LEU D 206 -21.39 30.32 11.86
C LEU D 206 -20.58 29.27 11.11
N LYS D 207 -21.24 28.55 10.21
CA LYS D 207 -20.60 27.68 9.21
C LYS D 207 -21.47 27.64 7.94
N LEU D 208 -20.85 27.84 6.78
CA LEU D 208 -21.57 27.74 5.49
C LEU D 208 -21.80 26.27 5.07
N ALA D 209 -22.91 26.01 4.36
CA ALA D 209 -23.37 24.63 4.20
C ALA D 209 -23.85 24.19 2.83
N ASP D 210 -24.64 25.02 2.15
CA ASP D 210 -25.28 24.57 0.92
C ASP D 210 -24.51 24.98 -0.33
N PHE D 211 -23.50 24.19 -0.68
CA PHE D 211 -22.55 24.55 -1.75
C PHE D 211 -22.99 24.10 -3.15
N GLY D 212 -24.26 23.75 -3.30
CA GLY D 212 -24.78 23.21 -4.54
C GLY D 212 -24.52 24.06 -5.77
N THR D 213 -24.58 25.38 -5.58
CA THR D 213 -24.51 26.32 -6.68
C THR D 213 -23.15 27.01 -6.78
N CYS D 214 -22.10 26.30 -6.39
CA CYS D 214 -20.73 26.83 -6.43
C CYS D 214 -20.10 26.70 -7.80
N MET D 215 -19.30 27.71 -8.15
CA MET D 215 -18.51 27.69 -9.37
C MET D 215 -17.06 28.02 -9.03
N LYS D 216 -16.13 27.45 -9.81
CA LYS D 216 -14.71 27.75 -9.65
C LYS D 216 -14.29 28.87 -10.59
N MET D 217 -13.60 29.87 -10.04
CA MET D 217 -13.23 31.07 -10.77
C MET D 217 -12.23 30.77 -11.89
N ASP D 218 -12.23 31.62 -12.92
CA ASP D 218 -11.26 31.52 -14.02
C ASP D 218 -9.89 32.00 -13.59
N GLU D 219 -8.90 31.81 -14.47
CA GLU D 219 -7.56 32.37 -14.30
C GLU D 219 -7.66 33.83 -13.86
N THR D 220 -8.64 34.54 -14.42
CA THR D 220 -8.91 35.95 -14.13
C THR D 220 -9.65 36.15 -12.81
N GLY D 221 -10.62 35.28 -12.53
CA GLY D 221 -11.42 35.36 -11.31
C GLY D 221 -12.91 35.36 -11.55
N MET D 222 -13.31 35.38 -12.83
CA MET D 222 -14.72 35.42 -13.23
C MET D 222 -15.23 34.01 -13.56
N VAL D 223 -16.54 33.89 -13.82
CA VAL D 223 -17.10 32.67 -14.43
C VAL D 223 -17.98 33.03 -15.64
N HIS D 224 -18.05 32.13 -16.62
CA HIS D 224 -18.71 32.45 -17.88
C HIS D 224 -19.70 31.38 -18.35
N CYS D 225 -20.56 30.92 -17.45
CA CYS D 225 -21.62 29.96 -17.79
C CYS D 225 -22.90 30.13 -16.96
N ASP D 226 -24.04 29.84 -17.58
CA ASP D 226 -25.36 29.97 -16.97
C ASP D 226 -25.75 28.69 -16.22
N THR D 227 -26.51 28.83 -15.14
CA THR D 227 -27.03 27.67 -14.38
C THR D 227 -28.40 27.95 -13.75
N GLY D 230 -32.01 29.79 -9.67
CA GLY D 230 -32.75 29.50 -8.43
C GLY D 230 -33.85 30.51 -8.18
N THR D 231 -33.98 30.95 -6.92
CA THR D 231 -34.90 32.05 -6.56
C THR D 231 -34.15 33.31 -6.07
N PRO D 232 -34.59 34.49 -6.54
CA PRO D 232 -33.80 35.72 -6.59
C PRO D 232 -33.48 36.45 -5.27
N ASP D 233 -34.34 36.33 -4.26
CA ASP D 233 -34.25 37.19 -3.06
C ASP D 233 -32.84 37.70 -2.66
N TYR D 234 -31.88 36.79 -2.57
CA TYR D 234 -30.53 37.12 -2.11
C TYR D 234 -29.49 37.20 -3.24
N ILE D 235 -29.96 37.24 -4.49
CA ILE D 235 -29.08 37.15 -5.65
C ILE D 235 -28.77 38.53 -6.23
N SER D 236 -27.53 38.70 -6.66
CA SER D 236 -27.01 39.93 -7.23
C SER D 236 -27.55 40.25 -8.63
N PRO D 237 -27.69 41.54 -8.97
CA PRO D 237 -28.21 41.99 -10.26
C PRO D 237 -27.46 41.39 -11.44
N GLU D 238 -26.13 41.43 -11.40
CA GLU D 238 -25.31 40.90 -12.48
C GLU D 238 -25.53 39.40 -12.73
N VAL D 239 -25.84 38.67 -11.66
CA VAL D 239 -26.09 37.22 -11.72
C VAL D 239 -27.44 36.93 -12.41
N LEU D 240 -28.49 37.66 -12.04
CA LEU D 240 -29.79 37.51 -12.71
C LEU D 240 -29.68 37.88 -14.20
N LYS D 241 -29.21 39.10 -14.48
CA LYS D 241 -28.96 39.57 -15.86
C LYS D 241 -28.20 38.56 -16.72
N SER D 242 -27.26 37.84 -16.11
CA SER D 242 -26.40 36.93 -16.84
C SER D 242 -26.96 35.51 -16.98
N GLN D 243 -28.26 35.36 -16.73
CA GLN D 243 -28.93 34.09 -16.94
C GLN D 243 -29.50 34.02 -18.36
N GLY D 244 -29.56 35.17 -19.02
CA GLY D 244 -30.10 35.28 -20.37
C GLY D 244 -29.07 35.05 -21.47
N GLY D 245 -27.86 34.65 -21.08
CA GLY D 245 -26.81 34.36 -22.05
C GLY D 245 -25.49 35.02 -21.74
N ASP D 246 -24.68 34.34 -20.93
CA ASP D 246 -23.31 34.75 -20.61
C ASP D 246 -23.13 36.15 -20.03
N GLY D 247 -21.89 36.63 -20.03
CA GLY D 247 -21.52 37.84 -19.29
C GLY D 247 -20.94 37.39 -17.97
N TYR D 248 -19.68 37.71 -17.73
CA TYR D 248 -18.99 37.25 -16.52
C TYR D 248 -19.51 37.92 -15.25
N TYR D 249 -19.31 37.24 -14.13
CA TYR D 249 -19.43 37.84 -12.80
C TYR D 249 -18.40 37.19 -11.89
N GLY D 250 -18.09 37.85 -10.78
CA GLY D 250 -17.02 37.40 -9.90
C GLY D 250 -17.37 37.22 -8.44
N ARG D 251 -16.36 37.24 -7.58
CA ARG D 251 -16.55 37.09 -6.15
C ARG D 251 -17.42 38.17 -5.50
N GLU D 252 -17.52 39.34 -6.13
CA GLU D 252 -18.28 40.46 -5.59
C GLU D 252 -19.78 40.18 -5.48
N CYS D 253 -20.26 39.18 -6.23
CA CYS D 253 -21.66 38.80 -6.23
C CYS D 253 -22.11 38.19 -4.91
N ASP D 254 -21.15 37.62 -4.18
CA ASP D 254 -21.40 37.08 -2.83
C ASP D 254 -21.56 38.21 -1.82
N TRP D 255 -20.84 39.30 -2.02
CA TRP D 255 -20.91 40.43 -1.11
C TRP D 255 -22.25 41.14 -1.23
N TRP D 256 -22.83 41.13 -2.43
CA TRP D 256 -24.21 41.59 -2.60
C TRP D 256 -25.12 40.82 -1.66
N SER D 257 -25.04 39.49 -1.74
CA SER D 257 -25.84 38.59 -0.91
C SER D 257 -25.71 38.97 0.57
N VAL D 258 -24.50 39.35 0.99
CA VAL D 258 -24.22 39.72 2.38
C VAL D 258 -25.01 40.96 2.81
N GLY D 259 -25.07 41.95 1.91
CA GLY D 259 -25.82 43.18 2.15
C GLY D 259 -27.30 42.91 2.35
N VAL D 260 -27.85 42.03 1.51
CA VAL D 260 -29.24 41.58 1.60
C VAL D 260 -29.49 40.90 2.96
N PHE D 261 -28.52 40.09 3.39
CA PHE D 261 -28.59 39.38 4.67
C PHE D 261 -28.52 40.33 5.87
N LEU D 262 -27.64 41.33 5.80
CA LEU D 262 -27.52 42.34 6.85
C LEU D 262 -28.77 43.22 6.93
N TYR D 263 -29.36 43.51 5.78
CA TYR D 263 -30.62 44.25 5.73
C TYR D 263 -31.74 43.45 6.39
N GLU D 264 -31.95 42.22 5.94
CA GLU D 264 -33.03 41.37 6.45
C GLU D 264 -32.92 41.21 7.95
N MET D 265 -31.68 41.10 8.43
CA MET D 265 -31.39 40.86 9.84
C MET D 265 -31.70 42.08 10.71
N LEU D 266 -31.39 43.26 10.19
CA LEU D 266 -31.65 44.51 10.90
C LEU D 266 -33.07 45.04 10.79
N VAL D 267 -33.67 44.87 9.60
CA VAL D 267 -35.01 45.41 9.34
C VAL D 267 -36.14 44.40 9.65
N GLY D 268 -36.01 43.17 9.14
CA GLY D 268 -37.03 42.13 9.34
C GLY D 268 -37.50 41.47 8.05
N ASP D 269 -37.54 42.26 6.97
CA ASP D 269 -37.86 41.77 5.63
C ASP D 269 -36.66 41.92 4.69
N THR D 270 -36.59 41.06 3.68
CA THR D 270 -35.58 41.19 2.61
C THR D 270 -35.80 42.53 1.88
N PRO D 271 -34.70 43.22 1.51
CA PRO D 271 -34.75 44.57 0.91
C PRO D 271 -35.50 44.67 -0.43
N PHE D 272 -35.72 43.55 -1.11
CA PHE D 272 -36.45 43.55 -2.37
C PHE D 272 -37.64 42.59 -2.34
N TYR D 273 -38.23 42.43 -1.16
CA TYR D 273 -39.36 41.52 -0.98
C TYR D 273 -40.56 41.91 -1.83
N ALA D 274 -41.14 40.92 -2.48
CA ALA D 274 -42.40 41.05 -3.20
C ALA D 274 -43.03 39.67 -3.30
N ASP D 275 -44.36 39.62 -3.24
CA ASP D 275 -45.09 38.35 -3.22
C ASP D 275 -45.24 37.71 -4.61
N SER D 276 -44.12 37.61 -5.32
CA SER D 276 -44.02 36.97 -6.64
C SER D 276 -42.55 36.87 -7.03
N LEU D 277 -42.22 35.86 -7.84
CA LEU D 277 -40.87 35.69 -8.37
C LEU D 277 -40.53 36.91 -9.23
N VAL D 278 -41.47 37.29 -10.09
CA VAL D 278 -41.36 38.46 -10.96
C VAL D 278 -41.11 39.74 -10.17
N GLY D 279 -41.83 39.89 -9.05
CA GLY D 279 -41.81 41.11 -8.25
C GLY D 279 -40.46 41.38 -7.61
N THR D 280 -39.90 40.35 -6.97
CA THR D 280 -38.58 40.45 -6.35
C THR D 280 -37.51 40.64 -7.42
N TYR D 281 -37.61 39.88 -8.52
CA TYR D 281 -36.69 40.01 -9.66
C TYR D 281 -36.69 41.42 -10.23
N SER D 282 -37.89 41.97 -10.43
CA SER D 282 -38.03 43.32 -10.98
C SER D 282 -37.42 44.35 -10.04
N LYS D 283 -37.72 44.21 -8.74
CA LYS D 283 -37.20 45.10 -7.71
C LYS D 283 -35.68 45.10 -7.64
N ILE D 284 -35.08 43.91 -7.70
CA ILE D 284 -33.63 43.77 -7.70
C ILE D 284 -32.99 44.54 -8.86
N MET D 285 -33.48 44.34 -10.08
CA MET D 285 -32.93 45.01 -11.27
C MET D 285 -32.92 46.53 -11.11
N ASP D 286 -34.04 47.08 -10.66
CA ASP D 286 -34.12 48.50 -10.34
C ASP D 286 -33.79 48.68 -8.86
N HIS D 287 -32.59 48.27 -8.46
CA HIS D 287 -32.13 48.39 -7.06
C HIS D 287 -31.77 49.83 -6.70
N LYS D 288 -31.55 50.63 -7.73
CA LYS D 288 -31.25 52.04 -7.59
C LYS D 288 -32.42 52.78 -6.94
N ASN D 289 -33.64 52.43 -7.34
CA ASN D 289 -34.85 53.08 -6.85
C ASN D 289 -35.66 52.30 -5.82
N SER D 290 -35.45 50.98 -5.76
CA SER D 290 -36.29 50.10 -4.93
C SER D 290 -35.84 49.96 -3.47
N LEU D 291 -34.53 50.00 -3.23
CA LEU D 291 -34.00 49.91 -1.86
C LEU D 291 -34.27 51.18 -1.05
N CYS D 292 -35.06 51.04 0.02
CA CYS D 292 -35.32 52.13 0.98
C CYS D 292 -35.70 51.59 2.36
N PHE D 293 -35.52 52.42 3.40
CA PHE D 293 -35.64 51.96 4.78
C PHE D 293 -36.96 52.36 5.45
N ALA D 297 -37.73 53.46 10.52
CA ALA D 297 -36.74 52.42 10.24
C ALA D 297 -35.98 51.99 11.50
N GLU D 298 -35.19 52.92 12.05
CA GLU D 298 -34.37 52.73 13.27
C GLU D 298 -33.06 51.95 13.00
N ILE D 299 -32.25 52.48 12.09
CA ILE D 299 -30.92 51.93 11.80
C ILE D 299 -29.89 53.04 11.92
N SER D 300 -28.76 52.74 12.56
CA SER D 300 -27.65 53.69 12.68
C SER D 300 -27.01 53.98 11.33
N LYS D 301 -26.35 55.13 11.22
CA LYS D 301 -25.75 55.56 9.95
C LYS D 301 -24.64 54.63 9.46
N HIS D 302 -23.90 54.04 10.39
CA HIS D 302 -22.82 53.11 10.05
C HIS D 302 -23.33 51.81 9.46
N ALA D 303 -24.43 51.31 10.02
CA ALA D 303 -25.06 50.07 9.58
C ALA D 303 -25.83 50.29 8.28
N LYS D 304 -26.49 51.43 8.19
CA LYS D 304 -27.19 51.85 6.98
C LYS D 304 -26.22 51.91 5.81
N ASN D 305 -25.02 52.45 6.07
CA ASN D 305 -24.02 52.67 5.03
C ASN D 305 -23.42 51.39 4.45
N LEU D 306 -23.11 50.41 5.30
CA LEU D 306 -22.55 49.15 4.85
C LEU D 306 -23.51 48.43 3.91
N ILE D 307 -24.80 48.47 4.24
CA ILE D 307 -25.84 47.90 3.38
C ILE D 307 -25.79 48.53 1.98
N CYS D 308 -25.65 49.84 1.92
CA CYS D 308 -25.63 50.56 0.65
C CYS D 308 -24.33 50.40 -0.14
N ALA D 309 -23.23 50.14 0.57
CA ALA D 309 -21.94 49.89 -0.07
C ALA D 309 -21.89 48.51 -0.71
N PHE D 310 -22.75 47.62 -0.21
CA PHE D 310 -22.90 46.28 -0.77
C PHE D 310 -23.94 46.27 -1.89
N LEU D 311 -25.03 46.99 -1.67
CA LEU D 311 -26.14 46.99 -2.63
C LEU D 311 -25.99 48.06 -3.71
N THR D 312 -24.93 47.91 -4.51
CA THR D 312 -24.73 48.68 -5.73
C THR D 312 -24.03 47.78 -6.72
N ASP D 313 -24.25 48.03 -8.01
CA ASP D 313 -23.68 47.23 -9.08
C ASP D 313 -22.19 46.96 -8.89
N ARG D 314 -21.75 45.83 -9.45
CA ARG D 314 -20.43 45.24 -9.18
C ARG D 314 -19.21 46.17 -9.30
N GLU D 315 -19.33 47.22 -10.11
CA GLU D 315 -18.23 48.16 -10.37
C GLU D 315 -17.73 48.90 -9.13
N VAL D 316 -18.66 49.35 -8.30
CA VAL D 316 -18.31 50.09 -7.09
C VAL D 316 -18.61 49.33 -5.79
N ARG D 317 -19.14 48.12 -5.92
CA ARG D 317 -19.54 47.33 -4.76
C ARG D 317 -18.35 47.07 -3.83
N LEU D 318 -18.55 47.35 -2.55
CA LEU D 318 -17.55 47.09 -1.52
C LEU D 318 -17.05 45.65 -1.60
N GLY D 319 -15.74 45.48 -1.56
CA GLY D 319 -15.16 44.14 -1.64
C GLY D 319 -14.74 43.73 -3.04
N ARG D 320 -14.89 44.64 -3.99
CA ARG D 320 -14.36 44.42 -5.33
C ARG D 320 -12.84 44.58 -5.29
N ASN D 321 -12.37 45.49 -4.44
CA ASN D 321 -10.94 45.74 -4.27
C ASN D 321 -10.28 44.79 -3.28
N GLY D 322 -11.08 44.20 -2.40
CA GLY D 322 -10.57 43.22 -1.46
C GLY D 322 -11.45 43.04 -0.24
N VAL D 323 -11.18 41.97 0.51
CA VAL D 323 -11.88 41.66 1.74
C VAL D 323 -11.52 42.68 2.85
N GLU D 324 -10.40 43.37 2.66
CA GLU D 324 -9.90 44.38 3.61
C GLU D 324 -10.82 45.59 3.77
N GLU D 325 -11.37 46.08 2.64
CA GLU D 325 -12.37 47.15 2.64
C GLU D 325 -13.48 46.85 3.64
N ILE D 326 -14.02 45.64 3.57
CA ILE D 326 -15.13 45.19 4.42
C ILE D 326 -14.73 45.29 5.89
N ARG D 327 -13.58 44.70 6.22
CA ARG D 327 -13.11 44.60 7.61
C ARG D 327 -13.02 45.94 8.34
N GLN D 328 -12.32 46.90 7.73
CA GLN D 328 -12.05 48.18 8.38
C GLN D 328 -13.28 49.11 8.42
N HIS D 329 -14.38 48.69 7.81
CA HIS D 329 -15.62 49.47 7.81
C HIS D 329 -16.06 49.81 9.25
N PRO D 330 -16.48 51.06 9.49
CA PRO D 330 -16.90 51.56 10.81
C PRO D 330 -17.98 50.72 11.52
N PHE D 331 -18.81 50.01 10.77
CA PHE D 331 -19.86 49.17 11.33
C PHE D 331 -19.30 48.02 12.17
N PHE D 332 -18.19 47.44 11.73
CA PHE D 332 -17.59 46.31 12.43
C PHE D 332 -16.68 46.70 13.60
N LYS D 333 -16.92 47.87 14.19
CA LYS D 333 -16.12 48.31 15.33
C LYS D 333 -16.88 48.17 16.64
N ASN D 334 -16.40 47.25 17.48
CA ASN D 334 -17.00 46.96 18.78
C ASN D 334 -15.90 46.75 19.85
N ASP D 335 -16.23 45.96 20.86
CA ASP D 335 -15.30 45.69 21.97
C ASP D 335 -14.90 44.22 22.11
N GLN D 336 -15.89 43.33 22.05
CA GLN D 336 -15.70 41.92 22.44
C GLN D 336 -15.08 40.99 21.39
N TRP D 337 -14.88 41.47 20.16
CA TRP D 337 -14.15 40.67 19.16
C TRP D 337 -13.28 41.47 18.19
N HIS D 338 -12.17 40.86 17.79
CA HIS D 338 -11.37 41.30 16.64
C HIS D 338 -11.45 40.19 15.61
N TRP D 339 -11.10 40.51 14.36
CA TRP D 339 -11.17 39.56 13.25
C TRP D 339 -10.25 38.35 13.44
N ASP D 340 -9.34 38.45 14.40
CA ASP D 340 -8.35 37.41 14.66
C ASP D 340 -8.86 36.33 15.60
N ASN D 341 -9.96 36.61 16.29
CA ASN D 341 -10.45 35.74 17.35
C ASN D 341 -11.98 35.65 17.44
N ILE D 342 -12.69 36.16 16.44
CA ILE D 342 -14.16 36.23 16.49
C ILE D 342 -14.82 34.90 16.84
N ARG D 343 -14.26 33.80 16.32
CA ARG D 343 -14.78 32.45 16.55
C ARG D 343 -14.65 31.96 18.00
N GLU D 344 -13.60 32.41 18.69
CA GLU D 344 -13.38 32.00 20.07
C GLU D 344 -13.87 33.03 21.10
N THR D 345 -14.85 33.85 20.68
CA THR D 345 -15.57 34.75 21.60
C THR D 345 -16.98 34.21 21.84
N ALA D 346 -17.72 34.88 22.72
CA ALA D 346 -19.10 34.46 23.00
C ALA D 346 -20.02 34.91 21.88
N ALA D 347 -20.84 33.99 21.37
CA ALA D 347 -21.86 34.30 20.36
C ALA D 347 -23.09 34.96 21.00
N PRO D 348 -23.84 35.77 20.22
CA PRO D 348 -25.11 36.34 20.65
C PRO D 348 -26.05 35.28 21.23
N VAL D 349 -26.32 34.24 20.45
CA VAL D 349 -27.14 33.13 20.94
C VAL D 349 -26.30 31.86 20.98
N VAL D 350 -25.93 31.47 22.20
CA VAL D 350 -25.40 30.14 22.46
C VAL D 350 -26.61 29.24 22.66
N PRO D 351 -26.74 28.20 21.82
CA PRO D 351 -27.92 27.34 21.85
C PRO D 351 -27.97 26.53 23.13
N GLU D 352 -29.17 26.31 23.65
CA GLU D 352 -29.36 25.44 24.81
C GLU D 352 -29.65 24.02 24.34
N LEU D 353 -28.75 23.11 24.67
CA LEU D 353 -28.73 21.77 24.11
C LEU D 353 -28.82 20.70 25.18
N SER D 354 -29.91 19.93 25.15
CA SER D 354 -30.18 18.90 26.15
C SER D 354 -29.26 17.68 25.99
N SER D 355 -29.14 17.20 24.76
CA SER D 355 -28.27 16.07 24.45
C SER D 355 -27.74 16.11 23.03
N ASP D 356 -27.02 15.05 22.66
CA ASP D 356 -26.36 14.97 21.35
C ASP D 356 -27.33 14.82 20.18
N ILE D 357 -28.59 14.50 20.47
CA ILE D 357 -29.61 14.40 19.42
C ILE D 357 -30.72 15.46 19.51
N ASP D 358 -30.49 16.52 20.28
CA ASP D 358 -31.45 17.61 20.42
C ASP D 358 -31.55 18.41 19.12
N SER D 359 -32.77 18.53 18.60
CA SER D 359 -33.02 19.26 17.35
C SER D 359 -34.15 20.27 17.47
N SER D 360 -34.21 20.98 18.60
CA SER D 360 -35.29 21.93 18.88
C SER D 360 -35.14 23.25 18.13
N ASN D 361 -33.99 23.43 17.46
CA ASN D 361 -33.78 24.59 16.59
C ASN D 361 -34.15 24.28 15.15
N PHE D 362 -34.58 23.04 14.92
CA PHE D 362 -35.09 22.61 13.64
C PHE D 362 -36.55 22.20 13.78
N ASP D 363 -37.28 22.31 12.69
CA ASP D 363 -38.71 21.98 12.69
C ASP D 363 -38.99 20.58 12.16
N ASP D 364 -40.27 20.24 12.10
CA ASP D 364 -40.72 18.90 11.72
C ASP D 364 -41.06 18.86 10.23
N ILE D 365 -41.17 17.65 9.69
CA ILE D 365 -41.55 17.41 8.28
C ILE D 365 -41.91 15.95 8.01
N GLU D 366 -42.99 15.73 7.25
CA GLU D 366 -43.42 14.37 6.88
C GLU D 366 -43.31 14.14 5.38
N GLU D 373 -39.90 6.24 -5.30
CA GLU D 373 -39.22 6.65 -6.52
C GLU D 373 -38.22 5.60 -7.04
N THR D 374 -38.29 5.30 -8.33
CA THR D 374 -37.45 4.25 -8.94
C THR D 374 -36.90 4.70 -10.32
N PHE D 375 -35.90 3.96 -10.81
CA PHE D 375 -35.41 4.07 -12.18
C PHE D 375 -36.16 3.10 -13.10
N PRO D 376 -36.40 3.49 -14.36
CA PRO D 376 -37.08 2.58 -15.29
C PRO D 376 -36.12 1.56 -15.93
N ILE D 377 -36.49 0.28 -15.86
CA ILE D 377 -35.67 -0.81 -16.39
C ILE D 377 -35.35 -0.62 -17.88
N PRO D 378 -34.06 -0.49 -18.21
CA PRO D 378 -33.59 -0.18 -19.57
C PRO D 378 -33.76 -1.31 -20.59
N LYS D 379 -33.77 -0.93 -21.86
CA LYS D 379 -33.72 -1.85 -23.00
C LYS D 379 -32.33 -1.83 -23.62
N ALA D 380 -31.79 -0.63 -23.84
CA ALA D 380 -30.42 -0.43 -24.28
C ALA D 380 -29.60 0.08 -23.10
N PHE D 381 -28.31 0.31 -23.32
CA PHE D 381 -27.48 0.86 -22.25
C PHE D 381 -27.72 2.36 -22.11
N VAL D 382 -28.22 2.76 -20.94
CA VAL D 382 -28.52 4.16 -20.66
C VAL D 382 -27.42 4.84 -19.84
N GLY D 383 -26.80 4.07 -18.95
CA GLY D 383 -25.66 4.55 -18.15
C GLY D 383 -26.05 5.51 -17.05
N ASN D 384 -27.12 5.19 -16.33
CA ASN D 384 -27.66 6.05 -15.28
C ASN D 384 -26.71 6.29 -14.09
N GLN D 385 -25.85 5.32 -13.80
CA GLN D 385 -24.96 5.41 -12.64
C GLN D 385 -23.64 6.12 -12.96
N LEU D 386 -23.33 6.22 -14.25
CA LEU D 386 -22.07 6.81 -14.73
C LEU D 386 -21.76 8.22 -14.19
N PRO D 387 -22.77 9.10 -14.08
CA PRO D 387 -22.51 10.43 -13.53
C PRO D 387 -22.01 10.40 -12.09
N PHE D 388 -22.26 9.31 -11.37
CA PHE D 388 -21.93 9.23 -9.94
C PHE D 388 -20.69 8.40 -9.61
N ILE D 389 -19.91 8.03 -10.63
CA ILE D 389 -18.65 7.31 -10.45
C ILE D 389 -17.58 8.23 -9.87
N GLY D 390 -17.13 7.92 -8.66
CA GLY D 390 -16.07 8.67 -8.01
C GLY D 390 -16.56 9.53 -6.86
N PHE D 391 -17.86 9.41 -6.55
CA PHE D 391 -18.46 10.16 -5.45
C PHE D 391 -18.04 9.60 -4.09
N THR D 392 -17.87 8.29 -4.00
CA THR D 392 -17.56 7.63 -2.73
C THR D 392 -16.27 8.16 -2.12
N TYR D 393 -16.32 8.43 -0.82
CA TYR D 393 -15.20 9.03 -0.07
C TYR D 393 -15.28 8.70 1.41
N TYR D 394 -14.14 8.31 1.98
CA TYR D 394 -14.01 8.07 3.41
C TYR D 394 -12.93 9.00 3.96
N ARG D 395 -13.11 9.46 5.19
CA ARG D 395 -12.26 10.49 5.81
C ARG D 395 -10.77 10.27 5.60
N3 81G E . 8.87 -19.55 -26.44
C6 81G E . 6.88 -19.28 -25.56
C7 81G E . 6.73 -19.85 -26.84
C8 81G E . 5.40 -20.16 -27.44
C10 81G E . 3.80 -20.82 -29.00
C13 81G E . 1.26 -21.15 -31.69
C15 81G E . 1.59 -23.48 -32.62
C17 81G E . 2.25 -23.91 -31.31
C20 81G E . 3.52 -24.12 -34.14
C21 81G E . 4.09 -24.98 -35.07
C22 81G E . 3.39 -26.09 -35.52
C24 81G E . 2.12 -26.34 -35.05
C1 81G E . 8.40 -20.53 -28.71
C2 81G E . 8.00 -19.99 -27.37
N5 81G E . 8.14 -19.10 -25.33
C9 81G E . 5.14 -20.62 -28.70
N11 81G E . 3.27 -21.27 -30.23
C12 81G E . 1.83 -21.58 -30.33
C14 81G E . 1.84 -21.98 -32.86
O16 81G E . 0.18 -23.71 -32.57
C18 81G E . 1.68 -23.11 -30.14
C19 81G E . 2.24 -24.37 -33.66
F23 81G E . 3.94 -26.92 -36.44
C25 81G E . 1.55 -25.49 -34.11
N26 81G E . 1.02 -21.08 -29.22
C27 81G E . 1.53 -20.62 -28.06
O28 81G E . 0.79 -20.30 -27.16
C29 81G E . 2.95 -20.50 -27.94
S30 81G E . 3.89 -19.95 -26.56
N3 81G F . -10.75 16.49 28.36
C6 81G F . -9.67 14.59 28.08
C7 81G F . -9.40 15.09 29.37
C8 81G F . -8.53 14.41 30.35
C10 81G F . -7.31 14.01 32.26
C13 81G F . -4.71 13.73 34.85
C15 81G F . -5.99 14.10 37.04
C17 81G F . -7.23 13.51 36.37
C20 81G F . -6.56 16.49 37.75
C21 81G F . -7.12 17.36 38.68
C22 81G F . -7.69 16.87 39.86
C24 81G F . -7.69 15.50 40.11
C1 81G F . -10.13 17.19 30.70
C2 81G F . -10.09 16.28 29.51
N5 81G F . -10.47 15.43 27.49
C9 81G F . -8.11 14.87 31.56
N11 81G F . -6.73 14.24 33.52
C12 81G F . -5.97 13.16 34.18
C14 81G F . -5.04 14.72 35.98
O16 81G F . -5.27 13.09 37.77
C18 81G F . -6.88 12.53 35.25
C19 81G F . -6.55 15.11 38.01
F23 81G F . -8.23 17.71 40.76
C25 81G F . -7.13 14.63 39.19
N26 81G F . -5.70 12.00 33.34
C27 81G F . -6.24 11.80 32.12
O28 81G F . -6.03 10.79 31.48
C29 81G F . -7.06 12.82 31.58
S30 81G F . -7.88 12.81 30.05
N3 81G G . 27.65 -16.41 -11.98
C6 81G G . 27.40 -14.60 -10.77
C7 81G G . 28.72 -15.06 -10.63
C8 81G G . 29.74 -14.39 -9.79
C10 81G G . 31.73 -14.07 -8.67
C13 81G G . 34.56 -13.93 -6.29
C15 81G G . 36.56 -14.36 -7.83
C17 81G G . 35.77 -13.74 -8.99
C20 81G G . 37.07 -16.67 -8.77
C21 81G G . 37.95 -17.57 -9.38
C22 81G G . 39.24 -17.17 -9.69
C24 81G G . 39.66 -15.88 -9.41
C1 81G G . 30.05 -17.07 -11.60
C2 81G G . 28.84 -16.20 -11.40
N5 81G G . 26.77 -15.40 -11.58
C9 81G G . 30.97 -14.89 -9.46
N11 81G G . 33.02 -14.37 -8.17
C12 81G G . 33.78 -13.32 -7.47
C14 81G G . 35.59 -14.97 -6.80
O16 81G G . 37.36 -13.37 -7.17
C18 81G G . 34.76 -12.71 -8.48
C19 81G G . 37.49 -15.38 -8.47
F23 81G G . 40.10 -18.03 -10.28
C25 81G G . 38.78 -14.99 -8.80
N26 81G G . 32.99 -12.15 -7.07
C27 81G G . 31.73 -11.90 -7.51
O28 81G G . 31.14 -10.87 -7.21
C29 81G G . 31.11 -12.88 -8.34
S30 81G G . 29.52 -12.81 -9.06
N3 81G H . -26.18 20.01 10.24
C6 81G H . -25.22 19.92 8.26
C7 81G H . -26.56 20.33 8.10
C8 81G H . -27.16 20.64 6.78
C10 81G H . -28.74 21.28 5.21
C13 81G H . -31.45 21.50 2.70
C15 81G H . -32.54 23.75 3.20
C17 81G H . -31.22 24.23 3.80
C20 81G H . -34.24 24.11 5.08
C21 81G H . -35.19 24.92 5.71
C22 81G H . -35.48 26.19 5.19
C24 81G H . -34.83 26.64 4.06
C1 81G H . -28.53 20.75 9.74
C2 81G H . -27.13 20.37 9.36
N5 81G H . -25.00 19.74 9.54
C9 81G H . -28.43 21.06 6.53
N11 81G H . -29.97 21.69 4.68
C12 81G H . -30.10 22.01 3.24
C14 81G H . -32.65 22.21 3.37
O16 81G H . -32.63 24.04 1.81
C18 81G H . -30.03 23.54 3.12
C19 81G H . -33.60 24.56 3.93
F23 81G H . -36.38 26.98 5.79
C25 81G H . -33.89 25.83 3.43
N26 81G H . -28.97 21.59 2.43
C27 81G H . -27.78 21.16 2.95
O28 81G H . -26.84 20.88 2.22
C29 81G H . -27.67 21.01 4.35
S30 81G H . -26.28 20.50 5.27
#